data_6LXF
#
_entry.id   6LXF
#
_entity_poly.entity_id   1
_entity_poly.type   'polypeptide(L)'
_entity_poly.pdbx_seq_one_letter_code
;GSMTLPPELSIIEIPFDDVETRSYEFIEVEIKGRGKAKLGKREFAWIPESGKYWADE
;
_entity_poly.pdbx_strand_id   B
#
# COMPACT_ATOMS: atom_id res chain seq x y z
N GLY A 1 4.67 -4.27 -13.27
CA GLY A 1 5.30 -3.72 -14.46
C GLY A 1 5.83 -2.32 -14.23
N SER A 2 7.02 -2.05 -14.76
CA SER A 2 7.66 -0.75 -14.61
C SER A 2 6.84 0.33 -15.30
N MET A 3 6.31 1.27 -14.53
CA MET A 3 5.51 2.36 -15.06
C MET A 3 5.86 3.67 -14.40
N THR A 4 6.41 4.60 -15.17
CA THR A 4 6.80 5.91 -14.65
C THR A 4 5.63 6.89 -14.70
N LEU A 5 5.44 7.62 -13.62
CA LEU A 5 4.35 8.60 -13.53
C LEU A 5 4.86 10.00 -13.83
N PRO A 6 3.94 10.90 -14.20
CA PRO A 6 4.27 12.29 -14.52
C PRO A 6 4.68 13.09 -13.29
N PRO A 7 5.24 14.29 -13.51
CA PRO A 7 5.67 15.17 -12.42
C PRO A 7 4.51 15.76 -11.64
N GLU A 8 3.40 16.00 -12.33
CA GLU A 8 2.22 16.56 -11.69
C GLU A 8 1.80 15.72 -10.49
N LEU A 9 1.72 14.41 -10.69
CA LEU A 9 1.34 13.50 -9.61
C LEU A 9 2.39 13.48 -8.50
N SER A 10 1.93 13.32 -7.27
CA SER A 10 2.82 13.29 -6.11
C SER A 10 2.83 11.90 -5.47
N ILE A 11 1.75 11.57 -4.79
CA ILE A 11 1.62 10.28 -4.12
C ILE A 11 1.18 9.20 -5.10
N ILE A 12 1.51 7.95 -4.79
CA ILE A 12 1.15 6.82 -5.64
C ILE A 12 1.09 5.53 -4.84
N GLU A 13 0.09 4.71 -5.13
CA GLU A 13 -0.08 3.43 -4.44
C GLU A 13 1.12 2.51 -4.68
N ILE A 14 1.61 1.91 -3.62
CA ILE A 14 2.75 1.00 -3.71
C ILE A 14 2.92 0.19 -2.43
N PRO A 15 2.12 -0.87 -2.29
CA PRO A 15 2.16 -1.75 -1.11
C PRO A 15 3.44 -2.59 -1.06
N PHE A 16 3.98 -2.87 -2.24
CA PHE A 16 5.21 -3.67 -2.33
C PHE A 16 6.33 -3.04 -1.51
N ASP A 17 6.27 -1.72 -1.34
CA ASP A 17 7.28 -1.00 -0.58
C ASP A 17 7.23 -1.39 0.89
N ASP A 18 6.02 -1.64 1.39
CA ASP A 18 5.84 -2.02 2.79
C ASP A 18 6.35 -3.43 3.04
N VAL A 19 5.94 -4.37 2.20
CA VAL A 19 6.36 -5.76 2.32
C VAL A 19 7.85 -5.91 2.03
N GLU A 20 8.36 -5.04 1.16
CA GLU A 20 9.77 -5.09 0.79
C GLU A 20 10.63 -4.37 1.84
N THR A 21 10.44 -3.07 1.96
CA THR A 21 11.20 -2.27 2.92
C THR A 21 11.12 -2.89 4.31
N ARG A 22 9.91 -2.99 4.84
CA ARG A 22 9.70 -3.55 6.17
C ARG A 22 10.03 -5.04 6.19
N SER A 23 10.86 -5.46 7.13
CA SER A 23 11.26 -6.85 7.26
C SER A 23 11.05 -7.36 8.68
N TYR A 24 11.35 -6.50 9.65
CA TYR A 24 11.19 -6.85 11.06
C TYR A 24 9.71 -6.86 11.46
N GLU A 25 9.07 -5.71 11.31
CA GLU A 25 7.66 -5.59 11.67
C GLU A 25 6.82 -5.32 10.42
N PHE A 26 7.05 -6.10 9.37
CA PHE A 26 6.31 -5.94 8.12
C PHE A 26 4.90 -6.49 8.26
N ILE A 27 3.93 -5.74 7.76
CA ILE A 27 2.53 -6.15 7.82
C ILE A 27 1.95 -6.35 6.41
N GLU A 28 1.35 -7.51 6.19
CA GLU A 28 0.75 -7.82 4.90
C GLU A 28 -0.41 -8.79 5.05
N VAL A 29 -1.63 -8.26 5.04
CA VAL A 29 -2.83 -9.08 5.17
C VAL A 29 -4.01 -8.47 4.43
N GLU A 30 -4.91 -9.32 3.95
CA GLU A 30 -6.08 -8.86 3.22
C GLU A 30 -7.33 -8.95 4.09
N ILE A 31 -8.21 -7.97 3.94
CA ILE A 31 -9.45 -7.93 4.71
C ILE A 31 -10.58 -8.66 3.98
N LYS A 32 -10.74 -9.94 4.29
CA LYS A 32 -11.78 -10.75 3.67
C LYS A 32 -11.69 -10.67 2.15
N GLY A 33 -10.47 -10.72 1.63
CA GLY A 33 -10.28 -10.66 0.19
C GLY A 33 -10.87 -9.40 -0.42
N ARG A 34 -10.89 -8.33 0.36
CA ARG A 34 -11.44 -7.06 -0.11
C ARG A 34 -10.51 -5.90 0.20
N GLY A 35 -10.16 -5.76 1.48
CA GLY A 35 -9.27 -4.69 1.89
C GLY A 35 -7.82 -5.11 1.87
N LYS A 36 -6.93 -4.20 2.26
CA LYS A 36 -5.50 -4.48 2.27
C LYS A 36 -4.83 -3.85 3.50
N ALA A 37 -3.81 -4.52 4.00
CA ALA A 37 -3.08 -4.03 5.17
C ALA A 37 -1.58 -4.06 4.94
N LYS A 38 -1.01 -2.91 4.60
CA LYS A 38 0.42 -2.81 4.35
C LYS A 38 1.04 -1.72 5.23
N LEU A 39 1.79 -2.15 6.26
CA LEU A 39 2.44 -1.22 7.16
C LEU A 39 3.95 -1.42 7.15
N GLY A 40 4.67 -0.48 6.55
CA GLY A 40 6.11 -0.58 6.48
C GLY A 40 6.80 0.75 6.76
N LYS A 41 8.12 0.74 6.72
CA LYS A 41 8.90 1.96 6.97
C LYS A 41 8.84 2.90 5.78
N ARG A 42 9.06 2.35 4.58
CA ARG A 42 9.03 3.15 3.36
C ARG A 42 7.68 3.02 2.66
N GLU A 43 6.63 2.80 3.44
CA GLU A 43 5.29 2.65 2.89
C GLU A 43 4.23 2.79 3.98
N PHE A 44 3.01 3.14 3.59
CA PHE A 44 1.91 3.32 4.53
C PHE A 44 0.57 3.25 3.82
N ALA A 45 0.03 2.04 3.71
CA ALA A 45 -1.25 1.84 3.05
C ALA A 45 -1.99 0.64 3.65
N TRP A 46 -3.09 0.94 4.36
CA TRP A 46 -3.88 -0.11 4.99
C TRP A 46 -5.29 0.38 5.28
N ILE A 47 -6.24 0.01 4.43
CA ILE A 47 -7.63 0.42 4.61
C ILE A 47 -8.58 -0.62 4.02
N PRO A 48 -9.60 -0.99 4.81
CA PRO A 48 -10.60 -1.98 4.39
C PRO A 48 -11.51 -1.44 3.29
N GLU A 49 -11.01 -1.45 2.06
CA GLU A 49 -11.79 -0.98 0.93
C GLU A 49 -11.44 -1.74 -0.34
N SER A 50 -12.09 -1.39 -1.45
CA SER A 50 -11.83 -2.05 -2.73
C SER A 50 -10.56 -1.53 -3.37
N GLY A 51 -10.30 -0.24 -3.21
CA GLY A 51 -9.12 0.37 -3.79
C GLY A 51 -7.89 0.19 -2.91
N LYS A 52 -8.09 0.27 -1.60
CA LYS A 52 -6.99 0.12 -0.65
C LYS A 52 -5.95 1.22 -0.83
N TYR A 53 -6.42 2.41 -1.20
CA TYR A 53 -5.52 3.55 -1.41
C TYR A 53 -5.88 4.70 -0.49
N TRP A 54 -6.32 4.37 0.73
CA TRP A 54 -6.70 5.39 1.71
C TRP A 54 -7.83 6.25 1.18
N ALA A 55 -8.76 5.63 0.46
CA ALA A 55 -9.90 6.35 -0.10
C ALA A 55 -11.14 6.16 0.76
N ASP A 56 -11.25 5.01 1.41
CA ASP A 56 -12.39 4.71 2.26
C ASP A 56 -12.61 5.83 3.28
N GLU A 57 -11.53 6.36 3.82
CA GLU A 57 -11.61 7.44 4.79
C GLU A 57 -10.72 8.60 4.39
N GLY A 1 4.56 -3.39 -15.69
CA GLY A 1 3.86 -3.77 -14.48
C GLY A 1 3.68 -2.62 -13.52
N SER A 2 3.48 -2.93 -12.25
CA SER A 2 3.30 -1.90 -11.23
C SER A 2 4.61 -1.58 -10.54
N MET A 3 5.35 -0.62 -11.09
CA MET A 3 6.63 -0.21 -10.53
C MET A 3 6.52 1.16 -9.86
N THR A 4 7.42 1.42 -8.91
CA THR A 4 7.42 2.68 -8.19
C THR A 4 7.51 3.86 -9.13
N LEU A 5 6.92 4.99 -8.74
CA LEU A 5 6.94 6.19 -9.55
C LEU A 5 8.13 7.08 -9.21
N PRO A 6 8.51 7.96 -10.13
CA PRO A 6 9.63 8.89 -9.95
C PRO A 6 9.34 9.95 -8.90
N PRO A 7 10.38 10.68 -8.49
CA PRO A 7 10.26 11.74 -7.49
C PRO A 7 9.51 12.96 -8.03
N GLU A 8 9.68 13.22 -9.32
CA GLU A 8 9.02 14.35 -9.96
C GLU A 8 7.52 14.35 -9.68
N LEU A 9 6.95 13.15 -9.63
CA LEU A 9 5.51 13.00 -9.37
C LEU A 9 5.14 13.59 -8.02
N SER A 10 3.84 13.74 -7.78
CA SER A 10 3.35 14.29 -6.52
C SER A 10 3.39 13.25 -5.41
N ILE A 11 2.45 12.30 -5.47
CA ILE A 11 2.38 11.25 -4.48
C ILE A 11 1.91 9.93 -5.11
N ILE A 12 2.50 8.83 -4.65
CA ILE A 12 2.14 7.51 -5.16
C ILE A 12 1.55 6.63 -4.07
N GLU A 13 0.50 5.89 -4.42
CA GLU A 13 -0.16 5.00 -3.46
C GLU A 13 -0.22 3.57 -3.99
N ILE A 14 0.73 2.75 -3.54
CA ILE A 14 0.78 1.36 -3.97
C ILE A 14 1.23 0.45 -2.84
N PRO A 15 0.64 -0.76 -2.76
CA PRO A 15 0.98 -1.73 -1.73
C PRO A 15 2.37 -2.33 -1.92
N PHE A 16 2.76 -2.49 -3.18
CA PHE A 16 4.07 -3.05 -3.50
C PHE A 16 5.18 -2.31 -2.75
N ASP A 17 4.99 -1.00 -2.57
CA ASP A 17 5.97 -0.18 -1.87
C ASP A 17 5.97 -0.48 -0.38
N ASP A 18 4.79 -0.78 0.15
CA ASP A 18 4.65 -1.09 1.57
C ASP A 18 5.44 -2.34 1.94
N VAL A 19 5.46 -3.30 1.03
CA VAL A 19 6.19 -4.55 1.26
C VAL A 19 7.63 -4.45 0.77
N GLU A 20 7.84 -3.67 -0.29
CA GLU A 20 9.16 -3.49 -0.86
C GLU A 20 10.04 -2.62 0.04
N THR A 21 9.56 -1.40 0.31
CA THR A 21 10.30 -0.47 1.16
C THR A 21 10.69 -1.13 2.48
N ARG A 22 9.69 -1.59 3.23
CA ARG A 22 9.93 -2.25 4.52
C ARG A 22 10.28 -3.72 4.32
N SER A 23 11.38 -3.97 3.62
CA SER A 23 11.83 -5.33 3.36
C SER A 23 12.09 -6.07 4.67
N TYR A 24 12.59 -5.35 5.67
CA TYR A 24 12.90 -5.95 6.96
C TYR A 24 11.62 -6.43 7.64
N GLU A 25 10.67 -5.51 7.83
CA GLU A 25 9.40 -5.85 8.47
C GLU A 25 8.22 -5.39 7.62
N PHE A 26 8.01 -6.09 6.50
CA PHE A 26 6.92 -5.76 5.60
C PHE A 26 5.59 -6.24 6.16
N ILE A 27 4.56 -5.39 6.04
CA ILE A 27 3.23 -5.72 6.53
C ILE A 27 2.30 -6.11 5.38
N GLU A 28 1.94 -7.39 5.32
CA GLU A 28 1.06 -7.89 4.28
C GLU A 28 0.00 -8.82 4.86
N VAL A 29 -1.22 -8.30 5.00
CA VAL A 29 -2.33 -9.07 5.55
C VAL A 29 -3.67 -8.61 4.97
N GLU A 30 -4.57 -9.56 4.76
CA GLU A 30 -5.88 -9.25 4.20
C GLU A 30 -6.98 -9.46 5.25
N ILE A 31 -8.05 -8.69 5.14
CA ILE A 31 -9.17 -8.80 6.06
C ILE A 31 -10.42 -9.29 5.36
N LYS A 32 -10.99 -10.39 5.87
CA LYS A 32 -12.20 -10.96 5.29
C LYS A 32 -12.04 -11.17 3.79
N GLY A 33 -10.81 -11.43 3.37
CA GLY A 33 -10.54 -11.64 1.96
C GLY A 33 -11.14 -10.56 1.07
N ARG A 34 -11.24 -9.36 1.61
CA ARG A 34 -11.79 -8.22 0.89
C ARG A 34 -10.89 -7.00 0.99
N GLY A 35 -10.45 -6.70 2.20
CA GLY A 35 -9.59 -5.55 2.42
C GLY A 35 -8.11 -5.91 2.31
N LYS A 36 -7.28 -4.90 2.20
CA LYS A 36 -5.84 -5.10 2.08
C LYS A 36 -5.07 -4.25 3.09
N ALA A 37 -4.06 -4.84 3.72
CA ALA A 37 -3.26 -4.12 4.71
C ALA A 37 -1.79 -4.10 4.29
N LYS A 38 -1.36 -2.97 3.72
CA LYS A 38 0.02 -2.81 3.29
C LYS A 38 0.67 -1.61 3.97
N LEU A 39 1.60 -1.89 4.87
CA LEU A 39 2.30 -0.82 5.59
C LEU A 39 3.81 -0.89 5.32
N GLY A 40 4.41 0.28 5.09
CA GLY A 40 5.84 0.33 4.83
C GLY A 40 6.50 1.54 5.45
N LYS A 41 7.83 1.52 5.52
CA LYS A 41 8.58 2.63 6.10
C LYS A 41 8.34 3.92 5.32
N ARG A 42 8.17 3.79 4.01
CA ARG A 42 7.94 4.95 3.15
C ARG A 42 6.69 4.75 2.30
N GLU A 43 5.73 4.01 2.84
CA GLU A 43 4.48 3.74 2.13
C GLU A 43 3.30 3.70 3.09
N PHE A 44 2.10 3.89 2.56
CA PHE A 44 0.88 3.88 3.37
C PHE A 44 -0.32 3.44 2.54
N ALA A 45 -0.67 2.17 2.62
CA ALA A 45 -1.79 1.62 1.89
C ALA A 45 -2.41 0.43 2.61
N TRP A 46 -3.38 0.71 3.49
CA TRP A 46 -4.04 -0.33 4.25
C TRP A 46 -5.43 0.10 4.66
N ILE A 47 -6.45 -0.34 3.91
CA ILE A 47 -7.83 0.00 4.21
C ILE A 47 -8.77 -1.16 3.89
N PRO A 48 -9.67 -1.46 4.84
CA PRO A 48 -10.64 -2.56 4.68
C PRO A 48 -11.69 -2.24 3.63
N GLU A 49 -11.40 -2.58 2.38
CA GLU A 49 -12.32 -2.34 1.28
C GLU A 49 -11.82 -2.99 -0.01
N SER A 50 -12.59 -2.83 -1.08
CA SER A 50 -12.23 -3.41 -2.37
C SER A 50 -11.08 -2.63 -3.01
N GLY A 51 -11.16 -1.30 -2.95
CA GLY A 51 -10.12 -0.47 -3.53
C GLY A 51 -8.96 -0.25 -2.58
N LYS A 52 -9.27 -0.14 -1.29
CA LYS A 52 -8.24 0.07 -0.27
C LYS A 52 -7.55 1.41 -0.48
N TYR A 53 -8.33 2.43 -0.85
CA TYR A 53 -7.79 3.77 -1.07
C TYR A 53 -8.46 4.78 -0.15
N TRP A 54 -8.57 4.43 1.13
CA TRP A 54 -9.19 5.31 2.11
C TRP A 54 -10.64 5.61 1.74
N ALA A 55 -11.32 4.62 1.18
CA ALA A 55 -12.71 4.78 0.78
C ALA A 55 -13.65 4.18 1.83
N ASP A 56 -13.21 3.12 2.49
CA ASP A 56 -14.01 2.46 3.50
C ASP A 56 -14.54 3.47 4.51
N GLU A 57 -13.72 4.47 4.83
CA GLU A 57 -14.11 5.50 5.79
C GLU A 57 -13.08 6.64 5.80
N GLY A 1 9.50 -3.57 -21.27
CA GLY A 1 8.21 -2.93 -21.32
C GLY A 1 8.22 -1.54 -20.72
N SER A 2 7.99 -1.46 -19.42
CA SER A 2 7.98 -0.18 -18.72
C SER A 2 8.73 -0.27 -17.40
N MET A 3 8.80 0.85 -16.68
CA MET A 3 9.51 0.90 -15.40
C MET A 3 8.72 1.73 -14.40
N THR A 4 9.11 1.61 -13.13
CA THR A 4 8.44 2.36 -12.06
C THR A 4 8.85 3.83 -12.07
N LEU A 5 7.87 4.72 -11.98
CA LEU A 5 8.13 6.15 -11.98
C LEU A 5 7.58 6.80 -10.72
N PRO A 6 8.09 8.00 -10.39
CA PRO A 6 7.66 8.76 -9.21
C PRO A 6 6.23 9.29 -9.35
N PRO A 7 5.66 9.77 -8.23
CA PRO A 7 4.31 10.32 -8.21
C PRO A 7 4.20 11.64 -8.95
N GLU A 8 4.11 11.57 -10.27
CA GLU A 8 4.00 12.76 -11.10
C GLU A 8 2.54 13.18 -11.27
N LEU A 9 1.67 12.18 -11.40
CA LEU A 9 0.24 12.44 -11.57
C LEU A 9 -0.52 12.21 -10.27
N SER A 10 -0.91 13.30 -9.63
CA SER A 10 -1.64 13.23 -8.37
C SER A 10 -0.91 12.35 -7.36
N ILE A 11 -1.57 12.04 -6.26
CA ILE A 11 -0.97 11.22 -5.21
C ILE A 11 -1.34 9.75 -5.41
N ILE A 12 -0.32 8.91 -5.59
CA ILE A 12 -0.53 7.48 -5.79
C ILE A 12 0.04 6.68 -4.62
N GLU A 13 -0.66 5.61 -4.24
CA GLU A 13 -0.22 4.77 -3.14
C GLU A 13 -0.28 3.29 -3.53
N ILE A 14 0.60 2.50 -2.94
CA ILE A 14 0.65 1.07 -3.23
C ILE A 14 1.20 0.28 -2.06
N PRO A 15 0.63 -0.91 -1.81
CA PRO A 15 1.06 -1.78 -0.70
C PRO A 15 2.43 -2.38 -0.93
N PHE A 16 2.76 -2.63 -2.20
CA PHE A 16 4.06 -3.20 -2.56
C PHE A 16 5.20 -2.38 -1.97
N ASP A 17 4.99 -1.07 -1.87
CA ASP A 17 5.99 -0.18 -1.33
C ASP A 17 6.21 -0.45 0.16
N ASP A 18 5.17 -0.91 0.83
CA ASP A 18 5.26 -1.20 2.26
C ASP A 18 6.09 -2.46 2.50
N VAL A 19 5.68 -3.56 1.88
CA VAL A 19 6.40 -4.83 2.03
C VAL A 19 7.81 -4.74 1.45
N GLU A 20 8.01 -3.78 0.54
CA GLU A 20 9.31 -3.60 -0.09
C GLU A 20 10.19 -2.67 0.75
N THR A 21 9.76 -1.42 0.89
CA THR A 21 10.52 -0.44 1.66
C THR A 21 10.89 -0.99 3.03
N ARG A 22 9.96 -1.72 3.64
CA ARG A 22 10.19 -2.30 4.96
C ARG A 22 11.41 -3.22 4.94
N SER A 23 11.94 -3.51 6.13
CA SER A 23 13.11 -4.37 6.25
C SER A 23 12.87 -5.45 7.29
N TYR A 24 12.31 -5.06 8.43
CA TYR A 24 12.02 -6.00 9.50
C TYR A 24 10.58 -5.87 9.99
N GLU A 25 10.24 -4.67 10.46
CA GLU A 25 8.89 -4.41 10.96
C GLU A 25 7.97 -4.01 9.82
N PHE A 26 6.88 -4.74 9.65
CA PHE A 26 5.90 -4.47 8.59
C PHE A 26 4.65 -5.30 8.78
N ILE A 27 3.69 -5.12 7.88
CA ILE A 27 2.43 -5.86 7.93
C ILE A 27 1.95 -6.24 6.54
N GLU A 28 1.28 -7.38 6.44
CA GLU A 28 0.76 -7.86 5.17
C GLU A 28 -0.42 -8.82 5.38
N VAL A 29 -1.63 -8.31 5.22
CA VAL A 29 -2.83 -9.12 5.39
C VAL A 29 -3.96 -8.61 4.50
N GLU A 30 -4.83 -9.52 4.10
CA GLU A 30 -5.96 -9.17 3.24
C GLU A 30 -7.28 -9.28 4.01
N ILE A 31 -8.20 -8.36 3.73
CA ILE A 31 -9.50 -8.36 4.40
C ILE A 31 -10.56 -9.03 3.53
N LYS A 32 -10.73 -10.33 3.71
CA LYS A 32 -11.72 -11.08 2.94
C LYS A 32 -11.55 -10.84 1.45
N GLY A 33 -10.32 -10.91 0.97
CA GLY A 33 -10.05 -10.69 -0.44
C GLY A 33 -10.66 -9.39 -0.95
N ARG A 34 -10.76 -8.40 -0.07
CA ARG A 34 -11.33 -7.11 -0.44
C ARG A 34 -10.44 -5.97 0.04
N GLY A 35 -10.11 -5.97 1.32
CA GLY A 35 -9.26 -4.93 1.87
C GLY A 35 -7.79 -5.28 1.81
N LYS A 36 -6.92 -4.30 2.04
CA LYS A 36 -5.48 -4.51 2.00
C LYS A 36 -4.81 -3.85 3.21
N ALA A 37 -3.81 -4.53 3.76
CA ALA A 37 -3.08 -4.01 4.90
C ALA A 37 -1.58 -4.14 4.70
N LYS A 38 -0.94 -3.03 4.34
CA LYS A 38 0.51 -3.03 4.11
C LYS A 38 1.16 -1.84 4.80
N LEU A 39 2.03 -2.13 5.77
CA LEU A 39 2.71 -1.08 6.52
C LEU A 39 4.22 -1.18 6.30
N GLY A 40 4.83 -0.06 5.90
CA GLY A 40 6.26 -0.03 5.67
C GLY A 40 6.95 1.10 6.41
N LYS A 41 8.24 0.95 6.66
CA LYS A 41 9.01 1.97 7.35
C LYS A 41 8.87 3.33 6.68
N ARG A 42 8.77 3.32 5.35
CA ARG A 42 8.62 4.55 4.58
C ARG A 42 7.40 4.48 3.67
N GLU A 43 6.38 3.73 4.10
CA GLU A 43 5.16 3.58 3.32
C GLU A 43 3.94 3.54 4.23
N PHE A 44 2.77 3.77 3.64
CA PHE A 44 1.52 3.76 4.40
C PHE A 44 0.34 3.41 3.50
N ALA A 45 -0.05 2.14 3.51
CA ALA A 45 -1.16 1.67 2.70
C ALA A 45 -1.85 0.49 3.36
N TRP A 46 -2.84 0.77 4.20
CA TRP A 46 -3.59 -0.28 4.89
C TRP A 46 -4.98 0.22 5.29
N ILE A 47 -5.97 -0.12 4.47
CA ILE A 47 -7.34 0.28 4.75
C ILE A 47 -8.34 -0.75 4.22
N PRO A 48 -9.30 -1.13 5.07
CA PRO A 48 -10.33 -2.12 4.72
C PRO A 48 -11.32 -1.58 3.69
N GLU A 49 -10.96 -1.70 2.42
CA GLU A 49 -11.82 -1.22 1.33
C GLU A 49 -11.34 -1.75 -0.01
N SER A 50 -12.07 -1.41 -1.08
CA SER A 50 -11.73 -1.86 -2.41
C SER A 50 -10.50 -1.12 -2.94
N GLY A 51 -10.37 0.15 -2.56
CA GLY A 51 -9.24 0.95 -3.00
C GLY A 51 -8.12 0.97 -1.99
N LYS A 52 -8.48 0.92 -0.70
CA LYS A 52 -7.50 0.93 0.37
C LYS A 52 -6.73 2.24 0.39
N TYR A 53 -7.40 3.33 0.03
CA TYR A 53 -6.78 4.65 0.00
C TYR A 53 -7.51 5.61 0.92
N TRP A 54 -7.66 5.20 2.18
CA TRP A 54 -8.34 6.04 3.17
C TRP A 54 -9.76 6.36 2.74
N ALA A 55 -10.40 5.41 2.06
CA ALA A 55 -11.77 5.60 1.59
C ALA A 55 -12.77 4.92 2.53
N ASP A 56 -12.36 3.81 3.12
CA ASP A 56 -13.22 3.07 4.04
C ASP A 56 -13.78 3.99 5.12
N GLU A 57 -12.90 4.72 5.78
CA GLU A 57 -13.32 5.64 6.83
C GLU A 57 -13.41 7.08 6.31
N GLY A 1 7.15 -4.90 -13.48
CA GLY A 1 6.84 -3.62 -12.85
C GLY A 1 8.07 -2.76 -12.64
N SER A 2 8.14 -2.09 -11.51
CA SER A 2 9.26 -1.22 -11.19
C SER A 2 9.43 -0.13 -12.25
N MET A 3 8.49 0.81 -12.27
CA MET A 3 8.53 1.91 -13.23
C MET A 3 8.61 3.25 -12.51
N THR A 4 9.79 3.88 -12.56
CA THR A 4 9.99 5.17 -11.91
C THR A 4 9.26 6.28 -12.66
N LEU A 5 8.26 6.87 -12.00
CA LEU A 5 7.48 7.95 -12.60
C LEU A 5 7.48 9.18 -11.70
N PRO A 6 7.16 10.34 -12.30
CA PRO A 6 7.12 11.61 -11.58
C PRO A 6 5.95 11.68 -10.59
N PRO A 7 6.27 11.70 -9.29
CA PRO A 7 5.27 11.76 -8.22
C PRO A 7 4.57 13.11 -8.17
N GLU A 8 3.54 13.28 -9.00
CA GLU A 8 2.80 14.53 -9.05
C GLU A 8 1.82 14.62 -7.89
N LEU A 9 1.23 13.49 -7.52
CA LEU A 9 0.28 13.43 -6.42
C LEU A 9 1.00 13.25 -5.08
N SER A 10 0.26 13.44 -4.00
CA SER A 10 0.83 13.31 -2.65
C SER A 10 1.27 11.86 -2.40
N ILE A 11 0.38 10.92 -2.72
CA ILE A 11 0.67 9.50 -2.53
C ILE A 11 0.35 8.70 -3.78
N ILE A 12 1.02 7.56 -3.93
CA ILE A 12 0.80 6.70 -5.08
C ILE A 12 0.53 5.26 -4.65
N GLU A 13 -0.32 4.58 -5.41
CA GLU A 13 -0.66 3.19 -5.11
C GLU A 13 0.51 2.27 -5.38
N ILE A 14 1.25 1.92 -4.32
CA ILE A 14 2.40 1.04 -4.44
C ILE A 14 2.66 0.28 -3.14
N PRO A 15 1.88 -0.79 -2.93
CA PRO A 15 2.00 -1.63 -1.73
C PRO A 15 3.30 -2.43 -1.72
N PHE A 16 3.78 -2.79 -2.91
CA PHE A 16 5.00 -3.56 -3.04
C PHE A 16 6.16 -2.89 -2.29
N ASP A 17 6.06 -1.57 -2.13
CA ASP A 17 7.09 -0.80 -1.44
C ASP A 17 7.06 -1.09 0.06
N ASP A 18 5.86 -1.30 0.59
CA ASP A 18 5.70 -1.57 2.01
C ASP A 18 6.24 -2.95 2.36
N VAL A 19 6.03 -3.92 1.47
CA VAL A 19 6.50 -5.29 1.68
C VAL A 19 7.97 -5.43 1.32
N GLU A 20 8.41 -4.62 0.35
CA GLU A 20 9.79 -4.67 -0.09
C GLU A 20 10.70 -3.90 0.88
N THR A 21 10.35 -2.64 1.13
CA THR A 21 11.12 -1.80 2.02
C THR A 21 11.17 -2.39 3.42
N ARG A 22 10.02 -2.48 4.07
CA ARG A 22 9.93 -3.04 5.42
C ARG A 22 10.00 -4.56 5.39
N SER A 23 11.09 -5.08 4.85
CA SER A 23 11.27 -6.53 4.76
C SER A 23 11.39 -7.15 6.14
N TYR A 24 12.02 -6.42 7.06
CA TYR A 24 12.20 -6.91 8.43
C TYR A 24 10.86 -7.19 9.09
N GLU A 25 9.98 -6.19 9.10
CA GLU A 25 8.67 -6.32 9.71
C GLU A 25 7.58 -5.85 8.75
N PHE A 26 7.44 -6.53 7.62
CA PHE A 26 6.45 -6.18 6.62
C PHE A 26 5.04 -6.44 7.15
N ILE A 27 4.15 -5.47 6.95
CA ILE A 27 2.76 -5.60 7.40
C ILE A 27 1.84 -5.91 6.24
N GLU A 28 1.64 -7.20 5.97
CA GLU A 28 0.77 -7.62 4.88
C GLU A 28 -0.35 -8.52 5.41
N VAL A 29 -1.55 -7.96 5.49
CA VAL A 29 -2.71 -8.70 5.98
C VAL A 29 -3.99 -8.22 5.29
N GLU A 30 -4.93 -9.15 5.12
CA GLU A 30 -6.20 -8.83 4.47
C GLU A 30 -7.33 -8.74 5.50
N ILE A 31 -8.28 -7.86 5.24
CA ILE A 31 -9.42 -7.69 6.14
C ILE A 31 -10.65 -8.43 5.64
N LYS A 32 -10.85 -9.63 6.15
CA LYS A 32 -11.99 -10.46 5.77
C LYS A 32 -12.04 -10.63 4.25
N GLY A 33 -10.88 -10.87 3.65
CA GLY A 33 -10.82 -11.05 2.21
C GLY A 33 -11.46 -9.90 1.45
N ARG A 34 -11.41 -8.71 2.04
CA ARG A 34 -12.00 -7.53 1.41
C ARG A 34 -11.01 -6.36 1.43
N GLY A 35 -10.50 -6.05 2.61
CA GLY A 35 -9.55 -4.95 2.74
C GLY A 35 -8.11 -5.40 2.56
N LYS A 36 -7.18 -4.46 2.65
CA LYS A 36 -5.76 -4.77 2.50
C LYS A 36 -4.91 -3.81 3.33
N ALA A 37 -4.06 -4.37 4.19
CA ALA A 37 -3.19 -3.57 5.03
C ALA A 37 -1.73 -3.70 4.60
N LYS A 38 -1.17 -2.59 4.14
CA LYS A 38 0.22 -2.57 3.68
C LYS A 38 0.99 -1.41 4.31
N LEU A 39 1.75 -1.71 5.35
CA LEU A 39 2.53 -0.69 6.05
C LEU A 39 4.02 -0.97 5.91
N GLY A 40 4.79 0.08 5.64
CA GLY A 40 6.23 -0.07 5.49
C GLY A 40 6.98 1.22 5.76
N LYS A 41 8.30 1.17 5.63
CA LYS A 41 9.14 2.34 5.86
C LYS A 41 9.05 3.31 4.68
N ARG A 42 9.00 2.76 3.48
CA ARG A 42 8.92 3.57 2.27
C ARG A 42 7.55 3.43 1.60
N GLU A 43 6.53 3.20 2.43
CA GLU A 43 5.17 3.05 1.92
C GLU A 43 4.15 3.19 3.05
N PHE A 44 2.91 3.50 2.68
CA PHE A 44 1.84 3.67 3.66
C PHE A 44 0.47 3.58 3.00
N ALA A 45 -0.05 2.35 2.92
CA ALA A 45 -1.36 2.12 2.31
C ALA A 45 -2.08 0.98 3.00
N TRP A 46 -3.21 1.30 3.63
CA TRP A 46 -4.01 0.30 4.33
C TRP A 46 -5.43 0.80 4.57
N ILE A 47 -6.37 0.28 3.78
CA ILE A 47 -7.77 0.67 3.90
C ILE A 47 -8.69 -0.52 3.68
N PRO A 48 -9.68 -0.67 4.58
CA PRO A 48 -10.66 -1.76 4.50
C PRO A 48 -11.62 -1.61 3.32
N GLU A 49 -11.14 -1.93 2.13
CA GLU A 49 -11.94 -1.83 0.93
C GLU A 49 -11.32 -2.62 -0.22
N SER A 50 -11.98 -2.59 -1.38
CA SER A 50 -11.50 -3.30 -2.56
C SER A 50 -10.30 -2.58 -3.18
N GLY A 51 -10.47 -1.28 -3.41
CA GLY A 51 -9.39 -0.49 -4.00
C GLY A 51 -8.24 -0.26 -3.04
N LYS A 52 -8.57 -0.14 -1.75
CA LYS A 52 -7.55 0.08 -0.73
C LYS A 52 -6.73 1.34 -1.03
N TYR A 53 -7.39 2.34 -1.60
CA TYR A 53 -6.73 3.59 -1.96
C TYR A 53 -7.37 4.77 -1.23
N TRP A 54 -7.82 4.53 0.00
CA TRP A 54 -8.44 5.56 0.81
C TRP A 54 -9.69 6.12 0.11
N ALA A 55 -10.42 5.23 -0.56
CA ALA A 55 -11.63 5.64 -1.27
C ALA A 55 -12.88 5.32 -0.45
N ASP A 56 -12.81 4.24 0.33
CA ASP A 56 -13.93 3.83 1.16
C ASP A 56 -14.45 5.00 1.99
N GLU A 57 -13.53 5.72 2.62
CA GLU A 57 -13.89 6.87 3.45
C GLU A 57 -14.73 6.43 4.65
N GLY A 1 -16.21 12.66 -13.11
CA GLY A 1 -15.66 12.76 -14.45
C GLY A 1 -14.82 11.55 -14.82
N SER A 2 -13.57 11.55 -14.39
CA SER A 2 -12.66 10.44 -14.70
C SER A 2 -12.01 9.91 -13.42
N MET A 3 -11.08 8.98 -13.58
CA MET A 3 -10.39 8.39 -12.44
C MET A 3 -8.90 8.71 -12.48
N THR A 4 -8.41 9.33 -11.41
CA THR A 4 -6.99 9.70 -11.33
C THR A 4 -6.12 8.47 -11.07
N LEU A 5 -5.01 8.39 -11.79
CA LEU A 5 -4.09 7.27 -11.64
C LEU A 5 -2.63 7.74 -11.63
N PRO A 6 -1.74 6.91 -11.10
CA PRO A 6 -0.31 7.22 -11.04
C PRO A 6 0.36 7.22 -12.40
N PRO A 7 0.77 8.42 -12.85
CA PRO A 7 1.43 8.59 -14.15
C PRO A 7 2.83 7.98 -14.18
N GLU A 8 3.56 8.24 -15.25
CA GLU A 8 4.92 7.71 -15.41
C GLU A 8 5.77 8.06 -14.20
N LEU A 9 5.93 9.35 -13.94
CA LEU A 9 6.72 9.82 -12.81
C LEU A 9 5.86 10.62 -11.83
N SER A 10 5.83 10.17 -10.57
CA SER A 10 5.05 10.84 -9.55
C SER A 10 5.29 10.20 -8.19
N ILE A 11 4.94 10.93 -7.13
CA ILE A 11 5.12 10.44 -5.77
C ILE A 11 3.92 9.62 -5.32
N ILE A 12 4.13 8.32 -5.18
CA ILE A 12 3.07 7.41 -4.75
C ILE A 12 3.58 6.39 -3.74
N GLU A 13 2.77 6.11 -2.72
CA GLU A 13 3.15 5.16 -1.68
C GLU A 13 3.07 3.73 -2.21
N ILE A 14 3.93 2.85 -1.68
CA ILE A 14 3.95 1.46 -2.10
C ILE A 14 4.09 0.53 -0.90
N PRO A 15 3.39 -0.62 -0.95
CA PRO A 15 3.44 -1.61 0.12
C PRO A 15 4.78 -2.32 0.21
N PHE A 16 5.43 -2.49 -0.94
CA PHE A 16 6.72 -3.16 -0.99
C PHE A 16 7.69 -2.53 0.01
N ASP A 17 7.64 -1.21 0.12
CA ASP A 17 8.52 -0.48 1.04
C ASP A 17 8.37 -1.01 2.47
N ASP A 18 7.14 -1.32 2.84
CA ASP A 18 6.87 -1.84 4.18
C ASP A 18 7.43 -3.24 4.36
N VAL A 19 6.88 -4.19 3.60
CA VAL A 19 7.34 -5.57 3.67
C VAL A 19 8.85 -5.66 3.53
N GLU A 20 9.44 -4.73 2.78
CA GLU A 20 10.87 -4.70 2.58
C GLU A 20 11.59 -4.12 3.79
N THR A 21 11.11 -2.96 4.24
CA THR A 21 11.71 -2.29 5.39
C THR A 21 11.51 -3.10 6.66
N ARG A 22 10.25 -3.27 7.06
CA ARG A 22 9.93 -4.03 8.26
C ARG A 22 10.20 -5.52 8.06
N SER A 23 10.87 -6.13 9.03
CA SER A 23 11.20 -7.55 8.95
C SER A 23 10.78 -8.27 10.23
N TYR A 24 11.00 -7.61 11.37
CA TYR A 24 10.64 -8.19 12.66
C TYR A 24 9.13 -8.23 12.85
N GLU A 25 8.50 -7.06 12.81
CA GLU A 25 7.06 -6.96 12.98
C GLU A 25 6.41 -6.38 11.72
N PHE A 26 6.74 -6.95 10.57
CA PHE A 26 6.18 -6.49 9.31
C PHE A 26 4.74 -6.96 9.14
N ILE A 27 3.88 -6.04 8.71
CA ILE A 27 2.47 -6.36 8.52
C ILE A 27 2.14 -6.50 7.04
N GLU A 28 1.53 -7.63 6.67
CA GLU A 28 1.17 -7.90 5.29
C GLU A 28 0.00 -8.87 5.21
N VAL A 29 -1.20 -8.33 5.00
CA VAL A 29 -2.40 -9.15 4.90
C VAL A 29 -3.43 -8.50 3.99
N GLU A 30 -4.25 -9.32 3.35
CA GLU A 30 -5.28 -8.83 2.44
C GLU A 30 -6.58 -8.58 3.19
N ILE A 31 -7.37 -7.62 2.71
CA ILE A 31 -8.64 -7.29 3.34
C ILE A 31 -9.82 -7.80 2.51
N LYS A 32 -10.41 -8.91 2.95
CA LYS A 32 -11.54 -9.49 2.24
C LYS A 32 -11.23 -9.67 0.77
N GLY A 33 -9.98 -10.04 0.47
CA GLY A 33 -9.58 -10.24 -0.91
C GLY A 33 -9.92 -9.06 -1.80
N ARG A 34 -9.94 -7.87 -1.21
CA ARG A 34 -10.25 -6.66 -1.95
C ARG A 34 -9.04 -5.75 -2.06
N GLY A 35 -8.40 -5.48 -0.92
CA GLY A 35 -7.23 -4.63 -0.91
C GLY A 35 -6.05 -5.27 -0.22
N LYS A 36 -5.19 -4.45 0.40
CA LYS A 36 -4.02 -4.95 1.10
C LYS A 36 -3.61 -4.00 2.22
N ALA A 37 -3.02 -4.55 3.27
CA ALA A 37 -2.57 -3.75 4.41
C ALA A 37 -1.09 -3.94 4.67
N LYS A 38 -0.32 -2.86 4.55
CA LYS A 38 1.12 -2.91 4.78
C LYS A 38 1.54 -1.84 5.79
N LEU A 39 2.07 -2.29 6.91
CA LEU A 39 2.53 -1.38 7.96
C LEU A 39 4.01 -1.59 8.26
N GLY A 40 4.82 -0.59 7.95
CA GLY A 40 6.25 -0.69 8.20
C GLY A 40 6.83 0.59 8.77
N LYS A 41 8.14 0.58 9.03
CA LYS A 41 8.81 1.75 9.58
C LYS A 41 8.99 2.82 8.51
N ARG A 42 9.59 2.44 7.39
CA ARG A 42 9.83 3.37 6.29
C ARG A 42 8.72 3.27 5.24
N GLU A 43 7.51 2.95 5.70
CA GLU A 43 6.36 2.83 4.82
C GLU A 43 5.06 2.87 5.60
N PHE A 44 3.98 3.27 4.93
CA PHE A 44 2.67 3.36 5.56
C PHE A 44 1.56 3.34 4.51
N ALA A 45 1.09 2.15 4.17
CA ALA A 45 0.02 2.01 3.19
C ALA A 45 -0.84 0.78 3.50
N TRP A 46 -2.11 1.03 3.77
CA TRP A 46 -3.05 -0.05 4.09
C TRP A 46 -4.49 0.41 3.89
N ILE A 47 -5.11 -0.08 2.81
CA ILE A 47 -6.49 0.27 2.52
C ILE A 47 -7.15 -0.78 1.65
N PRO A 48 -8.37 -1.21 2.04
CA PRO A 48 -9.13 -2.22 1.31
C PRO A 48 -9.65 -1.71 -0.03
N GLU A 49 -8.73 -1.59 -1.00
CA GLU A 49 -9.10 -1.11 -2.33
C GLU A 49 -8.21 -1.74 -3.40
N SER A 50 -8.52 -1.47 -4.66
CA SER A 50 -7.75 -2.01 -5.77
C SER A 50 -6.34 -1.40 -5.81
N GLY A 51 -6.28 -0.07 -5.75
CA GLY A 51 -5.00 0.60 -5.77
C GLY A 51 -4.15 0.30 -4.56
N LYS A 52 -4.79 0.29 -3.38
CA LYS A 52 -4.08 0.02 -2.14
C LYS A 52 -3.01 1.07 -1.87
N TYR A 53 -3.23 2.28 -2.39
CA TYR A 53 -2.28 3.37 -2.20
C TYR A 53 -2.95 4.56 -1.52
N TRP A 54 -3.91 4.27 -0.65
CA TRP A 54 -4.62 5.32 0.07
C TRP A 54 -5.15 6.38 -0.88
N ALA A 55 -5.51 5.96 -2.09
CA ALA A 55 -6.03 6.88 -3.11
C ALA A 55 -7.37 6.40 -3.64
N ASP A 56 -7.51 5.09 -3.80
CA ASP A 56 -8.74 4.51 -4.31
C ASP A 56 -9.88 4.68 -3.31
N GLU A 57 -9.58 4.45 -2.04
CA GLU A 57 -10.57 4.57 -0.98
C GLU A 57 -11.82 3.76 -1.31
N GLY A 1 7.61 -4.49 -14.72
CA GLY A 1 6.83 -3.98 -15.83
C GLY A 1 6.43 -2.53 -15.65
N SER A 2 5.58 -2.04 -16.54
CA SER A 2 5.12 -0.66 -16.48
C SER A 2 6.31 0.31 -16.54
N MET A 3 6.02 1.60 -16.33
CA MET A 3 7.05 2.62 -16.36
C MET A 3 7.02 3.45 -15.08
N THR A 4 7.95 4.41 -14.99
CA THR A 4 8.02 5.28 -13.82
C THR A 4 7.24 6.57 -14.04
N LEU A 5 6.57 7.03 -13.00
CA LEU A 5 5.78 8.25 -13.07
C LEU A 5 6.61 9.47 -12.67
N PRO A 6 6.15 10.66 -13.08
CA PRO A 6 6.84 11.92 -12.77
C PRO A 6 6.76 12.28 -11.30
N PRO A 7 7.57 13.27 -10.88
CA PRO A 7 7.60 13.73 -9.50
C PRO A 7 6.34 14.48 -9.10
N GLU A 8 5.65 15.04 -10.09
CA GLU A 8 4.41 15.78 -9.84
C GLU A 8 3.46 14.97 -8.97
N LEU A 9 3.50 13.65 -9.13
CA LEU A 9 2.64 12.77 -8.35
C LEU A 9 2.89 12.92 -6.86
N SER A 10 1.97 12.41 -6.06
CA SER A 10 2.09 12.49 -4.61
C SER A 10 1.81 11.15 -3.95
N ILE A 11 0.72 10.51 -4.38
CA ILE A 11 0.34 9.21 -3.83
C ILE A 11 0.24 8.16 -4.94
N ILE A 12 0.70 6.96 -4.64
CA ILE A 12 0.66 5.86 -5.61
C ILE A 12 0.55 4.51 -4.91
N GLU A 13 -0.33 3.65 -5.43
CA GLU A 13 -0.53 2.33 -4.85
C GLU A 13 0.72 1.47 -5.01
N ILE A 14 1.35 1.13 -3.89
CA ILE A 14 2.55 0.32 -3.91
C ILE A 14 2.77 -0.38 -2.57
N PRO A 15 2.09 -1.51 -2.38
CA PRO A 15 2.18 -2.30 -1.14
C PRO A 15 3.54 -2.98 -1.00
N PHE A 16 4.14 -3.35 -2.12
CA PHE A 16 5.44 -4.00 -2.12
C PHE A 16 6.48 -3.15 -1.41
N ASP A 17 6.26 -1.83 -1.41
CA ASP A 17 7.17 -0.90 -0.77
C ASP A 17 7.11 -1.03 0.75
N ASP A 18 5.92 -1.31 1.27
CA ASP A 18 5.72 -1.46 2.70
C ASP A 18 6.39 -2.73 3.21
N VAL A 19 6.28 -3.81 2.43
CA VAL A 19 6.86 -5.09 2.80
C VAL A 19 8.36 -5.11 2.51
N GLU A 20 8.77 -4.35 1.50
CA GLU A 20 10.18 -4.28 1.10
C GLU A 20 10.93 -3.29 1.99
N THR A 21 10.56 -2.03 1.90
CA THR A 21 11.21 -0.99 2.69
C THR A 21 11.29 -1.38 4.17
N ARG A 22 10.12 -1.61 4.77
CA ARG A 22 10.06 -1.99 6.17
C ARG A 22 10.85 -3.27 6.43
N SER A 23 11.26 -3.47 7.67
CA SER A 23 12.03 -4.65 8.05
C SER A 23 11.25 -5.92 7.76
N TYR A 24 11.84 -7.06 8.08
CA TYR A 24 11.20 -8.35 7.86
C TYR A 24 9.87 -8.44 8.59
N GLU A 25 9.78 -7.75 9.73
CA GLU A 25 8.57 -7.74 10.54
C GLU A 25 7.61 -6.66 10.06
N PHE A 26 7.36 -6.63 8.76
CA PHE A 26 6.45 -5.64 8.18
C PHE A 26 5.00 -6.03 8.41
N ILE A 27 4.08 -5.21 7.91
CA ILE A 27 2.65 -5.47 8.06
C ILE A 27 2.03 -5.84 6.72
N GLU A 28 1.48 -7.05 6.65
CA GLU A 28 0.84 -7.54 5.43
C GLU A 28 -0.26 -8.53 5.76
N VAL A 29 -1.51 -8.07 5.74
CA VAL A 29 -2.65 -8.91 6.03
C VAL A 29 -3.89 -8.44 5.29
N GLU A 30 -4.77 -9.38 4.95
CA GLU A 30 -6.00 -9.06 4.23
C GLU A 30 -7.16 -8.86 5.21
N ILE A 31 -8.10 -8.01 4.83
CA ILE A 31 -9.26 -7.73 5.67
C ILE A 31 -10.50 -8.46 5.14
N LYS A 32 -10.77 -9.63 5.71
CA LYS A 32 -11.92 -10.43 5.31
C LYS A 32 -11.95 -10.63 3.80
N GLY A 33 -10.79 -10.92 3.22
CA GLY A 33 -10.70 -11.13 1.79
C GLY A 33 -11.30 -9.99 0.99
N ARG A 34 -11.23 -8.79 1.55
CA ARG A 34 -11.78 -7.60 0.90
C ARG A 34 -10.80 -6.45 0.96
N GLY A 35 -10.37 -6.11 2.18
CA GLY A 35 -9.43 -5.02 2.35
C GLY A 35 -7.99 -5.49 2.42
N LYS A 36 -7.07 -4.55 2.54
CA LYS A 36 -5.64 -4.87 2.63
C LYS A 36 -4.95 -4.03 3.69
N ALA A 37 -3.91 -4.59 4.29
CA ALA A 37 -3.16 -3.88 5.32
C ALA A 37 -1.66 -3.91 5.04
N LYS A 38 -1.14 -2.82 4.49
CA LYS A 38 0.28 -2.72 4.16
C LYS A 38 0.90 -1.49 4.81
N LEU A 39 1.61 -1.72 5.91
CA LEU A 39 2.26 -0.62 6.63
C LEU A 39 3.78 -0.79 6.61
N GLY A 40 4.49 0.23 6.15
CA GLY A 40 5.93 0.17 6.10
C GLY A 40 6.58 1.52 6.39
N LYS A 41 7.91 1.56 6.36
CA LYS A 41 8.64 2.79 6.62
C LYS A 41 8.36 3.83 5.55
N ARG A 42 8.66 3.48 4.30
CA ARG A 42 8.44 4.39 3.18
C ARG A 42 7.18 4.02 2.42
N GLU A 43 6.21 3.46 3.14
CA GLU A 43 4.94 3.07 2.53
C GLU A 43 3.78 3.30 3.49
N PHE A 44 2.58 3.45 2.94
CA PHE A 44 1.38 3.68 3.74
C PHE A 44 0.12 3.36 2.95
N ALA A 45 -0.30 2.10 3.01
CA ALA A 45 -1.50 1.67 2.30
C ALA A 45 -2.22 0.56 3.07
N TRP A 46 -3.31 0.92 3.73
CA TRP A 46 -4.09 -0.04 4.50
C TRP A 46 -5.49 0.47 4.75
N ILE A 47 -6.44 0.00 3.95
CA ILE A 47 -7.84 0.41 4.09
C ILE A 47 -8.79 -0.74 3.79
N PRO A 48 -9.79 -0.94 4.67
CA PRO A 48 -10.78 -2.00 4.51
C PRO A 48 -11.73 -1.74 3.34
N GLU A 49 -11.25 -2.02 2.13
CA GLU A 49 -12.05 -1.82 0.94
C GLU A 49 -11.47 -2.59 -0.25
N SER A 50 -12.26 -2.74 -1.31
CA SER A 50 -11.82 -3.45 -2.50
C SER A 50 -10.65 -2.73 -3.16
N GLY A 51 -10.67 -1.41 -3.12
CA GLY A 51 -9.60 -0.62 -3.71
C GLY A 51 -8.50 -0.30 -2.73
N LYS A 52 -8.86 -0.21 -1.45
CA LYS A 52 -7.89 0.10 -0.41
C LYS A 52 -7.22 1.45 -0.67
N TYR A 53 -8.01 2.43 -1.11
CA TYR A 53 -7.49 3.76 -1.40
C TYR A 53 -8.18 4.81 -0.53
N TRP A 54 -8.48 4.44 0.70
CA TRP A 54 -9.15 5.35 1.62
C TRP A 54 -10.54 5.72 1.13
N ALA A 55 -11.24 4.75 0.55
CA ALA A 55 -12.58 4.98 0.02
C ALA A 55 -13.64 4.48 1.00
N ASP A 56 -13.32 3.40 1.72
CA ASP A 56 -14.25 2.83 2.68
C ASP A 56 -14.76 3.90 3.65
N GLU A 57 -13.85 4.76 4.09
CA GLU A 57 -14.21 5.83 5.01
C GLU A 57 -14.85 5.26 6.28
N GLY A 1 6.14 3.22 -13.19
CA GLY A 1 5.60 1.99 -12.65
C GLY A 1 6.05 1.71 -11.23
N SER A 2 7.08 0.88 -11.10
CA SER A 2 7.61 0.52 -9.79
C SER A 2 8.27 1.73 -9.12
N MET A 3 9.07 2.47 -9.90
CA MET A 3 9.76 3.64 -9.38
C MET A 3 8.76 4.74 -9.03
N THR A 4 9.27 5.87 -8.55
CA THR A 4 8.43 6.99 -8.16
C THR A 4 8.32 8.00 -9.30
N LEU A 5 7.12 8.52 -9.50
CA LEU A 5 6.87 9.50 -10.56
C LEU A 5 7.07 10.92 -10.03
N PRO A 6 7.27 11.87 -10.96
CA PRO A 6 7.47 13.29 -10.62
C PRO A 6 6.20 13.93 -10.09
N PRO A 7 6.36 15.13 -9.51
CA PRO A 7 5.23 15.89 -8.96
C PRO A 7 4.28 16.41 -10.04
N GLU A 8 4.86 16.81 -11.18
CA GLU A 8 4.07 17.33 -12.29
C GLU A 8 2.94 16.37 -12.64
N LEU A 9 3.25 15.07 -12.68
CA LEU A 9 2.26 14.06 -13.02
C LEU A 9 1.75 13.37 -11.75
N SER A 10 0.67 12.60 -11.90
CA SER A 10 0.08 11.89 -10.77
C SER A 10 1.00 10.78 -10.30
N ILE A 11 0.67 10.21 -9.14
CA ILE A 11 1.47 9.13 -8.57
C ILE A 11 0.58 7.99 -8.08
N ILE A 12 1.08 6.76 -8.17
CA ILE A 12 0.33 5.59 -7.74
C ILE A 12 1.08 4.84 -6.64
N GLU A 13 0.32 4.34 -5.66
CA GLU A 13 0.92 3.59 -4.55
C GLU A 13 0.85 2.09 -4.81
N ILE A 14 1.78 1.36 -4.20
CA ILE A 14 1.83 -0.09 -4.36
C ILE A 14 2.12 -0.78 -3.03
N PRO A 15 1.48 -1.93 -2.81
CA PRO A 15 1.66 -2.71 -1.57
C PRO A 15 3.03 -3.36 -1.50
N PHE A 16 3.57 -3.74 -2.65
CA PHE A 16 4.89 -4.38 -2.71
C PHE A 16 5.95 -3.49 -2.05
N ASP A 17 5.72 -2.17 -2.11
CA ASP A 17 6.65 -1.22 -1.53
C ASP A 17 6.67 -1.33 -0.01
N ASP A 18 5.51 -1.63 0.57
CA ASP A 18 5.40 -1.77 2.02
C ASP A 18 6.12 -3.02 2.51
N VAL A 19 5.95 -4.12 1.78
CA VAL A 19 6.58 -5.38 2.14
C VAL A 19 8.06 -5.38 1.75
N GLU A 20 8.39 -4.63 0.70
CA GLU A 20 9.76 -4.55 0.23
C GLU A 20 10.56 -3.55 1.06
N THR A 21 10.18 -2.28 0.97
CA THR A 21 10.86 -1.23 1.72
C THR A 21 11.04 -1.61 3.18
N ARG A 22 9.93 -1.89 3.85
CA ARG A 22 9.96 -2.26 5.26
C ARG A 22 10.80 -3.52 5.47
N SER A 23 11.25 -3.73 6.70
CA SER A 23 12.07 -4.89 7.02
C SER A 23 11.32 -6.18 6.73
N TYR A 24 11.97 -7.31 7.02
CA TYR A 24 11.35 -8.62 6.78
C TYR A 24 10.06 -8.76 7.57
N GLU A 25 10.00 -8.09 8.72
CA GLU A 25 8.80 -8.15 9.57
C GLU A 25 7.82 -7.05 9.20
N PHE A 26 7.56 -6.90 7.90
CA PHE A 26 6.64 -5.89 7.40
C PHE A 26 5.21 -6.18 7.86
N ILE A 27 4.28 -5.32 7.49
CA ILE A 27 2.89 -5.49 7.86
C ILE A 27 2.05 -5.93 6.66
N GLU A 28 1.55 -7.16 6.72
CA GLU A 28 0.74 -7.70 5.64
C GLU A 28 -0.34 -8.63 6.18
N VAL A 29 -1.56 -8.11 6.30
CA VAL A 29 -2.67 -8.90 6.80
C VAL A 29 -4.00 -8.45 6.17
N GLU A 30 -4.89 -9.41 5.94
CA GLU A 30 -6.19 -9.12 5.34
C GLU A 30 -7.31 -9.31 6.36
N ILE A 31 -8.38 -8.54 6.19
CA ILE A 31 -9.52 -8.62 7.10
C ILE A 31 -10.76 -9.11 6.37
N LYS A 32 -11.35 -10.19 6.89
CA LYS A 32 -12.55 -10.77 6.28
C LYS A 32 -12.34 -11.01 4.79
N GLY A 33 -11.11 -11.32 4.41
CA GLY A 33 -10.80 -11.57 3.01
C GLY A 33 -11.32 -10.47 2.10
N ARG A 34 -11.37 -9.25 2.62
CA ARG A 34 -11.85 -8.11 1.85
C ARG A 34 -10.88 -6.94 1.95
N GLY A 35 -10.51 -6.59 3.18
CA GLY A 35 -9.59 -5.49 3.40
C GLY A 35 -8.14 -5.94 3.41
N LYS A 36 -7.22 -4.97 3.28
CA LYS A 36 -5.80 -5.27 3.27
C LYS A 36 -5.04 -4.31 4.18
N ALA A 37 -3.94 -4.79 4.75
CA ALA A 37 -3.12 -3.97 5.64
C ALA A 37 -1.66 -4.00 5.21
N LYS A 38 -1.23 -2.96 4.50
CA LYS A 38 0.15 -2.86 4.04
C LYS A 38 0.83 -1.63 4.61
N LEU A 39 1.62 -1.83 5.66
CA LEU A 39 2.34 -0.73 6.31
C LEU A 39 3.85 -0.92 6.18
N GLY A 40 4.51 0.08 5.59
CA GLY A 40 5.95 0.01 5.42
C GLY A 40 6.64 1.33 5.73
N LYS A 41 7.95 1.36 5.60
CA LYS A 41 8.74 2.56 5.86
C LYS A 41 8.52 3.60 4.75
N ARG A 42 8.41 3.12 3.52
CA ARG A 42 8.20 4.00 2.38
C ARG A 42 6.92 3.65 1.64
N GLU A 43 5.94 3.13 2.38
CA GLU A 43 4.65 2.75 1.80
C GLU A 43 3.51 3.01 2.77
N PHE A 44 2.31 3.19 2.23
CA PHE A 44 1.13 3.45 3.05
C PHE A 44 -0.14 3.00 2.33
N ALA A 45 -0.52 1.74 2.55
CA ALA A 45 -1.71 1.18 1.93
C ALA A 45 -2.37 0.16 2.83
N TRP A 46 -3.28 0.63 3.68
CA TRP A 46 -3.98 -0.26 4.61
C TRP A 46 -5.37 0.29 4.93
N ILE A 47 -6.38 -0.24 4.25
CA ILE A 47 -7.76 0.19 4.46
C ILE A 47 -8.72 -0.97 4.33
N PRO A 48 -9.66 -1.08 5.29
CA PRO A 48 -10.66 -2.15 5.30
C PRO A 48 -11.69 -1.99 4.19
N GLU A 49 -11.35 -2.48 3.00
CA GLU A 49 -12.26 -2.39 1.86
C GLU A 49 -11.71 -3.19 0.67
N SER A 50 -12.47 -3.19 -0.42
CA SER A 50 -12.08 -3.92 -1.62
C SER A 50 -10.97 -3.17 -2.36
N GLY A 51 -11.12 -1.85 -2.45
CA GLY A 51 -10.13 -1.04 -3.14
C GLY A 51 -8.90 -0.78 -2.29
N LYS A 52 -9.10 -0.67 -0.98
CA LYS A 52 -8.00 -0.43 -0.06
C LYS A 52 -7.28 0.88 -0.41
N TYR A 53 -8.02 1.83 -0.94
CA TYR A 53 -7.46 3.12 -1.32
C TYR A 53 -8.15 4.26 -0.59
N TRP A 54 -8.30 4.10 0.73
CA TRP A 54 -8.95 5.12 1.55
C TRP A 54 -10.37 5.38 1.08
N ALA A 55 -11.06 4.32 0.67
CA ALA A 55 -12.43 4.43 0.20
C ALA A 55 -13.42 4.05 1.30
N ASP A 56 -13.01 3.12 2.15
CA ASP A 56 -13.87 2.66 3.25
C ASP A 56 -14.41 3.84 4.04
N GLU A 57 -13.53 4.75 4.43
CA GLU A 57 -13.93 5.92 5.20
C GLU A 57 -14.53 5.51 6.54
N GLY A 1 2.69 -6.06 -8.70
CA GLY A 1 1.86 -5.86 -9.88
C GLY A 1 2.71 -5.64 -11.13
N SER A 2 3.21 -4.43 -11.30
CA SER A 2 4.03 -4.08 -12.45
C SER A 2 5.22 -3.22 -12.06
N MET A 3 6.09 -2.96 -13.02
CA MET A 3 7.28 -2.14 -12.76
C MET A 3 6.89 -0.78 -12.20
N THR A 4 7.90 0.03 -11.87
CA THR A 4 7.66 1.36 -11.33
C THR A 4 6.87 2.22 -12.31
N LEU A 5 6.07 3.13 -11.78
CA LEU A 5 5.26 4.02 -12.61
C LEU A 5 5.68 5.48 -12.39
N PRO A 6 5.33 6.34 -13.36
CA PRO A 6 5.65 7.77 -13.30
C PRO A 6 4.84 8.50 -12.25
N PRO A 7 5.52 8.97 -11.19
CA PRO A 7 4.88 9.69 -10.08
C PRO A 7 4.39 11.07 -10.50
N GLU A 8 3.25 11.12 -11.18
CA GLU A 8 2.67 12.37 -11.63
C GLU A 8 2.24 13.23 -10.44
N LEU A 9 1.58 12.60 -9.48
CA LEU A 9 1.11 13.31 -8.30
C LEU A 9 2.26 13.61 -7.34
N SER A 10 1.99 14.44 -6.34
CA SER A 10 3.01 14.80 -5.36
C SER A 10 3.39 13.61 -4.50
N ILE A 11 2.39 12.87 -4.04
CA ILE A 11 2.62 11.69 -3.21
C ILE A 11 2.17 10.42 -3.92
N ILE A 12 2.85 9.32 -3.63
CA ILE A 12 2.51 8.03 -4.23
C ILE A 12 1.90 7.08 -3.20
N GLU A 13 0.77 6.47 -3.57
CA GLU A 13 0.08 5.55 -2.69
C GLU A 13 0.10 4.13 -3.26
N ILE A 14 1.03 3.32 -2.78
CA ILE A 14 1.16 1.94 -3.25
C ILE A 14 1.70 1.04 -2.14
N PRO A 15 1.18 -0.20 -2.08
CA PRO A 15 1.60 -1.18 -1.08
C PRO A 15 3.02 -1.68 -1.32
N PHE A 16 3.40 -1.80 -2.59
CA PHE A 16 4.73 -2.27 -2.95
C PHE A 16 5.80 -1.45 -2.26
N ASP A 17 5.52 -0.16 -2.06
CA ASP A 17 6.47 0.73 -1.40
C ASP A 17 6.80 0.24 0.01
N ASP A 18 5.77 -0.22 0.72
CA ASP A 18 5.95 -0.71 2.08
C ASP A 18 6.75 -2.01 2.08
N VAL A 19 6.16 -3.06 1.50
CA VAL A 19 6.81 -4.37 1.42
C VAL A 19 8.25 -4.23 0.93
N GLU A 20 8.50 -3.22 0.12
CA GLU A 20 9.83 -2.98 -0.43
C GLU A 20 10.71 -2.26 0.58
N THR A 21 10.27 -1.07 1.00
CA THR A 21 11.02 -0.28 1.96
C THR A 21 11.34 -1.08 3.21
N ARG A 22 10.31 -1.72 3.78
CA ARG A 22 10.50 -2.53 4.98
C ARG A 22 11.53 -3.63 4.75
N SER A 23 12.14 -4.10 5.84
CA SER A 23 13.14 -5.15 5.75
C SER A 23 12.85 -6.27 6.74
N TYR A 24 12.40 -5.90 7.93
CA TYR A 24 12.08 -6.86 8.96
C TYR A 24 10.66 -6.67 9.49
N GLU A 25 10.40 -5.48 10.03
CA GLU A 25 9.08 -5.15 10.57
C GLU A 25 8.19 -4.55 9.49
N PHE A 26 7.01 -5.13 9.31
CA PHE A 26 6.07 -4.65 8.30
C PHE A 26 4.71 -5.34 8.46
N ILE A 27 3.77 -4.99 7.60
CA ILE A 27 2.43 -5.56 7.64
C ILE A 27 1.94 -5.91 6.24
N GLU A 28 1.40 -7.12 6.10
CA GLU A 28 0.89 -7.58 4.81
C GLU A 28 -0.30 -8.52 5.00
N VAL A 29 -1.50 -7.99 4.81
CA VAL A 29 -2.72 -8.77 4.96
C VAL A 29 -3.83 -8.26 4.05
N GLU A 30 -4.70 -9.16 3.61
CA GLU A 30 -5.80 -8.81 2.74
C GLU A 30 -7.15 -9.11 3.40
N ILE A 31 -8.12 -8.24 3.15
CA ILE A 31 -9.45 -8.41 3.72
C ILE A 31 -10.41 -9.03 2.71
N LYS A 32 -10.55 -10.35 2.77
CA LYS A 32 -11.43 -11.07 1.87
C LYS A 32 -11.14 -10.71 0.42
N GLY A 33 -9.86 -10.67 0.07
CA GLY A 33 -9.47 -10.34 -1.30
C GLY A 33 -10.06 -9.03 -1.76
N ARG A 34 -10.27 -8.11 -0.82
CA ARG A 34 -10.84 -6.81 -1.14
C ARG A 34 -9.97 -5.69 -0.59
N GLY A 35 -9.70 -5.74 0.72
CA GLY A 35 -8.88 -4.72 1.35
C GLY A 35 -7.41 -5.07 1.32
N LYS A 36 -6.56 -4.05 1.52
CA LYS A 36 -5.12 -4.26 1.53
C LYS A 36 -4.48 -3.56 2.73
N ALA A 37 -3.45 -4.18 3.28
CA ALA A 37 -2.74 -3.61 4.42
C ALA A 37 -1.23 -3.68 4.22
N LYS A 38 -0.62 -2.53 3.97
CA LYS A 38 0.82 -2.45 3.76
C LYS A 38 1.43 -1.33 4.60
N LEU A 39 2.07 -1.71 5.70
CA LEU A 39 2.71 -0.74 6.59
C LEU A 39 4.23 -0.86 6.54
N GLY A 40 4.88 0.18 6.01
CA GLY A 40 6.33 0.17 5.92
C GLY A 40 6.96 1.39 6.55
N LYS A 41 8.29 1.46 6.50
CA LYS A 41 9.02 2.58 7.07
C LYS A 41 8.92 3.81 6.17
N ARG A 42 8.88 3.58 4.86
CA ARG A 42 8.78 4.66 3.90
C ARG A 42 7.51 4.55 3.07
N GLU A 43 6.47 3.98 3.67
CA GLU A 43 5.18 3.82 2.99
C GLU A 43 4.03 3.80 3.99
N PHE A 44 2.85 4.18 3.53
CA PHE A 44 1.67 4.21 4.38
C PHE A 44 0.40 3.96 3.56
N ALA A 45 0.02 2.70 3.43
CA ALA A 45 -1.17 2.33 2.68
C ALA A 45 -1.80 1.06 3.23
N TRP A 46 -2.89 1.23 3.97
CA TRP A 46 -3.60 0.10 4.56
C TRP A 46 -5.03 0.48 4.92
N ILE A 47 -5.97 0.12 4.06
CA ILE A 47 -7.38 0.42 4.30
C ILE A 47 -8.28 -0.67 3.73
N PRO A 48 -9.24 -1.13 4.55
CA PRO A 48 -10.19 -2.18 4.15
C PRO A 48 -11.17 -1.69 3.09
N GLU A 49 -10.72 -1.64 1.84
CA GLU A 49 -11.56 -1.19 0.74
C GLU A 49 -11.00 -1.67 -0.60
N SER A 50 -11.72 -1.37 -1.67
CA SER A 50 -11.30 -1.77 -3.01
C SER A 50 -10.13 -0.91 -3.49
N GLY A 51 -10.16 0.37 -3.14
CA GLY A 51 -9.09 1.26 -3.53
C GLY A 51 -7.96 1.32 -2.52
N LYS A 52 -8.29 1.18 -1.25
CA LYS A 52 -7.30 1.21 -0.19
C LYS A 52 -6.60 2.56 -0.15
N TYR A 53 -7.35 3.63 -0.39
CA TYR A 53 -6.80 4.98 -0.38
C TYR A 53 -7.49 5.85 0.67
N TRP A 54 -7.82 5.24 1.80
CA TRP A 54 -8.49 5.95 2.89
C TRP A 54 -9.82 6.54 2.42
N ALA A 55 -10.52 5.81 1.56
CA ALA A 55 -11.80 6.25 1.04
C ALA A 55 -12.96 5.60 1.79
N ASP A 56 -12.74 4.38 2.24
CA ASP A 56 -13.77 3.64 2.98
C ASP A 56 -14.33 4.48 4.12
N GLU A 57 -13.44 5.10 4.88
CA GLU A 57 -13.85 5.93 6.01
C GLU A 57 -14.49 7.23 5.52
N GLY A 1 -0.91 -8.10 -11.98
CA GLY A 1 -0.54 -6.82 -12.59
C GLY A 1 0.76 -6.28 -12.06
N SER A 2 0.68 -5.43 -11.04
CA SER A 2 1.87 -4.83 -10.44
C SER A 2 2.63 -3.99 -11.46
N MET A 3 2.32 -2.70 -11.50
CA MET A 3 2.98 -1.78 -12.43
C MET A 3 3.16 -0.41 -11.80
N THR A 4 4.21 0.29 -12.22
CA THR A 4 4.51 1.62 -11.69
C THR A 4 3.86 2.71 -12.54
N LEU A 5 3.10 3.58 -11.90
CA LEU A 5 2.43 4.67 -12.59
C LEU A 5 3.22 5.96 -12.48
N PRO A 6 2.93 6.91 -13.39
CA PRO A 6 3.62 8.22 -13.41
C PRO A 6 3.24 9.09 -12.23
N PRO A 7 4.20 9.33 -11.33
CA PRO A 7 3.99 10.15 -10.14
C PRO A 7 3.80 11.63 -10.48
N GLU A 8 2.54 12.05 -10.58
CA GLU A 8 2.23 13.44 -10.90
C GLU A 8 2.17 14.29 -9.64
N LEU A 9 1.40 13.84 -8.66
CA LEU A 9 1.26 14.55 -7.40
C LEU A 9 2.55 14.50 -6.60
N SER A 10 2.62 15.30 -5.53
CA SER A 10 3.79 15.34 -4.68
C SER A 10 3.91 14.06 -3.85
N ILE A 11 2.89 13.77 -3.07
CA ILE A 11 2.89 12.57 -2.24
C ILE A 11 1.93 11.52 -2.80
N ILE A 12 2.29 10.25 -2.60
CA ILE A 12 1.47 9.15 -3.09
C ILE A 12 1.61 7.92 -2.20
N GLU A 13 0.52 7.17 -2.04
CA GLU A 13 0.53 5.98 -1.22
C GLU A 13 0.73 4.73 -2.07
N ILE A 14 1.32 3.70 -1.47
CA ILE A 14 1.58 2.44 -2.18
C ILE A 14 2.03 1.35 -1.21
N PRO A 15 1.35 0.20 -1.28
CA PRO A 15 1.66 -0.96 -0.42
C PRO A 15 3.00 -1.60 -0.78
N PHE A 16 3.35 -1.55 -2.06
CA PHE A 16 4.60 -2.13 -2.53
C PHE A 16 5.79 -1.51 -1.82
N ASP A 17 5.65 -0.25 -1.43
CA ASP A 17 6.71 0.46 -0.73
C ASP A 17 6.92 -0.10 0.67
N ASP A 18 5.82 -0.52 1.30
CA ASP A 18 5.89 -1.09 2.64
C ASP A 18 6.63 -2.42 2.64
N VAL A 19 6.17 -3.34 1.79
CA VAL A 19 6.78 -4.66 1.70
C VAL A 19 8.23 -4.56 1.24
N GLU A 20 8.52 -3.55 0.42
CA GLU A 20 9.87 -3.34 -0.09
C GLU A 20 10.77 -2.74 0.98
N THR A 21 10.30 -1.66 1.61
CA THR A 21 11.06 -0.99 2.65
C THR A 21 11.18 -1.87 3.90
N ARG A 22 10.03 -2.14 4.52
CA ARG A 22 9.99 -2.96 5.72
C ARG A 22 10.39 -4.40 5.41
N SER A 23 11.30 -4.94 6.21
CA SER A 23 11.78 -6.32 6.03
C SER A 23 11.70 -7.11 7.33
N TYR A 24 12.05 -6.45 8.43
CA TYR A 24 12.03 -7.08 9.74
C TYR A 24 10.59 -7.32 10.21
N GLU A 25 9.80 -6.25 10.20
CA GLU A 25 8.41 -6.34 10.63
C GLU A 25 7.47 -5.83 9.53
N PHE A 26 7.58 -6.42 8.34
CA PHE A 26 6.75 -6.03 7.21
C PHE A 26 5.40 -6.75 7.26
N ILE A 27 4.32 -5.99 7.03
CA ILE A 27 2.98 -6.55 7.05
C ILE A 27 2.36 -6.51 5.66
N GLU A 28 1.67 -7.59 5.29
CA GLU A 28 1.03 -7.67 3.99
C GLU A 28 -0.07 -8.75 4.00
N VAL A 29 -1.32 -8.30 4.10
CA VAL A 29 -2.45 -9.21 4.12
C VAL A 29 -3.70 -8.55 3.52
N GLU A 30 -4.57 -9.38 2.93
CA GLU A 30 -5.79 -8.88 2.32
C GLU A 30 -6.93 -8.84 3.34
N ILE A 31 -7.83 -7.89 3.16
CA ILE A 31 -8.98 -7.75 4.05
C ILE A 31 -10.27 -8.14 3.37
N LYS A 32 -10.89 -9.22 3.85
CA LYS A 32 -12.14 -9.71 3.29
C LYS A 32 -12.02 -9.86 1.77
N GLY A 33 -10.83 -10.21 1.30
CA GLY A 33 -10.62 -10.38 -0.12
C GLY A 33 -11.11 -9.19 -0.93
N ARG A 34 -11.07 -8.02 -0.32
CA ARG A 34 -11.52 -6.80 -1.00
C ARG A 34 -10.35 -5.84 -1.24
N GLY A 35 -9.57 -5.60 -0.20
CA GLY A 35 -8.43 -4.70 -0.32
C GLY A 35 -7.14 -5.35 0.16
N LYS A 36 -6.21 -4.52 0.64
CA LYS A 36 -4.93 -5.01 1.12
C LYS A 36 -4.36 -4.08 2.19
N ALA A 37 -3.59 -4.65 3.11
CA ALA A 37 -2.98 -3.87 4.18
C ALA A 37 -1.47 -4.03 4.18
N LYS A 38 -0.77 -2.93 3.91
CA LYS A 38 0.69 -2.94 3.88
C LYS A 38 1.26 -1.92 4.84
N LEU A 39 1.86 -2.39 5.93
CA LEU A 39 2.44 -1.51 6.94
C LEU A 39 3.97 -1.50 6.83
N GLY A 40 4.52 -0.37 6.42
CA GLY A 40 5.97 -0.26 6.29
C GLY A 40 6.53 0.92 7.06
N LYS A 41 7.85 1.01 7.10
CA LYS A 41 8.52 2.10 7.81
C LYS A 41 8.58 3.36 6.95
N ARG A 42 8.64 3.17 5.64
CA ARG A 42 8.70 4.29 4.70
C ARG A 42 7.31 4.64 4.19
N GLU A 43 6.44 3.63 4.10
CA GLU A 43 5.09 3.83 3.61
C GLU A 43 4.06 3.42 4.66
N PHE A 44 2.79 3.73 4.41
CA PHE A 44 1.72 3.39 5.34
C PHE A 44 0.37 3.44 4.64
N ALA A 45 -0.04 2.31 4.08
CA ALA A 45 -1.32 2.23 3.37
C ALA A 45 -1.99 0.88 3.62
N TRP A 46 -3.24 0.92 4.08
CA TRP A 46 -4.00 -0.29 4.35
C TRP A 46 -5.49 0.00 4.42
N ILE A 47 -6.18 -0.26 3.31
CA ILE A 47 -7.62 -0.04 3.24
C ILE A 47 -8.29 -1.02 2.28
N PRO A 48 -9.59 -1.23 2.47
CA PRO A 48 -10.37 -2.15 1.63
C PRO A 48 -10.57 -1.61 0.22
N GLU A 49 -9.50 -1.61 -0.57
CA GLU A 49 -9.56 -1.12 -1.93
C GLU A 49 -8.59 -1.88 -2.84
N SER A 50 -8.84 -1.84 -4.14
CA SER A 50 -7.99 -2.53 -5.10
C SER A 50 -6.63 -1.86 -5.20
N GLY A 51 -6.61 -0.54 -5.10
CA GLY A 51 -5.36 0.20 -5.19
C GLY A 51 -4.68 0.32 -3.84
N LYS A 52 -5.47 0.40 -2.77
CA LYS A 52 -4.93 0.52 -1.43
C LYS A 52 -4.08 1.78 -1.29
N TYR A 53 -4.53 2.86 -1.93
CA TYR A 53 -3.82 4.13 -1.88
C TYR A 53 -4.69 5.23 -1.31
N TRP A 54 -5.41 4.91 -0.22
CA TRP A 54 -6.28 5.87 0.42
C TRP A 54 -7.37 6.34 -0.54
N ALA A 55 -7.91 5.42 -1.32
CA ALA A 55 -8.96 5.76 -2.28
C ALA A 55 -10.32 5.27 -1.79
N ASP A 56 -10.33 4.14 -1.09
CA ASP A 56 -11.57 3.57 -0.57
C ASP A 56 -12.36 4.63 0.20
N GLU A 57 -11.66 5.53 0.88
CA GLU A 57 -12.31 6.58 1.64
C GLU A 57 -12.32 7.89 0.87
N GLY A 1 8.19 2.63 -15.30
CA GLY A 1 9.55 2.36 -15.76
C GLY A 1 10.20 1.22 -14.98
N SER A 2 11.37 1.49 -14.43
CA SER A 2 12.11 0.48 -13.67
C SER A 2 12.37 0.96 -12.24
N MET A 3 12.86 2.19 -12.12
CA MET A 3 13.16 2.77 -10.81
C MET A 3 12.12 3.83 -10.44
N THR A 4 12.24 4.35 -9.22
CA THR A 4 11.30 5.36 -8.74
C THR A 4 11.58 6.71 -9.38
N LEU A 5 10.52 7.42 -9.74
CA LEU A 5 10.66 8.73 -10.37
C LEU A 5 10.37 9.85 -9.37
N PRO A 6 10.84 11.06 -9.70
CA PRO A 6 10.64 12.23 -8.84
C PRO A 6 9.18 12.69 -8.80
N PRO A 7 8.87 13.58 -7.85
CA PRO A 7 7.52 14.12 -7.69
C PRO A 7 7.12 15.05 -8.83
N GLU A 8 6.82 14.46 -9.99
CA GLU A 8 6.44 15.23 -11.17
C GLU A 8 4.92 15.40 -11.22
N LEU A 9 4.19 14.30 -11.28
CA LEU A 9 2.74 14.32 -11.33
C LEU A 9 2.13 13.57 -10.15
N SER A 10 0.80 13.53 -10.10
CA SER A 10 0.11 12.83 -9.02
C SER A 10 0.64 11.42 -8.85
N ILE A 11 1.04 11.09 -7.61
CA ILE A 11 1.57 9.77 -7.31
C ILE A 11 0.44 8.75 -7.14
N ILE A 12 0.74 7.50 -7.46
CA ILE A 12 -0.24 6.43 -7.34
C ILE A 12 -0.02 5.61 -6.08
N GLU A 13 -1.10 5.33 -5.35
CA GLU A 13 -1.01 4.55 -4.12
C GLU A 13 -1.15 3.06 -4.41
N ILE A 14 -0.12 2.29 -4.08
CA ILE A 14 -0.13 0.85 -4.30
C ILE A 14 0.48 0.11 -3.11
N PRO A 15 -0.10 -1.05 -2.78
CA PRO A 15 0.36 -1.88 -1.67
C PRO A 15 1.71 -2.54 -1.95
N PHE A 16 1.95 -2.85 -3.22
CA PHE A 16 3.20 -3.48 -3.63
C PHE A 16 4.40 -2.71 -3.10
N ASP A 17 4.23 -1.40 -2.97
CA ASP A 17 5.30 -0.54 -2.47
C ASP A 17 5.53 -0.77 -0.98
N ASP A 18 4.43 -0.93 -0.24
CA ASP A 18 4.51 -1.16 1.20
C ASP A 18 5.32 -2.42 1.51
N VAL A 19 5.15 -3.44 0.68
CA VAL A 19 5.86 -4.70 0.87
C VAL A 19 7.23 -4.67 0.19
N GLU A 20 7.32 -3.92 -0.90
CA GLU A 20 8.57 -3.80 -1.64
C GLU A 20 9.60 -3.01 -0.83
N THR A 21 9.21 -1.82 -0.38
CA THR A 21 10.10 -0.97 0.40
C THR A 21 10.39 -1.58 1.77
N ARG A 22 9.33 -1.78 2.56
CA ARG A 22 9.46 -2.35 3.89
C ARG A 22 9.75 -3.85 3.81
N SER A 23 10.77 -4.28 4.54
CA SER A 23 11.16 -5.68 4.55
C SER A 23 11.30 -6.20 5.98
N TYR A 24 11.85 -5.36 6.86
CA TYR A 24 12.04 -5.73 8.25
C TYR A 24 10.70 -5.85 8.98
N GLU A 25 9.89 -4.80 8.89
CA GLU A 25 8.59 -4.78 9.53
C GLU A 25 7.47 -4.67 8.49
N PHE A 26 7.67 -5.30 7.34
CA PHE A 26 6.68 -5.27 6.27
C PHE A 26 5.35 -5.86 6.73
N ILE A 27 4.25 -5.20 6.38
CA ILE A 27 2.93 -5.67 6.75
C ILE A 27 2.06 -5.89 5.52
N GLU A 28 1.45 -7.07 5.43
CA GLU A 28 0.59 -7.40 4.30
C GLU A 28 -0.34 -8.56 4.65
N VAL A 29 -1.59 -8.24 4.96
CA VAL A 29 -2.58 -9.25 5.31
C VAL A 29 -3.99 -8.81 4.92
N GLU A 30 -4.83 -9.78 4.61
CA GLU A 30 -6.21 -9.49 4.21
C GLU A 30 -7.13 -9.52 5.43
N ILE A 31 -8.20 -8.73 5.36
CA ILE A 31 -9.17 -8.66 6.46
C ILE A 31 -10.48 -9.32 6.06
N LYS A 32 -10.71 -10.53 6.56
CA LYS A 32 -11.93 -11.27 6.27
C LYS A 32 -12.18 -11.33 4.77
N GLY A 33 -11.12 -11.59 4.01
CA GLY A 33 -11.25 -11.68 2.56
C GLY A 33 -11.95 -10.47 1.97
N ARG A 34 -11.80 -9.32 2.62
CA ARG A 34 -12.43 -8.09 2.15
C ARG A 34 -11.46 -6.91 2.24
N GLY A 35 -10.90 -6.70 3.44
CA GLY A 35 -9.96 -5.61 3.63
C GLY A 35 -8.53 -6.02 3.37
N LYS A 36 -7.61 -5.07 3.47
CA LYS A 36 -6.20 -5.34 3.24
C LYS A 36 -5.33 -4.30 3.96
N ALA A 37 -4.38 -4.79 4.77
CA ALA A 37 -3.49 -3.92 5.49
C ALA A 37 -2.08 -3.96 4.92
N LYS A 38 -1.68 -2.88 4.27
CA LYS A 38 -0.34 -2.79 3.67
C LYS A 38 0.40 -1.55 4.15
N LEU A 39 1.30 -1.74 5.11
CA LEU A 39 2.07 -0.64 5.66
C LEU A 39 3.55 -0.79 5.34
N GLY A 40 4.18 0.29 4.87
CA GLY A 40 5.58 0.25 4.53
C GLY A 40 6.29 1.55 4.84
N LYS A 41 7.60 1.58 4.61
CA LYS A 41 8.40 2.78 4.87
C LYS A 41 8.06 3.88 3.88
N ARG A 42 7.82 3.51 2.63
CA ARG A 42 7.48 4.47 1.59
C ARG A 42 6.09 4.19 1.03
N GLU A 43 5.21 3.66 1.87
CA GLU A 43 3.85 3.34 1.45
C GLU A 43 2.88 3.48 2.62
N PHE A 44 1.60 3.63 2.31
CA PHE A 44 0.57 3.76 3.33
C PHE A 44 -0.81 3.40 2.77
N ALA A 45 -1.16 2.12 2.88
CA ALA A 45 -2.45 1.64 2.39
C ALA A 45 -2.94 0.46 3.21
N TRP A 46 -3.72 0.75 4.25
CA TRP A 46 -4.24 -0.30 5.12
C TRP A 46 -5.61 0.10 5.67
N ILE A 47 -6.66 -0.41 5.05
CA ILE A 47 -8.03 -0.12 5.49
C ILE A 47 -8.96 -1.29 5.20
N PRO A 48 -9.77 -1.65 6.22
CA PRO A 48 -10.73 -2.75 6.11
C PRO A 48 -11.89 -2.42 5.17
N GLU A 49 -11.63 -2.50 3.87
CA GLU A 49 -12.66 -2.20 2.87
C GLU A 49 -12.46 -3.06 1.62
N SER A 50 -13.51 -3.15 0.81
CA SER A 50 -13.46 -3.94 -0.42
C SER A 50 -12.45 -3.35 -1.40
N GLY A 51 -12.38 -2.02 -1.43
CA GLY A 51 -11.47 -1.35 -2.34
C GLY A 51 -10.09 -1.16 -1.73
N LYS A 52 -10.04 -0.96 -0.42
CA LYS A 52 -8.78 -0.77 0.28
C LYS A 52 -8.08 0.50 -0.21
N TYR A 53 -8.85 1.53 -0.51
CA TYR A 53 -8.30 2.79 -0.99
C TYR A 53 -8.70 3.94 -0.08
N TRP A 54 -8.95 3.63 1.19
CA TRP A 54 -9.35 4.64 2.16
C TRP A 54 -10.65 5.32 1.75
N ALA A 55 -11.57 4.54 1.21
CA ALA A 55 -12.86 5.06 0.77
C ALA A 55 -13.94 4.80 1.81
N ASP A 56 -13.79 3.71 2.55
CA ASP A 56 -14.76 3.34 3.58
C ASP A 56 -15.03 4.52 4.51
N GLU A 57 -13.97 5.08 5.07
CA GLU A 57 -14.09 6.22 5.98
C GLU A 57 -14.08 7.54 5.21
N GLY A 1 6.01 -4.06 -9.16
CA GLY A 1 7.11 -3.44 -9.88
C GLY A 1 7.17 -1.94 -9.70
N SER A 2 8.38 -1.39 -9.72
CA SER A 2 8.57 0.04 -9.54
C SER A 2 8.92 0.71 -10.86
N MET A 3 7.96 1.46 -11.41
CA MET A 3 8.16 2.14 -12.68
C MET A 3 8.34 3.64 -12.46
N THR A 4 8.80 4.34 -13.49
CA THR A 4 9.01 5.78 -13.41
C THR A 4 7.70 6.53 -13.43
N LEU A 5 7.64 7.64 -12.69
CA LEU A 5 6.44 8.45 -12.62
C LEU A 5 6.71 9.88 -13.07
N PRO A 6 5.65 10.61 -13.43
CA PRO A 6 5.76 12.00 -13.88
C PRO A 6 6.14 12.95 -12.76
N PRO A 7 6.51 14.19 -13.12
CA PRO A 7 6.90 15.21 -12.15
C PRO A 7 5.73 15.71 -11.31
N GLU A 8 4.57 15.84 -11.95
CA GLU A 8 3.37 16.31 -11.26
C GLU A 8 3.11 15.48 -10.01
N LEU A 9 3.15 14.16 -10.16
CA LEU A 9 2.92 13.25 -9.04
C LEU A 9 4.09 13.27 -8.07
N SER A 10 3.79 13.30 -6.77
CA SER A 10 4.82 13.32 -5.75
C SER A 10 4.88 11.99 -5.00
N ILE A 11 3.72 11.47 -4.65
CA ILE A 11 3.64 10.20 -3.94
C ILE A 11 2.71 9.21 -4.66
N ILE A 12 2.94 7.93 -4.45
CA ILE A 12 2.14 6.89 -5.08
C ILE A 12 1.70 5.83 -4.07
N GLU A 13 0.44 5.42 -4.15
CA GLU A 13 -0.09 4.43 -3.24
C GLU A 13 0.11 3.02 -3.79
N ILE A 14 0.74 2.16 -3.00
CA ILE A 14 0.99 0.78 -3.41
C ILE A 14 1.50 -0.06 -2.25
N PRO A 15 0.85 -1.21 -2.02
CA PRO A 15 1.22 -2.13 -0.94
C PRO A 15 2.56 -2.82 -1.20
N PHE A 16 2.86 -3.07 -2.46
CA PHE A 16 4.11 -3.72 -2.84
C PHE A 16 5.31 -2.94 -2.34
N ASP A 17 5.17 -1.61 -2.30
CA ASP A 17 6.24 -0.74 -1.84
C ASP A 17 6.54 -0.99 -0.36
N ASP A 18 5.51 -1.30 0.40
CA ASP A 18 5.66 -1.56 1.84
C ASP A 18 6.43 -2.85 2.07
N VAL A 19 5.86 -3.97 1.64
CA VAL A 19 6.51 -5.27 1.81
C VAL A 19 7.93 -5.25 1.27
N GLU A 20 8.20 -4.33 0.35
CA GLU A 20 9.52 -4.21 -0.25
C GLU A 20 10.43 -3.32 0.61
N THR A 21 10.07 -2.04 0.69
CA THR A 21 10.84 -1.09 1.47
C THR A 21 11.08 -1.60 2.89
N ARG A 22 10.06 -2.24 3.46
CA ARG A 22 10.16 -2.78 4.81
C ARG A 22 11.30 -3.81 4.91
N SER A 23 11.82 -3.98 6.11
CA SER A 23 12.92 -4.93 6.34
C SER A 23 12.59 -5.87 7.50
N TYR A 24 12.20 -5.28 8.62
CA TYR A 24 11.86 -6.07 9.81
C TYR A 24 10.42 -5.80 10.25
N GLU A 25 10.13 -4.54 10.57
CA GLU A 25 8.80 -4.15 11.00
C GLU A 25 7.91 -3.81 9.81
N PHE A 26 6.75 -4.44 9.73
CA PHE A 26 5.82 -4.21 8.63
C PHE A 26 4.47 -4.88 8.90
N ILE A 27 3.54 -4.73 7.97
CA ILE A 27 2.22 -5.33 8.12
C ILE A 27 1.73 -5.90 6.79
N GLU A 28 1.11 -7.07 6.85
CA GLU A 28 0.59 -7.73 5.66
C GLU A 28 -0.60 -8.63 6.01
N VAL A 29 -1.80 -8.13 5.76
CA VAL A 29 -3.01 -8.89 6.04
C VAL A 29 -4.14 -8.49 5.10
N GLU A 30 -5.02 -9.44 4.80
CA GLU A 30 -6.14 -9.20 3.90
C GLU A 30 -7.46 -9.27 4.65
N ILE A 31 -8.42 -8.46 4.24
CA ILE A 31 -9.74 -8.43 4.87
C ILE A 31 -10.78 -9.12 4.00
N LYS A 32 -11.01 -10.41 4.26
CA LYS A 32 -11.98 -11.18 3.50
C LYS A 32 -11.73 -11.06 2.00
N GLY A 33 -10.47 -11.18 1.60
CA GLY A 33 -10.12 -11.09 0.19
C GLY A 33 -10.65 -9.82 -0.44
N ARG A 34 -10.77 -8.76 0.35
CA ARG A 34 -11.28 -7.49 -0.15
C ARG A 34 -10.39 -6.33 0.31
N GLY A 35 -10.10 -6.29 1.61
CA GLY A 35 -9.27 -5.24 2.15
C GLY A 35 -7.79 -5.60 2.14
N LYS A 36 -6.94 -4.59 2.18
CA LYS A 36 -5.49 -4.80 2.18
C LYS A 36 -4.81 -3.98 3.26
N ALA A 37 -3.76 -4.53 3.85
CA ALA A 37 -3.02 -3.84 4.91
C ALA A 37 -1.52 -3.95 4.68
N LYS A 38 -0.91 -2.86 4.23
CA LYS A 38 0.52 -2.83 3.98
C LYS A 38 1.17 -1.61 4.63
N LEU A 39 1.93 -1.85 5.70
CA LEU A 39 2.61 -0.77 6.40
C LEU A 39 4.12 -0.94 6.33
N GLY A 40 4.78 -0.04 5.61
CA GLY A 40 6.22 -0.10 5.48
C GLY A 40 6.91 1.15 5.99
N LYS A 41 8.23 1.17 5.91
CA LYS A 41 9.01 2.31 6.37
C LYS A 41 8.83 3.51 5.43
N ARG A 42 8.71 3.22 4.14
CA ARG A 42 8.54 4.27 3.14
C ARG A 42 7.25 4.05 2.34
N GLU A 43 6.25 3.45 2.98
CA GLU A 43 4.98 3.18 2.32
C GLU A 43 3.82 3.33 3.31
N PHE A 44 2.65 3.65 2.78
CA PHE A 44 1.46 3.82 3.61
C PHE A 44 0.20 3.46 2.83
N ALA A 45 -0.18 2.18 2.90
CA ALA A 45 -1.37 1.71 2.20
C ALA A 45 -2.03 0.57 2.97
N TRP A 46 -3.09 0.89 3.70
CA TRP A 46 -3.81 -0.11 4.48
C TRP A 46 -5.22 0.37 4.82
N ILE A 47 -6.19 -0.07 4.04
CA ILE A 47 -7.58 0.31 4.26
C ILE A 47 -8.54 -0.84 3.96
N PRO A 48 -9.50 -1.08 4.85
CA PRO A 48 -10.48 -2.15 4.70
C PRO A 48 -11.48 -1.86 3.58
N GLU A 49 -11.03 -2.01 2.34
CA GLU A 49 -11.88 -1.76 1.18
C GLU A 49 -11.34 -2.47 -0.05
N SER A 50 -12.16 -2.54 -1.10
CA SER A 50 -11.76 -3.19 -2.34
C SER A 50 -10.68 -2.39 -3.06
N GLY A 51 -10.72 -1.07 -2.90
CA GLY A 51 -9.74 -0.22 -3.53
C GLY A 51 -8.56 0.09 -2.62
N LYS A 52 -8.82 0.13 -1.32
CA LYS A 52 -7.77 0.41 -0.34
C LYS A 52 -7.24 1.83 -0.52
N TYR A 53 -8.14 2.78 -0.75
CA TYR A 53 -7.75 4.17 -0.93
C TYR A 53 -8.43 5.06 0.10
N TRP A 54 -8.58 4.53 1.32
CA TRP A 54 -9.21 5.28 2.40
C TRP A 54 -10.63 5.70 2.03
N ALA A 55 -11.34 4.81 1.34
CA ALA A 55 -12.72 5.09 0.92
C ALA A 55 -13.72 4.44 1.86
N ASP A 56 -13.33 3.31 2.45
CA ASP A 56 -14.19 2.58 3.37
C ASP A 56 -14.74 3.51 4.45
N GLU A 57 -13.86 4.34 5.01
CA GLU A 57 -14.25 5.27 6.06
C GLU A 57 -14.89 4.54 7.23
N GLY A 1 -5.48 9.47 -13.48
CA GLY A 1 -4.49 9.26 -12.45
C GLY A 1 -4.79 8.05 -11.59
N SER A 2 -4.49 6.87 -12.12
CA SER A 2 -4.75 5.62 -11.39
C SER A 2 -3.50 4.75 -11.36
N MET A 3 -2.87 4.59 -12.52
CA MET A 3 -1.67 3.77 -12.63
C MET A 3 -0.51 4.43 -11.90
N THR A 4 0.66 3.77 -11.92
CA THR A 4 1.84 4.29 -11.25
C THR A 4 2.14 5.72 -11.69
N LEU A 5 2.60 6.53 -10.76
CA LEU A 5 2.95 7.92 -11.06
C LEU A 5 4.44 8.07 -11.36
N PRO A 6 4.79 9.17 -12.05
CA PRO A 6 6.18 9.45 -12.41
C PRO A 6 7.03 9.82 -11.20
N PRO A 7 8.36 9.86 -11.39
CA PRO A 7 9.31 10.19 -10.33
C PRO A 7 9.23 11.67 -9.92
N GLU A 8 8.94 12.52 -10.90
CA GLU A 8 8.84 13.96 -10.65
C GLU A 8 7.88 14.24 -9.50
N LEU A 9 6.82 13.46 -9.41
CA LEU A 9 5.82 13.63 -8.36
C LEU A 9 6.43 13.34 -6.99
N SER A 10 5.66 13.59 -5.94
CA SER A 10 6.12 13.35 -4.58
C SER A 10 6.48 11.88 -4.37
N ILE A 11 5.44 11.04 -4.30
CA ILE A 11 5.65 9.61 -4.10
C ILE A 11 4.72 8.80 -5.01
N ILE A 12 4.84 7.47 -4.93
CA ILE A 12 4.01 6.59 -5.74
C ILE A 12 3.26 5.59 -4.87
N GLU A 13 2.09 5.17 -5.35
CA GLU A 13 1.27 4.22 -4.60
C GLU A 13 1.70 2.78 -4.91
N ILE A 14 2.03 2.04 -3.84
CA ILE A 14 2.46 0.65 -4.00
C ILE A 14 2.71 0.01 -2.64
N PRO A 15 2.09 -1.15 -2.41
CA PRO A 15 2.24 -1.90 -1.15
C PRO A 15 3.63 -2.49 -0.99
N PHE A 16 4.25 -2.87 -2.11
CA PHE A 16 5.59 -3.45 -2.09
C PHE A 16 6.56 -2.55 -1.33
N ASP A 17 6.28 -1.26 -1.33
CA ASP A 17 7.13 -0.29 -0.64
C ASP A 17 7.04 -0.46 0.87
N ASP A 18 5.85 -0.84 1.34
CA ASP A 18 5.62 -1.04 2.77
C ASP A 18 6.35 -2.29 3.27
N VAL A 19 6.30 -3.35 2.47
CA VAL A 19 6.95 -4.61 2.82
C VAL A 19 8.45 -4.54 2.55
N GLU A 20 8.84 -3.72 1.59
CA GLU A 20 10.24 -3.56 1.24
C GLU A 20 10.93 -2.56 2.15
N THR A 21 10.50 -1.31 2.08
CA THR A 21 11.08 -0.25 2.92
C THR A 21 11.13 -0.67 4.38
N ARG A 22 9.98 -0.99 4.94
CA ARG A 22 9.90 -1.40 6.34
C ARG A 22 10.76 -2.64 6.59
N SER A 23 11.16 -2.83 7.83
CA SER A 23 12.00 -3.97 8.21
C SER A 23 11.29 -5.29 7.88
N TYR A 24 11.96 -6.39 8.19
CA TYR A 24 11.41 -7.71 7.93
C TYR A 24 10.07 -7.89 8.64
N GLU A 25 9.91 -7.23 9.78
CA GLU A 25 8.68 -7.31 10.56
C GLU A 25 7.67 -6.27 10.09
N PHE A 26 7.45 -6.21 8.79
CA PHE A 26 6.51 -5.26 8.20
C PHE A 26 5.08 -5.73 8.40
N ILE A 27 4.12 -4.94 7.90
CA ILE A 27 2.71 -5.27 8.02
C ILE A 27 2.13 -5.67 6.66
N GLU A 28 1.65 -6.89 6.57
CA GLU A 28 1.06 -7.39 5.32
C GLU A 28 0.00 -8.46 5.60
N VAL A 29 -1.26 -8.06 5.58
CA VAL A 29 -2.36 -8.98 5.83
C VAL A 29 -3.62 -8.56 5.07
N GLU A 30 -4.43 -9.54 4.70
CA GLU A 30 -5.67 -9.27 3.98
C GLU A 30 -6.86 -9.18 4.92
N ILE A 31 -7.83 -8.34 4.58
CA ILE A 31 -9.01 -8.17 5.41
C ILE A 31 -10.19 -8.97 4.85
N LYS A 32 -10.43 -10.13 5.43
CA LYS A 32 -11.53 -10.99 5.01
C LYS A 32 -11.46 -11.25 3.51
N GLY A 33 -10.26 -11.49 3.00
CA GLY A 33 -10.09 -11.75 1.58
C GLY A 33 -10.71 -10.66 0.72
N ARG A 34 -10.74 -9.44 1.24
CA ARG A 34 -11.31 -8.32 0.52
C ARG A 34 -10.43 -7.09 0.63
N GLY A 35 -10.12 -6.70 1.87
CA GLY A 35 -9.29 -5.53 2.10
C GLY A 35 -7.81 -5.88 2.15
N LYS A 36 -6.97 -4.87 2.36
CA LYS A 36 -5.53 -5.08 2.44
C LYS A 36 -4.92 -4.22 3.53
N ALA A 37 -3.85 -4.71 4.15
CA ALA A 37 -3.16 -3.98 5.21
C ALA A 37 -1.66 -3.92 4.96
N LYS A 38 -1.19 -2.80 4.43
CA LYS A 38 0.22 -2.61 4.14
C LYS A 38 0.76 -1.36 4.83
N LEU A 39 1.48 -1.56 5.93
CA LEU A 39 2.06 -0.44 6.67
C LEU A 39 3.58 -0.53 6.69
N GLY A 40 4.23 0.54 6.23
CA GLY A 40 5.68 0.57 6.20
C GLY A 40 6.24 1.95 6.50
N LYS A 41 7.55 2.07 6.49
CA LYS A 41 8.21 3.33 6.77
C LYS A 41 7.89 4.37 5.69
N ARG A 42 8.25 4.05 4.45
CA ARG A 42 7.99 4.95 3.32
C ARG A 42 6.76 4.51 2.55
N GLU A 43 5.80 3.89 3.25
CA GLU A 43 4.57 3.43 2.63
C GLU A 43 3.39 3.58 3.58
N PHE A 44 2.19 3.68 3.01
CA PHE A 44 0.98 3.84 3.80
C PHE A 44 -0.25 3.46 2.99
N ALA A 45 -0.61 2.18 3.03
CA ALA A 45 -1.77 1.68 2.30
C ALA A 45 -2.43 0.52 3.04
N TRP A 46 -3.56 0.81 3.69
CA TRP A 46 -4.28 -0.20 4.44
C TRP A 46 -5.73 0.22 4.68
N ILE A 47 -6.63 -0.30 3.86
CA ILE A 47 -8.05 0.02 3.97
C ILE A 47 -8.92 -1.16 3.55
N PRO A 48 -9.93 -1.47 4.39
CA PRO A 48 -10.87 -2.58 4.12
C PRO A 48 -11.78 -2.29 2.94
N GLU A 49 -11.28 -2.51 1.73
CA GLU A 49 -12.06 -2.28 0.52
C GLU A 49 -11.61 -3.20 -0.61
N SER A 50 -12.29 -3.10 -1.75
CA SER A 50 -11.95 -3.93 -2.90
C SER A 50 -10.67 -3.46 -3.56
N GLY A 51 -10.56 -2.14 -3.75
CA GLY A 51 -9.38 -1.58 -4.38
C GLY A 51 -8.23 -1.42 -3.41
N LYS A 52 -8.56 -1.35 -2.11
CA LYS A 52 -7.54 -1.19 -1.08
C LYS A 52 -6.44 -0.23 -1.53
N TYR A 53 -6.84 0.83 -2.23
CA TYR A 53 -5.90 1.83 -2.71
C TYR A 53 -6.23 3.20 -2.17
N TRP A 54 -6.76 3.24 -0.96
CA TRP A 54 -7.14 4.49 -0.31
C TRP A 54 -7.99 5.35 -1.24
N ALA A 55 -8.84 4.69 -2.03
CA ALA A 55 -9.71 5.39 -2.96
C ALA A 55 -11.17 4.98 -2.75
N ASP A 56 -11.38 3.71 -2.45
CA ASP A 56 -12.73 3.18 -2.22
C ASP A 56 -13.45 3.99 -1.16
N GLU A 57 -12.70 4.44 -0.15
CA GLU A 57 -13.27 5.23 0.94
C GLU A 57 -14.07 6.41 0.39
N GLY A 1 -0.58 -1.38 -21.00
CA GLY A 1 -0.51 -0.63 -22.24
C GLY A 1 0.46 0.52 -22.18
N SER A 2 -0.06 1.74 -22.14
CA SER A 2 0.78 2.93 -22.08
C SER A 2 1.57 2.98 -20.78
N MET A 3 2.73 3.62 -20.81
CA MET A 3 3.58 3.74 -19.63
C MET A 3 2.81 4.38 -18.47
N THR A 4 2.85 3.73 -17.31
CA THR A 4 2.16 4.23 -16.14
C THR A 4 2.84 5.49 -15.59
N LEU A 5 2.05 6.41 -15.07
CA LEU A 5 2.57 7.65 -14.51
C LEU A 5 1.77 8.08 -13.29
N PRO A 6 2.37 8.94 -12.46
CA PRO A 6 1.73 9.45 -11.25
C PRO A 6 0.57 10.40 -11.55
N PRO A 7 -0.23 10.72 -10.52
CA PRO A 7 -1.38 11.62 -10.67
C PRO A 7 -0.96 13.06 -10.91
N GLU A 8 -0.73 13.79 -9.82
CA GLU A 8 -0.32 15.19 -9.91
C GLU A 8 1.19 15.32 -9.96
N LEU A 9 1.85 14.84 -8.91
CA LEU A 9 3.31 14.90 -8.82
C LEU A 9 3.90 13.50 -8.67
N SER A 10 5.22 13.40 -8.82
CA SER A 10 5.91 12.12 -8.71
C SER A 10 5.56 11.44 -7.38
N ILE A 11 4.85 10.33 -7.47
CA ILE A 11 4.46 9.58 -6.28
C ILE A 11 3.89 8.21 -6.65
N ILE A 12 4.40 7.17 -6.00
CA ILE A 12 3.94 5.81 -6.25
C ILE A 12 3.82 5.01 -4.95
N GLU A 13 2.59 4.72 -4.56
CA GLU A 13 2.34 3.97 -3.33
C GLU A 13 2.17 2.49 -3.65
N ILE A 14 2.95 1.65 -2.95
CA ILE A 14 2.89 0.21 -3.14
C ILE A 14 3.13 -0.53 -1.84
N PRO A 15 2.39 -1.64 -1.64
CA PRO A 15 2.51 -2.46 -0.43
C PRO A 15 3.84 -3.21 -0.36
N PHE A 16 4.38 -3.57 -1.53
CA PHE A 16 5.64 -4.29 -1.61
C PHE A 16 6.73 -3.54 -0.86
N ASP A 17 6.66 -2.22 -0.88
CA ASP A 17 7.64 -1.38 -0.20
C ASP A 17 7.69 -1.70 1.28
N ASP A 18 6.53 -1.95 1.86
CA ASP A 18 6.42 -2.26 3.29
C ASP A 18 6.97 -3.66 3.57
N VAL A 19 6.32 -4.67 3.03
CA VAL A 19 6.73 -6.05 3.23
C VAL A 19 8.23 -6.21 2.94
N GLU A 20 8.74 -5.40 2.03
CA GLU A 20 10.15 -5.46 1.66
C GLU A 20 11.00 -4.69 2.67
N THR A 21 10.73 -3.39 2.79
CA THR A 21 11.46 -2.53 3.71
C THR A 21 11.36 -3.05 5.15
N ARG A 22 10.14 -3.03 5.69
CA ARG A 22 9.91 -3.49 7.04
C ARG A 22 10.06 -5.01 7.15
N SER A 23 11.13 -5.44 7.80
CA SER A 23 11.40 -6.87 7.95
C SER A 23 11.59 -7.22 9.42
N TYR A 24 10.87 -6.53 10.30
CA TYR A 24 10.96 -6.77 11.74
C TYR A 24 9.57 -6.92 12.35
N GLU A 25 8.76 -5.87 12.22
CA GLU A 25 7.40 -5.88 12.77
C GLU A 25 6.40 -5.42 11.72
N PHE A 26 6.65 -5.78 10.46
CA PHE A 26 5.77 -5.40 9.37
C PHE A 26 4.40 -6.05 9.53
N ILE A 27 3.42 -5.55 8.78
CA ILE A 27 2.06 -6.07 8.85
C ILE A 27 1.55 -6.44 7.46
N GLU A 28 0.94 -7.61 7.36
CA GLU A 28 0.41 -8.09 6.09
C GLU A 28 -0.87 -8.90 6.29
N VAL A 29 -2.01 -8.26 6.07
CA VAL A 29 -3.30 -8.91 6.25
C VAL A 29 -4.29 -8.46 5.19
N GLU A 30 -5.22 -9.34 4.83
CA GLU A 30 -6.23 -9.02 3.82
C GLU A 30 -7.61 -8.94 4.45
N ILE A 31 -8.48 -8.12 3.87
CA ILE A 31 -9.84 -7.95 4.37
C ILE A 31 -10.86 -8.34 3.31
N LYS A 32 -11.65 -9.36 3.61
CA LYS A 32 -12.68 -9.82 2.69
C LYS A 32 -12.09 -10.08 1.30
N GLY A 33 -10.85 -10.55 1.27
CA GLY A 33 -10.19 -10.82 0.00
C GLY A 33 -10.27 -9.65 -0.96
N ARG A 34 -10.31 -8.44 -0.41
CA ARG A 34 -10.38 -7.24 -1.23
C ARG A 34 -9.47 -6.15 -0.68
N GLY A 35 -9.45 -6.01 0.64
CA GLY A 35 -8.61 -5.00 1.27
C GLY A 35 -7.23 -5.52 1.60
N LYS A 36 -6.28 -4.60 1.75
CA LYS A 36 -4.90 -4.97 2.07
C LYS A 36 -4.34 -4.09 3.18
N ALA A 37 -3.43 -4.65 3.96
CA ALA A 37 -2.82 -3.92 5.06
C ALA A 37 -1.30 -4.10 5.07
N LYS A 38 -0.60 -3.06 4.64
CA LYS A 38 0.87 -3.09 4.59
C LYS A 38 1.47 -1.96 5.43
N LEU A 39 1.90 -2.28 6.64
CA LEU A 39 2.49 -1.30 7.53
C LEU A 39 4.01 -1.47 7.59
N GLY A 40 4.73 -0.51 7.00
CA GLY A 40 6.18 -0.58 7.00
C GLY A 40 6.82 0.72 7.46
N LYS A 41 8.06 0.65 7.91
CA LYS A 41 8.79 1.81 8.38
C LYS A 41 8.99 2.81 7.25
N ARG A 42 9.22 2.30 6.04
CA ARG A 42 9.43 3.15 4.87
C ARG A 42 8.30 2.98 3.86
N GLU A 43 7.11 2.68 4.36
CA GLU A 43 5.94 2.50 3.50
C GLU A 43 4.64 2.72 4.28
N PHE A 44 3.61 3.16 3.58
CA PHE A 44 2.32 3.41 4.20
C PHE A 44 1.18 3.09 3.23
N ALA A 45 0.69 1.86 3.29
CA ALA A 45 -0.40 1.43 2.42
C ALA A 45 -1.24 0.35 3.09
N TRP A 46 -2.36 0.77 3.68
CA TRP A 46 -3.25 -0.17 4.36
C TRP A 46 -4.67 0.39 4.43
N ILE A 47 -5.53 -0.05 3.51
CA ILE A 47 -6.91 0.40 3.48
C ILE A 47 -7.84 -0.71 3.03
N PRO A 48 -8.95 -0.88 3.78
CA PRO A 48 -9.95 -1.92 3.48
C PRO A 48 -10.73 -1.62 2.20
N GLU A 49 -10.10 -1.86 1.06
CA GLU A 49 -10.74 -1.62 -0.23
C GLU A 49 -10.00 -2.34 -1.35
N SER A 50 -10.65 -2.46 -2.50
CA SER A 50 -10.05 -3.13 -3.65
C SER A 50 -8.82 -2.38 -4.14
N GLY A 51 -8.87 -1.05 -4.05
CA GLY A 51 -7.75 -0.23 -4.49
C GLY A 51 -6.73 -0.02 -3.38
N LYS A 52 -7.20 0.01 -2.14
CA LYS A 52 -6.32 0.21 -0.99
C LYS A 52 -5.66 1.59 -1.05
N TYR A 53 -6.40 2.57 -1.56
CA TYR A 53 -5.88 3.94 -1.67
C TYR A 53 -6.76 4.91 -0.89
N TRP A 54 -7.17 4.50 0.31
CA TRP A 54 -8.00 5.33 1.16
C TRP A 54 -9.32 5.68 0.47
N ALA A 55 -9.89 4.69 -0.22
CA ALA A 55 -11.14 4.89 -0.93
C ALA A 55 -12.32 4.34 -0.12
N ASP A 56 -12.05 3.33 0.71
CA ASP A 56 -13.09 2.73 1.54
C ASP A 56 -13.87 3.80 2.30
N GLU A 57 -13.19 4.86 2.70
CA GLU A 57 -13.82 5.95 3.42
C GLU A 57 -13.31 7.30 2.93
N GLY A 1 10.99 -5.59 -17.99
CA GLY A 1 11.25 -4.35 -18.69
C GLY A 1 10.49 -3.18 -18.10
N SER A 2 10.65 -2.97 -16.80
CA SER A 2 9.97 -1.88 -16.11
C SER A 2 10.93 -1.12 -15.20
N MET A 3 10.73 0.19 -15.09
CA MET A 3 11.58 1.02 -14.26
C MET A 3 10.76 2.10 -13.56
N THR A 4 11.42 2.89 -12.71
CA THR A 4 10.76 3.95 -11.98
C THR A 4 10.22 5.02 -12.92
N LEU A 5 9.09 5.63 -12.54
CA LEU A 5 8.48 6.67 -13.36
C LEU A 5 8.24 7.94 -12.54
N PRO A 6 8.06 9.07 -13.23
CA PRO A 6 7.82 10.36 -12.58
C PRO A 6 6.44 10.43 -11.92
N PRO A 7 6.43 10.49 -10.59
CA PRO A 7 5.18 10.57 -9.81
C PRO A 7 4.48 11.90 -9.98
N GLU A 8 3.35 11.89 -10.70
CA GLU A 8 2.59 13.10 -10.93
C GLU A 8 1.91 13.58 -9.64
N LEU A 9 1.33 12.64 -8.91
CA LEU A 9 0.66 12.97 -7.66
C LEU A 9 1.66 13.27 -6.55
N SER A 10 1.24 14.05 -5.57
CA SER A 10 2.10 14.42 -4.45
C SER A 10 2.32 13.23 -3.52
N ILE A 11 1.27 12.45 -3.32
CA ILE A 11 1.35 11.27 -2.45
C ILE A 11 1.37 9.99 -3.26
N ILE A 12 2.19 9.04 -2.83
CA ILE A 12 2.31 7.76 -3.52
C ILE A 12 1.48 6.68 -2.81
N GLU A 13 0.43 6.22 -3.47
CA GLU A 13 -0.43 5.19 -2.91
C GLU A 13 -0.24 3.85 -3.62
N ILE A 14 0.33 2.89 -2.91
CA ILE A 14 0.58 1.56 -3.47
C ILE A 14 1.03 0.59 -2.39
N PRO A 15 0.36 -0.57 -2.33
CA PRO A 15 0.69 -1.62 -1.35
C PRO A 15 2.01 -2.29 -1.63
N PHE A 16 2.36 -2.39 -2.91
CA PHE A 16 3.62 -3.02 -3.31
C PHE A 16 4.80 -2.33 -2.65
N ASP A 17 4.69 -1.02 -2.46
CA ASP A 17 5.76 -0.25 -1.83
C ASP A 17 5.89 -0.60 -0.36
N ASP A 18 4.77 -0.91 0.28
CA ASP A 18 4.75 -1.26 1.69
C ASP A 18 5.52 -2.57 1.93
N VAL A 19 5.32 -3.54 1.05
CA VAL A 19 5.99 -4.82 1.16
C VAL A 19 7.39 -4.77 0.56
N GLU A 20 7.56 -3.95 -0.46
CA GLU A 20 8.86 -3.80 -1.12
C GLU A 20 9.82 -3.00 -0.25
N THR A 21 9.45 -1.77 0.06
CA THR A 21 10.28 -0.90 0.88
C THR A 21 10.70 -1.60 2.16
N ARG A 22 9.72 -2.01 2.96
CA ARG A 22 9.99 -2.69 4.23
C ARG A 22 10.08 -4.20 4.02
N SER A 23 11.10 -4.81 4.60
CA SER A 23 11.30 -6.25 4.47
C SER A 23 11.51 -6.89 5.85
N TYR A 24 12.23 -6.20 6.71
CA TYR A 24 12.51 -6.70 8.05
C TYR A 24 11.21 -6.92 8.83
N GLU A 25 10.42 -5.86 8.97
CA GLU A 25 9.16 -5.93 9.68
C GLU A 25 8.02 -5.36 8.85
N PHE A 26 7.77 -5.96 7.68
CA PHE A 26 6.72 -5.50 6.78
C PHE A 26 5.37 -6.07 7.20
N ILE A 27 4.29 -5.44 6.74
CA ILE A 27 2.95 -5.89 7.06
C ILE A 27 2.17 -6.22 5.79
N GLU A 28 1.47 -7.36 5.81
CA GLU A 28 0.69 -7.78 4.66
C GLU A 28 -0.42 -8.75 5.08
N VAL A 29 -1.64 -8.24 5.18
CA VAL A 29 -2.78 -9.05 5.58
C VAL A 29 -4.07 -8.54 4.94
N GLU A 30 -5.00 -9.46 4.70
CA GLU A 30 -6.28 -9.10 4.09
C GLU A 30 -7.36 -8.93 5.16
N ILE A 31 -8.32 -8.06 4.88
CA ILE A 31 -9.41 -7.79 5.82
C ILE A 31 -10.69 -8.51 5.38
N LYS A 32 -10.88 -9.72 5.88
CA LYS A 32 -12.07 -10.51 5.54
C LYS A 32 -12.26 -10.58 4.03
N GLY A 33 -11.16 -10.76 3.30
CA GLY A 33 -11.24 -10.85 1.86
C GLY A 33 -11.98 -9.68 1.24
N ARG A 34 -11.91 -8.53 1.90
CA ARG A 34 -12.58 -7.33 1.41
C ARG A 34 -11.58 -6.22 1.12
N GLY A 35 -10.74 -5.93 2.11
CA GLY A 35 -9.74 -4.88 1.95
C GLY A 35 -8.33 -5.42 1.96
N LYS A 36 -7.37 -4.54 2.24
CA LYS A 36 -5.96 -4.94 2.28
C LYS A 36 -5.20 -4.12 3.30
N ALA A 37 -4.16 -4.72 3.89
CA ALA A 37 -3.34 -4.03 4.88
C ALA A 37 -1.86 -4.16 4.55
N LYS A 38 -1.27 -3.07 4.08
CA LYS A 38 0.15 -3.05 3.72
C LYS A 38 0.85 -1.85 4.34
N LEU A 39 1.79 -2.10 5.24
CA LEU A 39 2.53 -1.04 5.90
C LEU A 39 4.01 -1.13 5.55
N GLY A 40 4.63 0.04 5.32
CA GLY A 40 6.03 0.08 4.97
C GLY A 40 6.75 1.25 5.61
N LYS A 41 8.05 1.09 5.85
CA LYS A 41 8.85 2.16 6.45
C LYS A 41 8.66 3.47 5.71
N ARG A 42 8.49 3.39 4.39
CA ARG A 42 8.31 4.57 3.56
C ARG A 42 7.03 4.46 2.74
N GLU A 43 6.04 3.76 3.28
CA GLU A 43 4.77 3.58 2.59
C GLU A 43 3.62 3.54 3.58
N PHE A 44 2.40 3.76 3.08
CA PHE A 44 1.21 3.76 3.92
C PHE A 44 -0.03 3.39 3.11
N ALA A 45 -0.40 2.12 3.15
CA ALA A 45 -1.57 1.64 2.42
C ALA A 45 -2.21 0.44 3.12
N TRP A 46 -3.14 0.72 4.02
CA TRP A 46 -3.82 -0.34 4.76
C TRP A 46 -5.20 0.13 5.23
N ILE A 47 -6.22 -0.26 4.48
CA ILE A 47 -7.59 0.12 4.82
C ILE A 47 -8.58 -0.94 4.36
N PRO A 48 -9.49 -1.34 5.27
CA PRO A 48 -10.52 -2.35 4.97
C PRO A 48 -11.57 -1.84 3.99
N GLU A 49 -11.21 -1.84 2.70
CA GLU A 49 -12.12 -1.38 1.66
C GLU A 49 -11.85 -2.10 0.35
N SER A 50 -12.90 -2.32 -0.44
CA SER A 50 -12.77 -3.00 -1.72
C SER A 50 -11.69 -2.34 -2.58
N GLY A 51 -11.55 -1.03 -2.44
CA GLY A 51 -10.54 -0.30 -3.20
C GLY A 51 -9.23 -0.17 -2.45
N LYS A 52 -9.27 -0.41 -1.15
CA LYS A 52 -8.08 -0.31 -0.33
C LYS A 52 -7.24 0.91 -0.70
N TYR A 53 -7.92 1.99 -1.07
CA TYR A 53 -7.25 3.23 -1.46
C TYR A 53 -7.72 4.40 -0.61
N TRP A 54 -8.14 4.10 0.62
CA TRP A 54 -8.61 5.12 1.54
C TRP A 54 -9.84 5.83 0.97
N ALA A 55 -10.74 5.07 0.37
CA ALA A 55 -11.96 5.62 -0.22
C ALA A 55 -13.14 5.42 0.71
N ASP A 56 -13.11 4.33 1.48
CA ASP A 56 -14.19 4.03 2.41
C ASP A 56 -14.51 5.23 3.29
N GLU A 57 -13.48 5.80 3.91
CA GLU A 57 -13.66 6.97 4.77
C GLU A 57 -12.36 7.76 4.89
N GLY A 1 -1.44 -7.01 -10.02
CA GLY A 1 -0.61 -5.87 -10.32
C GLY A 1 -1.42 -4.66 -10.80
N SER A 2 -0.75 -3.54 -10.97
CA SER A 2 -1.41 -2.32 -11.41
C SER A 2 -0.62 -1.63 -12.52
N MET A 3 -1.30 -0.82 -13.32
CA MET A 3 -0.66 -0.10 -14.41
C MET A 3 0.49 0.76 -13.91
N THR A 4 1.72 0.25 -14.06
CA THR A 4 2.90 0.97 -13.61
C THR A 4 2.98 2.35 -14.26
N LEU A 5 3.13 3.37 -13.43
CA LEU A 5 3.23 4.74 -13.92
C LEU A 5 4.33 5.50 -13.20
N PRO A 6 4.78 6.61 -13.81
CA PRO A 6 5.85 7.45 -13.25
C PRO A 6 5.38 8.21 -12.00
N PRO A 7 6.34 8.80 -11.27
CA PRO A 7 6.06 9.57 -10.06
C PRO A 7 5.34 10.87 -10.35
N GLU A 8 4.04 10.79 -10.58
CA GLU A 8 3.23 11.97 -10.88
C GLU A 8 2.92 12.74 -9.60
N LEU A 9 2.24 12.08 -8.67
CA LEU A 9 1.88 12.72 -7.40
C LEU A 9 2.88 12.34 -6.31
N SER A 10 2.68 12.92 -5.12
CA SER A 10 3.57 12.66 -4.00
C SER A 10 3.22 11.32 -3.33
N ILE A 11 1.93 11.02 -3.28
CA ILE A 11 1.46 9.78 -2.67
C ILE A 11 0.64 8.95 -3.66
N ILE A 12 1.00 7.68 -3.80
CA ILE A 12 0.30 6.79 -4.71
C ILE A 12 0.39 5.34 -4.25
N GLU A 13 -0.39 4.47 -4.86
CA GLU A 13 -0.38 3.05 -4.52
C GLU A 13 1.00 2.44 -4.71
N ILE A 14 1.77 2.35 -3.63
CA ILE A 14 3.11 1.79 -3.68
C ILE A 14 3.37 0.89 -2.48
N PRO A 15 2.88 -0.35 -2.55
CA PRO A 15 3.06 -1.33 -1.47
C PRO A 15 4.49 -1.82 -1.36
N PHE A 16 5.26 -1.63 -2.42
CA PHE A 16 6.66 -2.05 -2.45
C PHE A 16 7.50 -1.17 -1.52
N ASP A 17 6.97 0.00 -1.19
CA ASP A 17 7.67 0.94 -0.31
C ASP A 17 7.77 0.37 1.10
N ASP A 18 6.66 -0.18 1.60
CA ASP A 18 6.64 -0.74 2.94
C ASP A 18 7.44 -2.04 3.01
N VAL A 19 7.09 -2.99 2.15
CA VAL A 19 7.77 -4.27 2.10
C VAL A 19 9.28 -4.09 1.96
N GLU A 20 9.67 -2.97 1.36
CA GLU A 20 11.09 -2.67 1.15
C GLU A 20 11.67 -1.96 2.37
N THR A 21 11.12 -0.78 2.67
CA THR A 21 11.59 0.01 3.81
C THR A 21 11.64 -0.83 5.08
N ARG A 22 10.62 -1.66 5.27
CA ARG A 22 10.54 -2.52 6.44
C ARG A 22 11.76 -3.43 6.53
N SER A 23 12.24 -3.65 7.76
CA SER A 23 13.41 -4.50 7.98
C SER A 23 13.09 -5.60 8.99
N TYR A 24 12.29 -5.27 9.99
CA TYR A 24 11.91 -6.24 11.02
C TYR A 24 10.40 -6.25 11.23
N GLU A 25 9.80 -5.07 11.19
CA GLU A 25 8.35 -4.94 11.36
C GLU A 25 7.67 -4.55 10.06
N PHE A 26 6.65 -5.30 9.69
CA PHE A 26 5.91 -5.05 8.45
C PHE A 26 4.53 -5.69 8.49
N ILE A 27 3.71 -5.40 7.49
CA ILE A 27 2.37 -5.96 7.41
C ILE A 27 1.99 -6.27 5.97
N GLU A 28 1.32 -7.40 5.76
CA GLU A 28 0.88 -7.81 4.43
C GLU A 28 -0.28 -8.78 4.51
N VAL A 29 -1.49 -8.26 4.32
CA VAL A 29 -2.68 -9.09 4.37
C VAL A 29 -3.79 -8.54 3.47
N GLU A 30 -4.62 -9.41 2.95
CA GLU A 30 -5.72 -9.01 2.07
C GLU A 30 -7.06 -9.15 2.77
N ILE A 31 -7.88 -8.10 2.69
CA ILE A 31 -9.19 -8.11 3.32
C ILE A 31 -10.25 -8.64 2.36
N LYS A 32 -10.46 -9.96 2.41
CA LYS A 32 -11.46 -10.61 1.55
C LYS A 32 -11.24 -10.21 0.09
N GLY A 33 -9.99 -10.18 -0.33
CA GLY A 33 -9.68 -9.82 -1.71
C GLY A 33 -10.25 -8.47 -2.10
N ARG A 34 -10.37 -7.58 -1.12
CA ARG A 34 -10.92 -6.24 -1.38
C ARG A 34 -10.00 -5.17 -0.81
N GLY A 35 -9.73 -5.27 0.49
CA GLY A 35 -8.86 -4.29 1.14
C GLY A 35 -7.40 -4.69 1.09
N LYS A 36 -6.53 -3.76 1.47
CA LYS A 36 -5.09 -4.02 1.46
C LYS A 36 -4.45 -3.50 2.75
N ALA A 37 -3.45 -4.25 3.24
CA ALA A 37 -2.75 -3.87 4.46
C ALA A 37 -1.24 -3.95 4.27
N LYS A 38 -0.61 -2.80 4.03
CA LYS A 38 0.83 -2.74 3.83
C LYS A 38 1.47 -1.68 4.73
N LEU A 39 2.22 -2.13 5.71
CA LEU A 39 2.88 -1.21 6.64
C LEU A 39 4.40 -1.36 6.57
N GLY A 40 5.11 -0.24 6.63
CA GLY A 40 6.55 -0.27 6.58
C GLY A 40 7.19 0.80 7.44
N LYS A 41 8.52 0.84 7.44
CA LYS A 41 9.26 1.82 8.23
C LYS A 41 9.05 3.23 7.68
N ARG A 42 9.09 3.36 6.35
CA ARG A 42 8.91 4.65 5.70
C ARG A 42 7.75 4.59 4.71
N GLU A 43 6.76 3.76 4.99
CA GLU A 43 5.61 3.61 4.13
C GLU A 43 4.31 3.54 4.94
N PHE A 44 3.20 3.90 4.32
CA PHE A 44 1.91 3.87 4.99
C PHE A 44 0.79 3.63 3.98
N ALA A 45 0.46 2.36 3.75
CA ALA A 45 -0.60 2.00 2.83
C ALA A 45 -1.38 0.79 3.32
N TRP A 46 -2.43 1.05 4.10
CA TRP A 46 -3.26 -0.02 4.65
C TRP A 46 -4.64 0.49 5.00
N ILE A 47 -5.60 0.26 4.10
CA ILE A 47 -6.97 0.70 4.33
C ILE A 47 -7.97 -0.27 3.70
N PRO A 48 -8.99 -0.65 4.47
CA PRO A 48 -10.03 -1.57 4.00
C PRO A 48 -10.94 -0.94 2.95
N GLU A 49 -10.63 -1.22 1.68
CA GLU A 49 -11.42 -0.68 0.57
C GLU A 49 -10.86 -1.15 -0.76
N SER A 50 -11.57 -0.83 -1.84
CA SER A 50 -11.15 -1.23 -3.18
C SER A 50 -10.27 -0.15 -3.81
N GLY A 51 -9.85 0.82 -3.00
CA GLY A 51 -9.01 1.89 -3.49
C GLY A 51 -7.60 1.82 -2.94
N LYS A 52 -7.48 1.38 -1.69
CA LYS A 52 -6.18 1.26 -1.04
C LYS A 52 -5.43 2.59 -1.09
N TYR A 53 -6.17 3.68 -1.17
CA TYR A 53 -5.58 5.01 -1.21
C TYR A 53 -6.10 5.89 -0.08
N TRP A 54 -6.65 5.25 0.95
CA TRP A 54 -7.18 5.97 2.09
C TRP A 54 -8.16 7.05 1.66
N ALA A 55 -8.90 6.78 0.59
CA ALA A 55 -9.88 7.73 0.08
C ALA A 55 -11.29 7.17 0.16
N ASP A 56 -11.42 5.86 -0.04
CA ASP A 56 -12.72 5.21 0.02
C ASP A 56 -13.12 4.90 1.46
N GLU A 57 -12.13 4.56 2.28
CA GLU A 57 -12.37 4.24 3.68
C GLU A 57 -11.34 4.93 4.58
N GLY A 1 -1.89 -5.54 -13.80
CA GLY A 1 -1.69 -4.74 -14.99
C GLY A 1 -0.71 -3.61 -14.75
N SER A 2 0.20 -3.42 -15.72
CA SER A 2 1.20 -2.36 -15.61
C SER A 2 0.85 -1.19 -16.52
N MET A 3 0.40 -0.09 -15.92
CA MET A 3 0.03 1.10 -16.68
C MET A 3 0.75 2.33 -16.13
N THR A 4 1.79 2.77 -16.85
CA THR A 4 2.56 3.93 -16.44
C THR A 4 1.76 5.22 -16.60
N LEU A 5 1.80 6.07 -15.58
CA LEU A 5 1.06 7.33 -15.61
C LEU A 5 1.99 8.50 -15.27
N PRO A 6 1.56 9.71 -15.65
CA PRO A 6 2.34 10.94 -15.39
C PRO A 6 2.37 11.30 -13.91
N PRO A 7 3.25 12.25 -13.55
CA PRO A 7 3.40 12.70 -12.17
C PRO A 7 2.20 13.50 -11.69
N GLU A 8 1.16 12.81 -11.24
CA GLU A 8 -0.05 13.46 -10.75
C GLU A 8 0.14 13.95 -9.32
N LEU A 9 0.85 13.17 -8.52
CA LEU A 9 1.10 13.53 -7.13
C LEU A 9 2.59 13.63 -6.86
N SER A 10 2.94 13.96 -5.61
CA SER A 10 4.34 14.09 -5.22
C SER A 10 4.98 12.71 -5.03
N ILE A 11 4.50 11.97 -4.04
CA ILE A 11 5.03 10.64 -3.76
C ILE A 11 4.04 9.56 -4.20
N ILE A 12 4.56 8.36 -4.45
CA ILE A 12 3.74 7.24 -4.87
C ILE A 12 3.47 6.28 -3.72
N GLU A 13 2.20 5.93 -3.52
CA GLU A 13 1.82 5.02 -2.45
C GLU A 13 1.92 3.57 -2.91
N ILE A 14 2.73 2.79 -2.21
CA ILE A 14 2.92 1.39 -2.55
C ILE A 14 3.23 0.55 -1.30
N PRO A 15 2.68 -0.67 -1.25
CA PRO A 15 2.87 -1.58 -0.13
C PRO A 15 4.29 -2.11 -0.05
N PHE A 16 4.93 -2.27 -1.21
CA PHE A 16 6.29 -2.77 -1.27
C PHE A 16 7.21 -1.96 -0.36
N ASP A 17 6.90 -0.67 -0.20
CA ASP A 17 7.70 0.21 0.63
C ASP A 17 7.71 -0.28 2.08
N ASP A 18 6.55 -0.72 2.55
CA ASP A 18 6.43 -1.22 3.92
C ASP A 18 7.17 -2.54 4.10
N VAL A 19 6.74 -3.56 3.36
CA VAL A 19 7.37 -4.87 3.43
C VAL A 19 8.88 -4.77 3.24
N GLU A 20 9.31 -3.74 2.53
CA GLU A 20 10.73 -3.53 2.29
C GLU A 20 11.39 -2.80 3.46
N THR A 21 10.91 -1.60 3.75
CA THR A 21 11.43 -0.80 4.84
C THR A 21 11.36 -1.55 6.17
N ARG A 22 10.15 -1.93 6.56
CA ARG A 22 9.94 -2.66 7.80
C ARG A 22 10.71 -3.98 7.80
N SER A 23 10.99 -4.50 8.99
CA SER A 23 11.72 -5.75 9.12
C SER A 23 11.00 -6.89 8.42
N TYR A 24 11.57 -8.08 8.47
CA TYR A 24 10.97 -9.25 7.84
C TYR A 24 9.59 -9.53 8.40
N GLU A 25 9.38 -9.16 9.67
CA GLU A 25 8.10 -9.36 10.32
C GLU A 25 7.18 -8.16 10.12
N PHE A 26 7.11 -7.68 8.89
CA PHE A 26 6.27 -6.53 8.57
C PHE A 26 4.79 -6.86 8.76
N ILE A 27 3.94 -5.86 8.56
CA ILE A 27 2.50 -6.05 8.71
C ILE A 27 1.84 -6.30 7.36
N GLU A 28 1.19 -7.45 7.23
CA GLU A 28 0.52 -7.82 5.98
C GLU A 28 -0.75 -8.63 6.26
N VAL A 29 -1.90 -8.06 5.93
CA VAL A 29 -3.17 -8.73 6.14
C VAL A 29 -4.20 -8.31 5.09
N GLU A 30 -5.04 -9.26 4.69
CA GLU A 30 -6.07 -8.98 3.69
C GLU A 30 -7.36 -8.52 4.37
N ILE A 31 -8.01 -7.53 3.76
CA ILE A 31 -9.26 -7.00 4.30
C ILE A 31 -10.46 -7.74 3.73
N LYS A 32 -10.88 -8.80 4.41
CA LYS A 32 -12.01 -9.60 3.97
C LYS A 32 -11.87 -10.01 2.51
N GLY A 33 -10.64 -10.29 2.10
CA GLY A 33 -10.39 -10.69 0.74
C GLY A 33 -10.80 -9.63 -0.27
N ARG A 34 -10.73 -8.37 0.14
CA ARG A 34 -11.10 -7.26 -0.72
C ARG A 34 -9.94 -6.30 -0.91
N GLY A 35 -9.40 -5.80 0.20
CA GLY A 35 -8.29 -4.87 0.13
C GLY A 35 -7.01 -5.46 0.68
N LYS A 36 -6.14 -4.61 1.22
CA LYS A 36 -4.88 -5.05 1.78
C LYS A 36 -4.38 -4.09 2.85
N ALA A 37 -3.65 -4.61 3.82
CA ALA A 37 -3.12 -3.80 4.90
C ALA A 37 -1.60 -3.96 5.03
N LYS A 38 -0.87 -2.88 4.74
CA LYS A 38 0.58 -2.91 4.82
C LYS A 38 1.10 -1.77 5.70
N LEU A 39 1.58 -2.12 6.89
CA LEU A 39 2.11 -1.14 7.82
C LEU A 39 3.61 -1.28 7.97
N GLY A 40 4.35 -0.22 7.65
CA GLY A 40 5.79 -0.25 7.76
C GLY A 40 6.34 0.91 8.57
N LYS A 41 7.65 0.96 8.72
CA LYS A 41 8.31 2.02 9.48
C LYS A 41 8.30 3.33 8.70
N ARG A 42 8.39 3.22 7.38
CA ARG A 42 8.39 4.40 6.51
C ARG A 42 7.38 4.25 5.38
N GLU A 43 6.30 3.52 5.65
CA GLU A 43 5.27 3.30 4.65
C GLU A 43 3.88 3.36 5.28
N PHE A 44 2.90 3.81 4.51
CA PHE A 44 1.53 3.92 4.99
C PHE A 44 0.53 3.54 3.89
N ALA A 45 0.20 2.26 3.82
CA ALA A 45 -0.74 1.76 2.82
C ALA A 45 -1.55 0.60 3.37
N TRP A 46 -2.76 0.90 3.83
CA TRP A 46 -3.64 -0.13 4.38
C TRP A 46 -5.10 0.34 4.37
N ILE A 47 -5.85 -0.10 3.38
CA ILE A 47 -7.26 0.26 3.26
C ILE A 47 -8.03 -0.76 2.44
N PRO A 48 -9.32 -0.93 2.77
CA PRO A 48 -10.20 -1.88 2.08
C PRO A 48 -10.53 -1.44 0.66
N GLU A 49 -9.57 -1.65 -0.24
CA GLU A 49 -9.75 -1.27 -1.64
C GLU A 49 -8.79 -2.04 -2.54
N SER A 50 -9.06 -2.00 -3.85
CA SER A 50 -8.22 -2.70 -4.82
C SER A 50 -6.88 -1.99 -4.97
N GLY A 51 -6.90 -0.66 -4.88
CA GLY A 51 -5.68 0.11 -5.02
C GLY A 51 -4.93 0.24 -3.71
N LYS A 52 -5.67 0.28 -2.60
CA LYS A 52 -5.06 0.41 -1.28
C LYS A 52 -4.29 1.72 -1.16
N TYR A 53 -4.79 2.77 -1.80
CA TYR A 53 -4.15 4.07 -1.76
C TYR A 53 -5.10 5.13 -1.19
N TRP A 54 -5.87 4.73 -0.17
CA TRP A 54 -6.81 5.65 0.47
C TRP A 54 -7.91 6.06 -0.51
N ALA A 55 -8.41 5.10 -1.28
CA ALA A 55 -9.46 5.37 -2.24
C ALA A 55 -10.83 4.94 -1.70
N ASP A 56 -10.83 3.91 -0.87
CA ASP A 56 -12.07 3.40 -0.28
C ASP A 56 -12.85 4.54 0.39
N GLU A 57 -12.13 5.40 1.10
CA GLU A 57 -12.75 6.53 1.79
C GLU A 57 -12.99 7.69 0.83
N GLY A 1 -3.47 2.99 -11.43
CA GLY A 1 -2.04 2.95 -11.21
C GLY A 1 -1.32 2.18 -12.30
N SER A 2 -0.12 1.70 -11.97
CA SER A 2 0.68 0.94 -12.93
C SER A 2 0.98 1.78 -14.17
N MET A 3 1.26 3.06 -13.97
CA MET A 3 1.56 3.96 -15.07
C MET A 3 2.61 4.99 -14.66
N THR A 4 3.01 5.83 -15.61
CA THR A 4 4.01 6.86 -15.34
C THR A 4 3.42 8.00 -14.54
N LEU A 5 4.22 8.54 -13.61
CA LEU A 5 3.77 9.65 -12.78
C LEU A 5 4.29 10.98 -13.31
N PRO A 6 3.63 12.08 -12.89
CA PRO A 6 4.01 13.43 -13.31
C PRO A 6 5.34 13.87 -12.72
N PRO A 7 5.89 14.99 -13.24
CA PRO A 7 7.16 15.53 -12.79
C PRO A 7 7.07 16.12 -11.39
N GLU A 8 5.89 16.59 -11.02
CA GLU A 8 5.66 17.18 -9.71
C GLU A 8 6.20 16.27 -8.60
N LEU A 9 5.74 15.02 -8.61
CA LEU A 9 6.16 14.05 -7.61
C LEU A 9 6.83 12.84 -8.27
N SER A 10 7.26 11.89 -7.46
CA SER A 10 7.91 10.69 -7.96
C SER A 10 7.81 9.54 -6.95
N ILE A 11 6.65 9.44 -6.30
CA ILE A 11 6.43 8.40 -5.31
C ILE A 11 5.32 7.44 -5.76
N ILE A 12 5.71 6.21 -6.09
CA ILE A 12 4.76 5.20 -6.54
C ILE A 12 4.08 4.53 -5.35
N GLU A 13 2.75 4.59 -5.32
CA GLU A 13 1.98 3.99 -4.24
C GLU A 13 1.89 2.47 -4.41
N ILE A 14 2.76 1.75 -3.72
CA ILE A 14 2.78 0.29 -3.79
C ILE A 14 3.05 -0.33 -2.43
N PRO A 15 2.38 -1.45 -2.15
CA PRO A 15 2.54 -2.17 -0.88
C PRO A 15 3.91 -2.83 -0.74
N PHE A 16 4.49 -3.19 -1.88
CA PHE A 16 5.80 -3.83 -1.89
C PHE A 16 6.83 -3.01 -1.11
N ASP A 17 6.61 -1.69 -1.06
CA ASP A 17 7.50 -0.80 -0.34
C ASP A 17 7.29 -0.91 1.17
N ASP A 18 6.06 -1.20 1.57
CA ASP A 18 5.72 -1.33 2.97
C ASP A 18 6.37 -2.57 3.58
N VAL A 19 6.44 -3.65 2.80
CA VAL A 19 7.04 -4.89 3.26
C VAL A 19 8.55 -4.88 3.04
N GLU A 20 8.99 -4.15 2.02
CA GLU A 20 10.41 -4.06 1.71
C GLU A 20 11.11 -3.07 2.62
N THR A 21 10.62 -1.83 2.63
CA THR A 21 11.20 -0.78 3.46
C THR A 21 11.17 -1.18 4.94
N ARG A 22 9.99 -1.50 5.43
CA ARG A 22 9.83 -1.89 6.83
C ARG A 22 10.69 -3.11 7.15
N SER A 23 11.00 -3.29 8.42
CA SER A 23 11.82 -4.42 8.86
C SER A 23 11.16 -5.74 8.51
N TYR A 24 11.80 -6.84 8.88
CA TYR A 24 11.27 -8.17 8.60
C TYR A 24 9.89 -8.35 9.22
N GLU A 25 9.61 -7.58 10.27
CA GLU A 25 8.33 -7.65 10.96
C GLU A 25 7.32 -6.69 10.33
N PHE A 26 7.30 -6.64 9.01
CA PHE A 26 6.39 -5.76 8.29
C PHE A 26 4.94 -6.20 8.47
N ILE A 27 4.01 -5.38 8.01
CA ILE A 27 2.59 -5.69 8.11
C ILE A 27 1.99 -6.04 6.75
N GLU A 28 1.38 -7.22 6.66
CA GLU A 28 0.77 -7.67 5.42
C GLU A 28 -0.27 -8.75 5.69
N VAL A 29 -1.54 -8.35 5.69
CA VAL A 29 -2.63 -9.29 5.93
C VAL A 29 -3.90 -8.84 5.22
N GLU A 30 -4.73 -9.82 4.84
CA GLU A 30 -5.98 -9.52 4.15
C GLU A 30 -7.12 -9.33 5.14
N ILE A 31 -8.09 -8.50 4.76
CA ILE A 31 -9.23 -8.23 5.62
C ILE A 31 -10.49 -8.94 5.11
N LYS A 32 -10.82 -10.06 5.74
CA LYS A 32 -11.99 -10.83 5.35
C LYS A 32 -11.98 -11.12 3.85
N GLY A 33 -10.80 -11.40 3.31
CA GLY A 33 -10.68 -11.69 1.89
C GLY A 33 -11.33 -10.62 1.03
N ARG A 34 -11.33 -9.39 1.51
CA ARG A 34 -11.92 -8.27 0.77
C ARG A 34 -10.85 -7.26 0.38
N GLY A 35 -10.04 -6.85 1.36
CA GLY A 35 -9.00 -5.88 1.09
C GLY A 35 -7.64 -6.36 1.53
N LYS A 36 -6.77 -5.43 1.91
CA LYS A 36 -5.42 -5.77 2.36
C LYS A 36 -4.84 -4.67 3.24
N ALA A 37 -3.98 -5.05 4.16
CA ALA A 37 -3.34 -4.09 5.06
C ALA A 37 -1.82 -4.13 4.94
N LYS A 38 -1.24 -3.07 4.39
CA LYS A 38 0.20 -2.98 4.22
C LYS A 38 0.76 -1.74 4.90
N LEU A 39 1.46 -1.95 6.01
CA LEU A 39 2.05 -0.83 6.75
C LEU A 39 3.58 -0.95 6.78
N GLY A 40 4.26 0.13 6.43
CA GLY A 40 5.71 0.14 6.42
C GLY A 40 6.28 1.48 6.85
N LYS A 41 7.61 1.56 6.86
CA LYS A 41 8.29 2.79 7.25
C LYS A 41 8.19 3.83 6.14
N ARG A 42 8.33 3.38 4.90
CA ARG A 42 8.26 4.27 3.75
C ARG A 42 7.05 3.96 2.88
N GLU A 43 5.99 3.47 3.51
CA GLU A 43 4.77 3.11 2.79
C GLU A 43 3.55 3.27 3.70
N PHE A 44 2.38 3.43 3.08
CA PHE A 44 1.14 3.60 3.83
C PHE A 44 -0.06 3.21 2.97
N ALA A 45 -0.44 1.94 3.01
CA ALA A 45 -1.57 1.44 2.24
C ALA A 45 -2.23 0.26 2.93
N TRP A 46 -3.32 0.52 3.63
CA TRP A 46 -4.05 -0.53 4.34
C TRP A 46 -5.52 -0.17 4.49
N ILE A 47 -6.36 -0.78 3.66
CA ILE A 47 -7.79 -0.52 3.70
C ILE A 47 -8.58 -1.70 3.15
N PRO A 48 -9.61 -2.13 3.90
CA PRO A 48 -10.46 -3.26 3.51
C PRO A 48 -11.34 -2.93 2.31
N GLU A 49 -10.74 -2.95 1.12
CA GLU A 49 -11.47 -2.65 -0.10
C GLU A 49 -10.78 -3.29 -1.31
N SER A 50 -11.40 -3.16 -2.47
CA SER A 50 -10.86 -3.71 -3.71
C SER A 50 -9.58 -2.98 -4.12
N GLY A 51 -9.67 -1.65 -4.18
CA GLY A 51 -8.53 -0.84 -4.56
C GLY A 51 -7.34 -1.04 -3.63
N LYS A 52 -7.59 -0.96 -2.34
CA LYS A 52 -6.54 -1.12 -1.34
C LYS A 52 -5.55 0.04 -1.39
N TYR A 53 -5.96 1.13 -2.02
CA TYR A 53 -5.11 2.31 -2.15
C TYR A 53 -5.78 3.54 -1.54
N TRP A 54 -6.57 3.31 -0.50
CA TRP A 54 -7.28 4.39 0.17
C TRP A 54 -8.27 5.07 -0.77
N ALA A 55 -9.21 4.28 -1.29
CA ALA A 55 -10.22 4.79 -2.20
C ALA A 55 -11.62 4.59 -1.64
N ASP A 56 -11.78 3.57 -0.81
CA ASP A 56 -13.08 3.27 -0.20
C ASP A 56 -13.68 4.52 0.44
N GLU A 57 -12.82 5.37 0.99
CA GLU A 57 -13.27 6.61 1.63
C GLU A 57 -14.18 6.29 2.81
N GLY A 1 -5.31 -8.39 -8.12
CA GLY A 1 -3.89 -8.07 -8.11
C GLY A 1 -3.62 -6.59 -7.90
N SER A 2 -2.40 -6.26 -7.50
CA SER A 2 -2.03 -4.87 -7.26
C SER A 2 -0.87 -4.47 -8.16
N MET A 3 -1.08 -3.42 -8.96
CA MET A 3 -0.04 -2.93 -9.87
C MET A 3 0.35 -1.50 -9.52
N THR A 4 1.66 -1.25 -9.47
CA THR A 4 2.17 0.08 -9.14
C THR A 4 2.18 0.98 -10.37
N LEU A 5 1.95 2.27 -10.15
CA LEU A 5 1.92 3.24 -11.24
C LEU A 5 3.11 4.20 -11.14
N PRO A 6 3.45 4.85 -12.26
CA PRO A 6 4.55 5.80 -12.32
C PRO A 6 4.27 7.08 -11.54
N PRO A 7 5.31 7.90 -11.32
CA PRO A 7 5.20 9.16 -10.59
C PRO A 7 4.41 10.21 -11.36
N GLU A 8 3.10 10.22 -11.17
CA GLU A 8 2.24 11.19 -11.84
C GLU A 8 2.12 12.48 -11.04
N LEU A 9 1.66 12.36 -9.80
CA LEU A 9 1.50 13.51 -8.92
C LEU A 9 2.68 13.65 -7.97
N SER A 10 2.85 14.84 -7.42
CA SER A 10 3.95 15.10 -6.49
C SER A 10 3.94 14.09 -5.36
N ILE A 11 2.79 13.95 -4.70
CA ILE A 11 2.66 13.01 -3.60
C ILE A 11 1.82 11.80 -3.99
N ILE A 12 2.41 10.61 -3.89
CA ILE A 12 1.71 9.38 -4.24
C ILE A 12 2.05 8.26 -3.26
N GLU A 13 1.07 7.40 -2.99
CA GLU A 13 1.27 6.30 -2.07
C GLU A 13 1.43 4.98 -2.83
N ILE A 14 2.29 4.11 -2.31
CA ILE A 14 2.54 2.82 -2.94
C ILE A 14 2.97 1.78 -1.91
N PRO A 15 2.50 0.53 -2.10
CA PRO A 15 2.83 -0.58 -1.19
C PRO A 15 4.29 -1.00 -1.31
N PHE A 16 4.86 -0.84 -2.50
CA PHE A 16 6.25 -1.20 -2.75
C PHE A 16 7.18 -0.51 -1.75
N ASP A 17 6.81 0.71 -1.36
CA ASP A 17 7.61 1.48 -0.41
C ASP A 17 7.56 0.85 0.97
N ASP A 18 6.41 0.29 1.32
CA ASP A 18 6.25 -0.35 2.62
C ASP A 18 7.13 -1.58 2.75
N VAL A 19 6.84 -2.60 1.96
CA VAL A 19 7.61 -3.84 1.98
C VAL A 19 9.10 -3.56 1.83
N GLU A 20 9.42 -2.49 1.11
CA GLU A 20 10.82 -2.11 0.90
C GLU A 20 11.41 -1.48 2.15
N THR A 21 10.81 -0.38 2.59
CA THR A 21 11.29 0.32 3.79
C THR A 21 11.32 -0.62 5.00
N ARG A 22 10.18 -1.21 5.32
CA ARG A 22 10.09 -2.13 6.45
C ARG A 22 10.95 -3.37 6.21
N SER A 23 11.31 -4.04 7.30
CA SER A 23 12.14 -5.24 7.21
C SER A 23 11.42 -6.33 6.43
N TYR A 24 12.07 -7.48 6.30
CA TYR A 24 11.51 -8.61 5.56
C TYR A 24 10.19 -9.06 6.21
N GLU A 25 10.01 -8.71 7.47
CA GLU A 25 8.80 -9.08 8.20
C GLU A 25 7.74 -7.99 8.07
N PHE A 26 7.59 -7.46 6.87
CA PHE A 26 6.61 -6.40 6.61
C PHE A 26 5.22 -6.83 7.07
N ILE A 27 4.27 -5.90 7.00
CA ILE A 27 2.91 -6.18 7.41
C ILE A 27 2.02 -6.49 6.19
N GLU A 28 1.95 -7.76 5.83
CA GLU A 28 1.14 -8.17 4.69
C GLU A 28 -0.12 -8.90 5.16
N VAL A 29 -1.27 -8.29 4.90
CA VAL A 29 -2.55 -8.87 5.29
C VAL A 29 -3.66 -8.46 4.33
N GLU A 30 -4.46 -9.43 3.90
CA GLU A 30 -5.56 -9.17 2.98
C GLU A 30 -6.84 -8.85 3.74
N ILE A 31 -7.55 -7.82 3.29
CA ILE A 31 -8.80 -7.42 3.93
C ILE A 31 -9.99 -8.13 3.31
N LYS A 32 -10.33 -9.29 3.86
CA LYS A 32 -11.45 -10.07 3.36
C LYS A 32 -11.35 -10.29 1.86
N GLY A 33 -10.12 -10.44 1.37
CA GLY A 33 -9.90 -10.65 -0.05
C GLY A 33 -10.54 -9.57 -0.90
N ARG A 34 -10.63 -8.36 -0.35
CA ARG A 34 -11.24 -7.25 -1.07
C ARG A 34 -10.23 -6.12 -1.26
N GLY A 35 -9.38 -5.91 -0.25
CA GLY A 35 -8.39 -4.86 -0.33
C GLY A 35 -7.00 -5.35 0.03
N LYS A 36 -6.07 -4.43 0.20
CA LYS A 36 -4.69 -4.77 0.54
C LYS A 36 -4.18 -3.91 1.70
N ALA A 37 -3.55 -4.55 2.68
CA ALA A 37 -3.02 -3.84 3.83
C ALA A 37 -1.50 -4.00 3.92
N LYS A 38 -0.78 -2.92 3.68
CA LYS A 38 0.68 -2.93 3.72
C LYS A 38 1.20 -1.81 4.62
N LEU A 39 1.66 -2.18 5.81
CA LEU A 39 2.19 -1.20 6.75
C LEU A 39 3.71 -1.30 6.84
N GLY A 40 4.38 -0.15 6.81
CA GLY A 40 5.83 -0.12 6.89
C GLY A 40 6.33 0.76 8.01
N LYS A 41 7.57 0.51 8.45
CA LYS A 41 8.17 1.29 9.53
C LYS A 41 8.05 2.78 9.24
N ARG A 42 8.25 3.17 7.98
CA ARG A 42 8.17 4.57 7.58
C ARG A 42 7.28 4.73 6.35
N GLU A 43 6.29 3.85 6.22
CA GLU A 43 5.37 3.89 5.08
C GLU A 43 3.93 3.73 5.55
N PHE A 44 2.99 4.04 4.66
CA PHE A 44 1.57 3.93 4.98
C PHE A 44 0.77 3.60 3.73
N ALA A 45 0.42 2.33 3.57
CA ALA A 45 -0.36 1.87 2.42
C ALA A 45 -1.21 0.65 2.78
N TRP A 46 -2.42 0.91 3.28
CA TRP A 46 -3.32 -0.17 3.65
C TRP A 46 -4.77 0.31 3.66
N ILE A 47 -5.51 -0.04 2.62
CA ILE A 47 -6.91 0.35 2.51
C ILE A 47 -7.76 -0.77 1.91
N PRO A 48 -8.89 -1.05 2.56
CA PRO A 48 -9.81 -2.09 2.11
C PRO A 48 -10.53 -1.73 0.81
N GLU A 49 -9.83 -1.90 -0.31
CA GLU A 49 -10.40 -1.58 -1.61
C GLU A 49 -9.44 -1.98 -2.74
N SER A 50 -9.85 -1.72 -3.96
CA SER A 50 -9.03 -2.06 -5.13
C SER A 50 -8.17 -0.86 -5.55
N GLY A 51 -8.14 0.16 -4.70
CA GLY A 51 -7.36 1.35 -5.00
C GLY A 51 -6.17 1.50 -4.09
N LYS A 52 -6.34 1.12 -2.83
CA LYS A 52 -5.26 1.21 -1.85
C LYS A 52 -4.71 2.64 -1.78
N TYR A 53 -5.55 3.60 -2.15
CA TYR A 53 -5.14 5.00 -2.12
C TYR A 53 -6.06 5.82 -1.22
N TRP A 54 -6.59 5.18 -0.19
CA TRP A 54 -7.48 5.85 0.75
C TRP A 54 -8.77 6.29 0.06
N ALA A 55 -9.30 5.42 -0.79
CA ALA A 55 -10.53 5.72 -1.51
C ALA A 55 -11.73 5.06 -0.85
N ASP A 56 -11.50 3.89 -0.25
CA ASP A 56 -12.57 3.15 0.42
C ASP A 56 -13.34 4.07 1.36
N GLU A 57 -12.63 4.81 2.20
CA GLU A 57 -13.25 5.71 3.15
C GLU A 57 -12.95 7.16 2.78
N GLY A 1 15.07 0.98 -3.79
CA GLY A 1 15.32 2.36 -3.40
C GLY A 1 14.09 3.24 -3.59
N SER A 2 13.68 3.41 -4.85
CA SER A 2 12.52 4.23 -5.16
C SER A 2 12.09 4.02 -6.60
N MET A 3 10.82 4.31 -6.89
CA MET A 3 10.28 4.16 -8.23
C MET A 3 10.26 5.50 -8.97
N THR A 4 10.52 5.45 -10.27
CA THR A 4 10.53 6.66 -11.09
C THR A 4 9.17 6.92 -11.72
N LEU A 5 8.84 8.20 -11.86
CA LEU A 5 7.55 8.58 -12.45
C LEU A 5 7.67 9.92 -13.17
N PRO A 6 6.72 10.20 -14.08
CA PRO A 6 6.70 11.44 -14.85
C PRO A 6 6.33 12.64 -13.99
N PRO A 7 6.52 13.85 -14.54
CA PRO A 7 6.22 15.10 -13.84
C PRO A 7 4.72 15.31 -13.65
N GLU A 8 3.94 14.87 -14.64
CA GLU A 8 2.49 15.01 -14.59
C GLU A 8 1.93 14.43 -13.30
N LEU A 9 2.50 13.30 -12.87
CA LEU A 9 2.06 12.62 -11.66
C LEU A 9 2.93 13.02 -10.48
N SER A 10 2.29 13.26 -9.33
CA SER A 10 3.00 13.64 -8.12
C SER A 10 3.31 12.42 -7.26
N ILE A 11 2.27 11.85 -6.66
CA ILE A 11 2.42 10.68 -5.80
C ILE A 11 1.38 9.61 -6.14
N ILE A 12 1.66 8.39 -5.73
CA ILE A 12 0.75 7.28 -5.98
C ILE A 12 0.90 6.18 -4.93
N GLU A 13 -0.23 5.66 -4.46
CA GLU A 13 -0.22 4.60 -3.45
C GLU A 13 -0.01 3.24 -4.09
N ILE A 14 0.45 2.28 -3.29
CA ILE A 14 0.70 0.93 -3.78
C ILE A 14 1.15 0.02 -2.65
N PRO A 15 0.49 -1.14 -2.50
CA PRO A 15 0.82 -2.13 -1.48
C PRO A 15 2.15 -2.82 -1.73
N PHE A 16 2.48 -3.00 -3.01
CA PHE A 16 3.73 -3.65 -3.39
C PHE A 16 4.93 -2.89 -2.82
N ASP A 17 4.75 -1.59 -2.60
CA ASP A 17 5.82 -0.76 -2.08
C ASP A 17 6.07 -1.07 -0.60
N ASP A 18 5.00 -1.39 0.11
CA ASP A 18 5.10 -1.72 1.53
C ASP A 18 5.80 -3.05 1.74
N VAL A 19 5.51 -4.02 0.87
CA VAL A 19 6.10 -5.34 0.97
C VAL A 19 7.51 -5.34 0.36
N GLU A 20 7.73 -4.47 -0.61
CA GLU A 20 9.03 -4.37 -1.26
C GLU A 20 9.99 -3.51 -0.46
N THR A 21 9.63 -2.23 -0.29
CA THR A 21 10.47 -1.31 0.46
C THR A 21 10.84 -1.88 1.82
N ARG A 22 9.84 -2.24 2.62
CA ARG A 22 10.06 -2.79 3.94
C ARG A 22 10.89 -4.07 3.85
N SER A 23 12.18 -3.95 4.11
CA SER A 23 13.08 -5.09 4.06
C SER A 23 12.65 -6.17 5.04
N TYR A 24 12.41 -5.77 6.28
CA TYR A 24 11.99 -6.69 7.33
C TYR A 24 10.64 -7.33 6.98
N GLU A 25 10.15 -8.18 7.88
CA GLU A 25 8.87 -8.85 7.67
C GLU A 25 7.74 -7.83 7.51
N PHE A 26 7.42 -7.53 6.26
CA PHE A 26 6.36 -6.56 5.97
C PHE A 26 5.06 -6.97 6.65
N ILE A 27 4.04 -6.12 6.52
CA ILE A 27 2.74 -6.40 7.12
C ILE A 27 1.68 -6.68 6.05
N GLU A 28 1.16 -7.91 6.07
CA GLU A 28 0.15 -8.31 5.09
C GLU A 28 -0.97 -9.11 5.78
N VAL A 29 -2.16 -8.52 5.80
CA VAL A 29 -3.31 -9.18 6.42
C VAL A 29 -4.61 -8.76 5.75
N GLU A 30 -5.51 -9.70 5.56
CA GLU A 30 -6.79 -9.44 4.92
C GLU A 30 -7.88 -9.20 5.96
N ILE A 31 -8.86 -8.37 5.62
CA ILE A 31 -9.96 -8.06 6.52
C ILE A 31 -11.27 -8.70 6.06
N LYS A 32 -11.55 -9.90 6.57
CA LYS A 32 -12.76 -10.61 6.20
C LYS A 32 -12.91 -10.71 4.68
N GLY A 33 -11.80 -10.98 4.00
CA GLY A 33 -11.83 -11.08 2.56
C GLY A 33 -12.47 -9.89 1.90
N ARG A 34 -12.34 -8.73 2.54
CA ARG A 34 -12.92 -7.50 2.00
C ARG A 34 -11.83 -6.50 1.63
N GLY A 35 -10.92 -6.25 2.57
CA GLY A 35 -9.84 -5.32 2.33
C GLY A 35 -8.48 -5.95 2.50
N LYS A 36 -7.47 -5.12 2.75
CA LYS A 36 -6.11 -5.61 2.94
C LYS A 36 -5.25 -4.58 3.69
N ALA A 37 -4.27 -5.07 4.44
CA ALA A 37 -3.39 -4.19 5.20
C ALA A 37 -1.95 -4.32 4.72
N LYS A 38 -1.39 -3.23 4.20
CA LYS A 38 -0.02 -3.23 3.71
C LYS A 38 0.78 -2.09 4.34
N LEU A 39 1.57 -2.42 5.36
CA LEU A 39 2.38 -1.43 6.05
C LEU A 39 3.86 -1.65 5.78
N GLY A 40 4.54 -0.62 5.30
CA GLY A 40 5.95 -0.72 5.01
C GLY A 40 6.75 0.43 5.58
N LYS A 41 8.07 0.38 5.38
CA LYS A 41 8.96 1.43 5.88
C LYS A 41 8.71 2.74 5.14
N ARG A 42 8.40 2.64 3.86
CA ARG A 42 8.15 3.82 3.03
C ARG A 42 6.81 3.70 2.29
N GLU A 43 5.87 2.99 2.91
CA GLU A 43 4.55 2.79 2.31
C GLU A 43 3.45 2.92 3.37
N PHE A 44 2.25 3.25 2.91
CA PHE A 44 1.11 3.41 3.82
C PHE A 44 -0.20 3.12 3.10
N ALA A 45 -0.60 1.84 3.12
CA ALA A 45 -1.84 1.43 2.47
C ALA A 45 -2.46 0.22 3.19
N TRP A 46 -3.37 0.51 4.11
CA TRP A 46 -4.04 -0.54 4.87
C TRP A 46 -5.44 -0.11 5.29
N ILE A 47 -6.45 -0.57 4.58
CA ILE A 47 -7.83 -0.22 4.88
C ILE A 47 -8.78 -1.34 4.46
N PRO A 48 -9.70 -1.71 5.38
CA PRO A 48 -10.68 -2.76 5.13
C PRO A 48 -11.73 -2.36 4.09
N GLU A 49 -11.33 -2.37 2.82
CA GLU A 49 -12.23 -2.00 1.74
C GLU A 49 -11.66 -2.41 0.39
N SER A 50 -12.40 -2.10 -0.67
CA SER A 50 -11.96 -2.45 -2.03
C SER A 50 -11.17 -1.30 -2.65
N GLY A 51 -10.80 -0.33 -1.83
CA GLY A 51 -10.04 0.81 -2.32
C GLY A 51 -8.56 0.68 -2.03
N LYS A 52 -8.22 0.38 -0.79
CA LYS A 52 -6.83 0.22 -0.39
C LYS A 52 -6.07 1.54 -0.53
N TYR A 53 -6.82 2.62 -0.69
CA TYR A 53 -6.22 3.95 -0.85
C TYR A 53 -6.73 4.91 0.22
N TRP A 54 -7.20 4.35 1.33
CA TRP A 54 -7.73 5.16 2.42
C TRP A 54 -8.78 6.15 1.92
N ALA A 55 -9.53 5.73 0.91
CA ALA A 55 -10.57 6.58 0.34
C ALA A 55 -11.96 5.96 0.53
N ASP A 56 -12.02 4.65 0.43
CA ASP A 56 -13.29 3.94 0.60
C ASP A 56 -13.89 4.21 1.97
N GLU A 57 -13.03 4.36 2.97
CA GLU A 57 -13.47 4.62 4.34
C GLU A 57 -14.43 5.80 4.38
N GLY A 1 7.27 15.62 -1.89
CA GLY A 1 6.12 15.22 -1.09
C GLY A 1 5.17 14.34 -1.86
N SER A 2 3.94 14.24 -1.37
CA SER A 2 2.92 13.41 -2.02
C SER A 2 2.01 14.26 -2.88
N MET A 3 2.59 14.91 -3.89
CA MET A 3 1.82 15.76 -4.79
C MET A 3 1.55 15.03 -6.11
N THR A 4 0.47 15.43 -6.78
CA THR A 4 0.10 14.81 -8.06
C THR A 4 1.26 14.84 -9.04
N LEU A 5 1.50 13.72 -9.71
CA LEU A 5 2.59 13.61 -10.67
C LEU A 5 2.08 13.91 -12.09
N PRO A 6 3.01 14.24 -12.99
CA PRO A 6 2.69 14.55 -14.39
C PRO A 6 2.24 13.31 -15.16
N PRO A 7 1.68 13.54 -16.37
CA PRO A 7 1.21 12.45 -17.23
C PRO A 7 2.35 11.61 -17.80
N GLU A 8 3.46 12.27 -18.09
CA GLU A 8 4.63 11.59 -18.64
C GLU A 8 5.05 10.41 -17.76
N LEU A 9 4.91 10.60 -16.44
CA LEU A 9 5.27 9.56 -15.49
C LEU A 9 4.04 9.00 -14.79
N SER A 10 3.76 7.72 -15.03
CA SER A 10 2.61 7.06 -14.43
C SER A 10 3.04 6.06 -13.37
N ILE A 11 3.24 6.57 -12.15
CA ILE A 11 3.65 5.72 -11.03
C ILE A 11 2.62 5.74 -9.91
N ILE A 12 2.43 4.61 -9.26
CA ILE A 12 1.49 4.51 -8.14
C ILE A 12 2.11 3.82 -6.94
N GLU A 13 1.46 3.94 -5.79
CA GLU A 13 1.96 3.32 -4.56
C GLU A 13 1.60 1.84 -4.52
N ILE A 14 2.52 1.03 -4.00
CA ILE A 14 2.31 -0.41 -3.90
C ILE A 14 2.73 -0.93 -2.53
N PRO A 15 1.96 -1.89 -2.00
CA PRO A 15 2.24 -2.50 -0.69
C PRO A 15 3.48 -3.38 -0.72
N PHE A 16 3.86 -3.83 -1.91
CA PHE A 16 5.04 -4.67 -2.07
C PHE A 16 6.25 -4.05 -1.39
N ASP A 17 6.28 -2.72 -1.33
CA ASP A 17 7.38 -2.00 -0.71
C ASP A 17 7.46 -2.31 0.79
N ASP A 18 6.31 -2.44 1.42
CA ASP A 18 6.24 -2.75 2.84
C ASP A 18 6.64 -4.20 3.11
N VAL A 19 5.89 -5.13 2.55
CA VAL A 19 6.17 -6.55 2.73
C VAL A 19 7.63 -6.87 2.44
N GLU A 20 8.22 -6.09 1.52
CA GLU A 20 9.62 -6.29 1.16
C GLU A 20 10.55 -5.57 2.14
N THR A 21 10.39 -4.26 2.24
CA THR A 21 11.21 -3.46 3.13
C THR A 21 11.09 -3.94 4.57
N ARG A 22 9.89 -3.79 5.13
CA ARG A 22 9.64 -4.22 6.50
C ARG A 22 9.90 -5.72 6.67
N SER A 23 10.80 -6.05 7.60
CA SER A 23 11.14 -7.44 7.86
C SER A 23 10.91 -7.79 9.32
N TYR A 24 11.19 -6.84 10.20
CA TYR A 24 11.02 -7.05 11.64
C TYR A 24 9.58 -6.83 12.06
N GLU A 25 9.07 -5.62 11.82
CA GLU A 25 7.71 -5.27 12.17
C GLU A 25 6.82 -5.20 10.92
N PHE A 26 6.99 -6.18 10.04
CA PHE A 26 6.21 -6.23 8.81
C PHE A 26 4.78 -6.70 9.08
N ILE A 27 3.82 -6.00 8.48
CA ILE A 27 2.41 -6.35 8.66
C ILE A 27 1.75 -6.67 7.32
N GLU A 28 1.12 -7.82 7.24
CA GLU A 28 0.43 -8.24 6.02
C GLU A 28 -0.76 -9.12 6.34
N VAL A 29 -1.96 -8.55 6.27
CA VAL A 29 -3.18 -9.28 6.55
C VAL A 29 -4.36 -8.73 5.74
N GLU A 30 -5.31 -9.59 5.41
CA GLU A 30 -6.48 -9.19 4.65
C GLU A 30 -7.64 -8.83 5.57
N ILE A 31 -8.48 -7.91 5.12
CA ILE A 31 -9.64 -7.48 5.90
C ILE A 31 -10.93 -8.08 5.35
N LYS A 32 -11.32 -9.21 5.90
CA LYS A 32 -12.55 -9.89 5.48
C LYS A 32 -12.56 -10.07 3.96
N GLY A 33 -11.41 -10.42 3.41
CA GLY A 33 -11.32 -10.63 1.97
C GLY A 33 -11.85 -9.45 1.18
N ARG A 34 -11.74 -8.25 1.75
CA ARG A 34 -12.22 -7.04 1.09
C ARG A 34 -11.13 -5.97 1.06
N GLY A 35 -10.57 -5.67 2.23
CA GLY A 35 -9.54 -4.67 2.32
C GLY A 35 -8.15 -5.27 2.38
N LYS A 36 -7.18 -4.48 2.83
CA LYS A 36 -5.80 -4.95 2.93
C LYS A 36 -5.04 -4.17 4.01
N ALA A 37 -4.07 -4.83 4.62
CA ALA A 37 -3.27 -4.20 5.67
C ALA A 37 -1.78 -4.41 5.42
N LYS A 38 -1.11 -3.35 4.96
CA LYS A 38 0.32 -3.42 4.68
C LYS A 38 1.05 -2.24 5.32
N LEU A 39 1.70 -2.49 6.44
CA LEU A 39 2.45 -1.45 7.15
C LEU A 39 3.94 -1.75 7.15
N GLY A 40 4.71 -0.88 6.50
CA GLY A 40 6.15 -1.06 6.43
C GLY A 40 6.91 0.23 6.62
N LYS A 41 8.23 0.14 6.58
CA LYS A 41 9.08 1.32 6.75
C LYS A 41 9.12 2.16 5.48
N ARG A 42 9.08 1.49 4.34
CA ARG A 42 9.11 2.17 3.05
C ARG A 42 7.75 2.08 2.35
N GLU A 43 6.69 2.03 3.15
CA GLU A 43 5.33 1.94 2.61
C GLU A 43 4.29 2.23 3.68
N PHE A 44 3.09 2.60 3.25
CA PHE A 44 2.01 2.90 4.18
C PHE A 44 0.66 2.75 3.51
N ALA A 45 0.10 1.54 3.57
CA ALA A 45 -1.20 1.27 2.97
C ALA A 45 -1.93 0.18 3.73
N TRP A 46 -2.98 0.57 4.46
CA TRP A 46 -3.77 -0.37 5.23
C TRP A 46 -5.13 0.20 5.57
N ILE A 47 -6.13 -0.15 4.77
CA ILE A 47 -7.49 0.33 4.98
C ILE A 47 -8.52 -0.65 4.42
N PRO A 48 -9.62 -0.83 5.15
CA PRO A 48 -10.70 -1.74 4.75
C PRO A 48 -11.48 -1.23 3.54
N GLU A 49 -11.01 -1.58 2.35
CA GLU A 49 -11.65 -1.16 1.12
C GLU A 49 -10.92 -1.72 -0.10
N SER A 50 -11.66 -2.40 -0.97
CA SER A 50 -11.08 -2.99 -2.16
C SER A 50 -11.15 -2.02 -3.34
N GLY A 51 -11.48 -0.77 -3.04
CA GLY A 51 -11.58 0.25 -4.07
C GLY A 51 -10.26 0.97 -4.30
N LYS A 52 -9.16 0.33 -3.94
CA LYS A 52 -7.84 0.91 -4.11
C LYS A 52 -7.64 2.07 -3.14
N TYR A 53 -7.98 1.86 -1.88
CA TYR A 53 -7.84 2.89 -0.86
C TYR A 53 -6.96 2.40 0.29
N TRP A 54 -5.65 2.47 0.10
CA TRP A 54 -4.70 2.03 1.11
C TRP A 54 -4.84 0.53 1.39
N ALA A 55 -5.15 -0.22 0.35
CA ALA A 55 -5.32 -1.66 0.47
C ALA A 55 -5.19 -2.36 -0.88
N ASP A 56 -6.01 -1.94 -1.83
CA ASP A 56 -5.99 -2.51 -3.18
C ASP A 56 -4.95 -1.81 -4.05
N GLU A 57 -4.77 -0.51 -3.83
CA GLU A 57 -3.81 0.27 -4.59
C GLU A 57 -2.43 -0.38 -4.56
N GLY A 1 -8.13 0.45 -15.77
CA GLY A 1 -6.96 -0.36 -15.46
C GLY A 1 -5.88 0.42 -14.74
N SER A 2 -5.23 -0.22 -13.78
CA SER A 2 -4.18 0.43 -13.01
C SER A 2 -2.85 -0.31 -13.19
N MET A 3 -1.82 0.44 -13.62
CA MET A 3 -0.50 -0.15 -13.83
C MET A 3 0.57 0.70 -13.15
N THR A 4 1.72 0.08 -12.88
CA THR A 4 2.83 0.77 -12.24
C THR A 4 3.29 1.97 -13.08
N LEU A 5 3.46 3.12 -12.43
CA LEU A 5 3.90 4.32 -13.11
C LEU A 5 5.19 4.85 -12.50
N PRO A 6 5.90 5.69 -13.26
CA PRO A 6 7.17 6.28 -12.82
C PRO A 6 6.96 7.31 -11.69
N PRO A 7 8.07 7.71 -11.06
CA PRO A 7 8.03 8.69 -9.96
C PRO A 7 7.70 10.09 -10.46
N GLU A 8 6.40 10.36 -10.60
CA GLU A 8 5.94 11.66 -11.06
C GLU A 8 5.83 12.64 -9.90
N LEU A 9 5.40 12.15 -8.75
CA LEU A 9 5.25 12.98 -7.55
C LEU A 9 6.20 12.53 -6.45
N SER A 10 6.18 13.23 -5.33
CA SER A 10 7.03 12.90 -4.19
C SER A 10 6.81 11.46 -3.74
N ILE A 11 5.68 11.22 -3.08
CA ILE A 11 5.35 9.89 -2.60
C ILE A 11 4.10 9.35 -3.27
N ILE A 12 4.10 8.05 -3.54
CA ILE A 12 2.96 7.41 -4.19
C ILE A 12 2.49 6.19 -3.41
N GLU A 13 1.17 5.99 -3.34
CA GLU A 13 0.61 4.86 -2.63
C GLU A 13 1.05 3.54 -3.25
N ILE A 14 1.65 2.67 -2.43
CA ILE A 14 2.13 1.38 -2.91
C ILE A 14 2.57 0.50 -1.75
N PRO A 15 2.05 -0.74 -1.70
CA PRO A 15 2.38 -1.69 -0.65
C PRO A 15 3.82 -2.21 -0.77
N PHE A 16 4.31 -2.30 -1.99
CA PHE A 16 5.67 -2.77 -2.24
C PHE A 16 6.67 -2.00 -1.40
N ASP A 17 6.39 -0.73 -1.17
CA ASP A 17 7.27 0.12 -0.39
C ASP A 17 7.10 -0.16 1.10
N ASP A 18 5.87 -0.37 1.53
CA ASP A 18 5.57 -0.65 2.92
C ASP A 18 6.42 -1.80 3.44
N VAL A 19 6.62 -2.80 2.59
CA VAL A 19 7.40 -3.98 2.95
C VAL A 19 8.88 -3.78 2.60
N GLU A 20 9.12 -2.99 1.55
CA GLU A 20 10.49 -2.73 1.10
C GLU A 20 11.20 -1.79 2.07
N THR A 21 10.75 -0.54 2.10
CA THR A 21 11.36 0.46 2.98
C THR A 21 11.46 -0.06 4.41
N ARG A 22 10.33 -0.45 4.99
CA ARG A 22 10.30 -0.97 6.35
C ARG A 22 11.18 -2.20 6.48
N SER A 23 11.62 -2.48 7.70
CA SER A 23 12.48 -3.64 7.96
C SER A 23 11.77 -4.93 7.57
N TYR A 24 12.44 -6.05 7.78
CA TYR A 24 11.89 -7.36 7.44
C TYR A 24 10.56 -7.59 8.17
N GLU A 25 10.46 -7.03 9.37
CA GLU A 25 9.24 -7.18 10.17
C GLU A 25 8.18 -6.16 9.75
N PHE A 26 7.84 -6.19 8.46
CA PHE A 26 6.83 -5.28 7.93
C PHE A 26 5.43 -5.87 8.04
N ILE A 27 4.43 -5.10 7.64
CA ILE A 27 3.05 -5.56 7.70
C ILE A 27 2.49 -5.80 6.31
N GLU A 28 1.89 -6.98 6.12
CA GLU A 28 1.32 -7.35 4.83
C GLU A 28 0.25 -8.41 4.99
N VAL A 29 -1.01 -8.02 4.74
CA VAL A 29 -2.12 -8.94 4.86
C VAL A 29 -3.25 -8.57 3.89
N GLU A 30 -3.91 -9.59 3.35
CA GLU A 30 -5.00 -9.38 2.41
C GLU A 30 -6.35 -9.31 3.14
N ILE A 31 -7.14 -8.30 2.80
CA ILE A 31 -8.46 -8.12 3.42
C ILE A 31 -9.54 -8.85 2.63
N LYS A 32 -9.79 -10.10 2.98
CA LYS A 32 -10.80 -10.90 2.30
C LYS A 32 -10.58 -10.89 0.79
N GLY A 33 -9.32 -10.93 0.39
CA GLY A 33 -9.00 -10.94 -1.03
C GLY A 33 -9.64 -9.79 -1.78
N ARG A 34 -9.85 -8.68 -1.08
CA ARG A 34 -10.46 -7.50 -1.68
C ARG A 34 -9.67 -6.23 -1.35
N GLY A 35 -9.30 -6.10 -0.08
CA GLY A 35 -8.55 -4.94 0.35
C GLY A 35 -7.05 -5.21 0.45
N LYS A 36 -6.31 -4.25 0.97
CA LYS A 36 -4.86 -4.39 1.11
C LYS A 36 -4.37 -3.71 2.40
N ALA A 37 -3.48 -4.39 3.11
CA ALA A 37 -2.93 -3.85 4.34
C ALA A 37 -1.41 -3.89 4.34
N LYS A 38 -0.79 -2.76 4.04
CA LYS A 38 0.67 -2.67 3.99
C LYS A 38 1.16 -1.46 4.77
N LEU A 39 1.87 -1.70 5.87
CA LEU A 39 2.41 -0.64 6.70
C LEU A 39 3.93 -0.64 6.67
N GLY A 40 4.51 0.54 6.46
CA GLY A 40 5.96 0.66 6.41
C GLY A 40 6.45 1.96 7.01
N LYS A 41 7.73 2.00 7.35
CA LYS A 41 8.33 3.21 7.94
C LYS A 41 8.35 4.34 6.93
N ARG A 42 8.60 4.02 5.66
CA ARG A 42 8.64 5.01 4.60
C ARG A 42 7.48 4.82 3.63
N GLU A 43 6.36 4.31 4.12
CA GLU A 43 5.19 4.07 3.30
C GLU A 43 3.93 3.98 4.16
N PHE A 44 2.77 4.16 3.52
CA PHE A 44 1.50 4.09 4.22
C PHE A 44 0.37 3.72 3.26
N ALA A 45 0.02 2.44 3.25
CA ALA A 45 -1.05 1.95 2.38
C ALA A 45 -1.71 0.70 2.96
N TRP A 46 -2.75 0.92 3.78
CA TRP A 46 -3.47 -0.18 4.40
C TRP A 46 -4.90 0.22 4.71
N ILE A 47 -5.83 -0.25 3.89
CA ILE A 47 -7.24 0.05 4.08
C ILE A 47 -8.13 -1.07 3.54
N PRO A 48 -9.08 -1.53 4.37
CA PRO A 48 -10.00 -2.60 4.00
C PRO A 48 -11.00 -2.16 2.95
N GLU A 49 -10.56 -2.12 1.69
CA GLU A 49 -11.42 -1.73 0.59
C GLU A 49 -10.71 -1.90 -0.75
N SER A 50 -11.49 -1.92 -1.83
CA SER A 50 -10.93 -2.09 -3.17
C SER A 50 -9.80 -1.09 -3.42
N GLY A 51 -10.07 0.18 -3.14
CA GLY A 51 -9.07 1.22 -3.34
C GLY A 51 -7.87 1.03 -2.45
N LYS A 52 -8.10 0.80 -1.16
CA LYS A 52 -7.02 0.61 -0.20
C LYS A 52 -6.34 1.93 0.13
N TYR A 53 -6.82 3.01 -0.48
CA TYR A 53 -6.26 4.33 -0.25
C TYR A 53 -7.26 5.23 0.46
N TRP A 54 -7.94 4.68 1.47
CA TRP A 54 -8.93 5.42 2.24
C TRP A 54 -10.08 5.89 1.34
N ALA A 55 -10.57 4.99 0.50
CA ALA A 55 -11.67 5.31 -0.41
C ALA A 55 -13.00 4.80 0.14
N ASP A 56 -12.94 3.74 0.95
CA ASP A 56 -14.14 3.16 1.54
C ASP A 56 -14.98 4.24 2.22
N GLU A 57 -14.38 4.93 3.18
CA GLU A 57 -15.08 5.98 3.91
C GLU A 57 -15.37 7.17 3.01
N GLY A 1 -8.92 6.28 -21.64
CA GLY A 1 -8.71 4.88 -21.37
C GLY A 1 -7.72 4.65 -20.25
N SER A 2 -7.41 3.38 -19.98
CA SER A 2 -6.47 3.03 -18.93
C SER A 2 -5.03 3.06 -19.43
N MET A 3 -4.25 4.00 -18.93
CA MET A 3 -2.85 4.13 -19.34
C MET A 3 -1.97 4.53 -18.16
N THR A 4 -1.29 3.54 -17.58
CA THR A 4 -0.41 3.79 -16.43
C THR A 4 0.73 4.73 -16.81
N LEU A 5 1.16 5.53 -15.85
CA LEU A 5 2.25 6.47 -16.08
C LEU A 5 3.29 6.37 -14.98
N PRO A 6 4.51 6.87 -15.27
CA PRO A 6 5.63 6.84 -14.31
C PRO A 6 5.41 7.79 -13.14
N PRO A 7 5.22 7.22 -11.95
CA PRO A 7 5.00 8.00 -10.72
C PRO A 7 6.25 8.75 -10.27
N GLU A 8 6.52 9.87 -10.93
CA GLU A 8 7.68 10.69 -10.60
C GLU A 8 7.35 11.73 -9.54
N LEU A 9 6.31 12.52 -9.81
CA LEU A 9 5.88 13.57 -8.88
C LEU A 9 4.44 13.34 -8.45
N SER A 10 3.91 14.28 -7.68
CA SER A 10 2.53 14.18 -7.20
C SER A 10 2.42 13.16 -6.08
N ILE A 11 1.21 12.96 -5.57
CA ILE A 11 0.97 12.00 -4.51
C ILE A 11 0.91 10.58 -5.05
N ILE A 12 1.96 9.82 -4.77
CA ILE A 12 2.04 8.43 -5.23
C ILE A 12 2.87 7.58 -4.28
N GLU A 13 2.22 6.61 -3.64
CA GLU A 13 2.90 5.72 -2.71
C GLU A 13 2.67 4.26 -3.07
N ILE A 14 3.55 3.39 -2.57
CA ILE A 14 3.45 1.96 -2.84
C ILE A 14 3.66 1.14 -1.58
N PRO A 15 2.90 0.04 -1.46
CA PRO A 15 2.98 -0.86 -0.30
C PRO A 15 4.29 -1.64 -0.27
N PHE A 16 5.06 -1.53 -1.34
CA PHE A 16 6.34 -2.22 -1.43
C PHE A 16 7.36 -1.63 -0.46
N ASP A 17 7.11 -0.40 -0.02
CA ASP A 17 8.00 0.28 0.91
C ASP A 17 7.98 -0.39 2.27
N ASP A 18 6.77 -0.68 2.76
CA ASP A 18 6.61 -1.33 4.06
C ASP A 18 7.12 -2.77 4.02
N VAL A 19 6.56 -3.56 3.11
CA VAL A 19 6.94 -4.95 2.96
C VAL A 19 8.46 -5.10 2.84
N GLU A 20 9.10 -4.07 2.28
CA GLU A 20 10.55 -4.08 2.11
C GLU A 20 11.25 -3.60 3.37
N THR A 21 10.95 -2.38 3.78
CA THR A 21 11.56 -1.81 4.98
C THR A 21 11.28 -2.67 6.21
N ARG A 22 10.01 -2.77 6.56
CA ARG A 22 9.61 -3.57 7.72
C ARG A 22 10.01 -5.03 7.54
N SER A 23 10.75 -5.56 8.51
CA SER A 23 11.20 -6.94 8.46
C SER A 23 10.85 -7.68 9.74
N TYR A 24 10.97 -6.98 10.87
CA TYR A 24 10.67 -7.57 12.17
C TYR A 24 9.19 -7.37 12.53
N GLU A 25 8.66 -6.22 12.14
CA GLU A 25 7.26 -5.92 12.43
C GLU A 25 6.49 -5.62 11.14
N PHE A 26 6.80 -6.39 10.08
CA PHE A 26 6.15 -6.21 8.80
C PHE A 26 4.74 -6.78 8.82
N ILE A 27 3.78 -6.02 8.28
CA ILE A 27 2.40 -6.45 8.23
C ILE A 27 1.91 -6.60 6.80
N GLU A 28 1.51 -7.81 6.43
CA GLU A 28 1.03 -8.08 5.09
C GLU A 28 -0.09 -9.12 5.11
N VAL A 29 -1.33 -8.65 5.04
CA VAL A 29 -2.48 -9.55 5.05
C VAL A 29 -3.65 -8.94 4.27
N GLU A 30 -4.48 -9.82 3.69
CA GLU A 30 -5.63 -9.38 2.91
C GLU A 30 -6.93 -9.64 3.66
N ILE A 31 -7.87 -8.72 3.57
CA ILE A 31 -9.15 -8.86 4.24
C ILE A 31 -10.18 -9.53 3.32
N LYS A 32 -10.24 -10.85 3.39
CA LYS A 32 -11.16 -11.62 2.57
C LYS A 32 -11.06 -11.22 1.10
N GLY A 33 -9.83 -11.15 0.60
CA GLY A 33 -9.62 -10.79 -0.78
C GLY A 33 -10.31 -9.50 -1.16
N ARG A 34 -10.45 -8.60 -0.18
CA ARG A 34 -11.11 -7.32 -0.42
C ARG A 34 -10.27 -6.17 0.14
N GLY A 35 -9.80 -6.33 1.38
CA GLY A 35 -9.00 -5.30 2.01
C GLY A 35 -7.52 -5.63 1.99
N LYS A 36 -6.68 -4.65 2.29
CA LYS A 36 -5.24 -4.84 2.31
C LYS A 36 -4.62 -4.21 3.56
N ALA A 37 -3.55 -4.81 4.04
CA ALA A 37 -2.87 -4.32 5.23
C ALA A 37 -1.36 -4.26 5.02
N LYS A 38 -0.82 -3.06 4.90
CA LYS A 38 0.61 -2.87 4.70
C LYS A 38 1.17 -1.83 5.67
N LEU A 39 1.84 -2.32 6.72
CA LEU A 39 2.42 -1.44 7.72
C LEU A 39 3.95 -1.56 7.73
N GLY A 40 4.63 -0.41 7.63
CA GLY A 40 6.08 -0.40 7.62
C GLY A 40 6.65 0.89 8.16
N LYS A 41 7.98 0.97 8.18
CA LYS A 41 8.65 2.17 8.69
C LYS A 41 8.65 3.28 7.63
N ARG A 42 8.72 2.88 6.37
CA ARG A 42 8.72 3.84 5.28
C ARG A 42 7.43 3.75 4.46
N GLU A 43 6.35 3.38 5.13
CA GLU A 43 5.05 3.25 4.47
C GLU A 43 3.92 3.16 5.49
N PHE A 44 2.71 3.47 5.07
CA PHE A 44 1.54 3.42 5.95
C PHE A 44 0.26 3.36 5.14
N ALA A 45 -0.18 2.14 4.82
CA ALA A 45 -1.41 1.94 4.05
C ALA A 45 -2.08 0.62 4.43
N TRP A 46 -3.24 0.71 5.05
CA TRP A 46 -3.98 -0.47 5.46
C TRP A 46 -5.45 -0.15 5.71
N ILE A 47 -6.29 -0.44 4.72
CA ILE A 47 -7.72 -0.17 4.84
C ILE A 47 -8.53 -1.24 4.10
N PRO A 48 -9.80 -1.40 4.52
CA PRO A 48 -10.71 -2.37 3.90
C PRO A 48 -11.13 -1.98 2.49
N GLU A 49 -10.17 -2.03 1.57
CA GLU A 49 -10.43 -1.68 0.18
C GLU A 49 -9.43 -2.34 -0.75
N SER A 50 -9.57 -2.09 -2.05
CA SER A 50 -8.67 -2.66 -3.05
C SER A 50 -7.53 -1.70 -3.37
N GLY A 51 -7.84 -0.41 -3.37
CA GLY A 51 -6.84 0.60 -3.65
C GLY A 51 -5.89 0.83 -2.50
N LYS A 52 -6.32 0.45 -1.30
CA LYS A 52 -5.51 0.63 -0.11
C LYS A 52 -4.74 1.94 -0.15
N TYR A 53 -5.42 3.00 -0.60
CA TYR A 53 -4.81 4.32 -0.70
C TYR A 53 -5.58 5.34 0.14
N TRP A 54 -6.24 4.85 1.18
CA TRP A 54 -7.01 5.72 2.06
C TRP A 54 -7.94 6.63 1.26
N ALA A 55 -8.46 6.11 0.15
CA ALA A 55 -9.36 6.87 -0.71
C ALA A 55 -10.54 6.02 -1.17
N ASP A 56 -10.26 4.76 -1.49
CA ASP A 56 -11.30 3.84 -1.94
C ASP A 56 -12.47 3.82 -0.96
N GLU A 57 -12.16 3.96 0.32
CA GLU A 57 -13.18 3.95 1.37
C GLU A 57 -13.91 5.29 1.42
N GLY A 1 5.73 -6.56 -13.33
CA GLY A 1 4.58 -5.86 -13.88
C GLY A 1 4.67 -4.36 -13.67
N SER A 2 4.66 -3.94 -12.42
CA SER A 2 4.73 -2.52 -12.08
C SER A 2 6.16 -1.99 -12.23
N MET A 3 6.28 -0.73 -12.62
CA MET A 3 7.59 -0.12 -12.80
C MET A 3 7.78 1.04 -11.82
N THR A 4 9.02 1.49 -11.67
CA THR A 4 9.35 2.58 -10.77
C THR A 4 8.66 3.87 -11.19
N LEU A 5 8.34 4.73 -10.22
CA LEU A 5 7.68 5.99 -10.51
C LEU A 5 8.69 7.13 -10.58
N PRO A 6 8.29 8.24 -11.21
CA PRO A 6 9.14 9.42 -11.37
C PRO A 6 9.39 10.14 -10.05
N PRO A 7 10.36 11.07 -10.05
CA PRO A 7 10.70 11.85 -8.86
C PRO A 7 9.61 12.84 -8.47
N GLU A 8 8.99 13.45 -9.48
CA GLU A 8 7.93 14.43 -9.25
C GLU A 8 6.85 13.85 -8.35
N LEU A 9 6.58 12.56 -8.51
CA LEU A 9 5.57 11.89 -7.71
C LEU A 9 6.20 11.15 -6.53
N SER A 10 5.65 11.37 -5.34
CA SER A 10 6.16 10.72 -4.14
C SER A 10 5.19 9.68 -3.62
N ILE A 11 4.10 10.13 -3.03
CA ILE A 11 3.08 9.23 -2.49
C ILE A 11 1.99 8.96 -3.52
N ILE A 12 1.60 7.69 -3.64
CA ILE A 12 0.57 7.30 -4.59
C ILE A 12 -0.29 6.16 -4.02
N GLU A 13 -1.58 6.18 -4.37
CA GLU A 13 -2.49 5.14 -3.90
C GLU A 13 -2.13 3.78 -4.47
N ILE A 14 -1.41 2.98 -3.69
CA ILE A 14 -0.99 1.66 -4.12
C ILE A 14 -0.24 0.93 -3.02
N PRO A 15 -0.69 -0.29 -2.69
CA PRO A 15 -0.07 -1.11 -1.65
C PRO A 15 1.31 -1.63 -2.07
N PHE A 16 1.50 -1.81 -3.37
CA PHE A 16 2.77 -2.30 -3.89
C PHE A 16 3.92 -1.43 -3.39
N ASP A 17 3.65 -0.16 -3.16
CA ASP A 17 4.67 0.78 -2.68
C ASP A 17 5.09 0.43 -1.26
N ASP A 18 4.16 -0.11 -0.47
CA ASP A 18 4.44 -0.48 0.90
C ASP A 18 5.36 -1.70 0.96
N VAL A 19 4.93 -2.79 0.33
CA VAL A 19 5.71 -4.03 0.31
C VAL A 19 7.08 -3.79 -0.33
N GLU A 20 7.17 -2.77 -1.18
CA GLU A 20 8.42 -2.45 -1.85
C GLU A 20 9.29 -1.56 -0.96
N THR A 21 8.71 -0.48 -0.45
CA THR A 21 9.44 0.46 0.40
C THR A 21 9.69 -0.16 1.78
N ARG A 22 9.09 -1.32 2.02
CA ARG A 22 9.26 -2.00 3.31
C ARG A 22 10.73 -2.24 3.61
N SER A 23 11.13 -1.99 4.85
CA SER A 23 12.52 -2.17 5.26
C SER A 23 12.60 -2.98 6.55
N TYR A 24 11.98 -2.46 7.61
CA TYR A 24 11.98 -3.13 8.90
C TYR A 24 10.57 -3.59 9.28
N GLU A 25 9.66 -2.62 9.38
CA GLU A 25 8.28 -2.92 9.74
C GLU A 25 7.44 -3.17 8.50
N PHE A 26 7.53 -4.37 7.95
CA PHE A 26 6.77 -4.73 6.75
C PHE A 26 5.49 -5.46 7.12
N ILE A 27 4.43 -5.21 6.36
CA ILE A 27 3.14 -5.85 6.60
C ILE A 27 2.47 -6.25 5.29
N GLU A 28 1.82 -7.41 5.30
CA GLU A 28 1.13 -7.90 4.11
C GLU A 28 0.09 -8.96 4.49
N VAL A 29 -1.17 -8.54 4.56
CA VAL A 29 -2.26 -9.44 4.90
C VAL A 29 -3.57 -9.00 4.25
N GLU A 30 -4.43 -9.97 3.95
CA GLU A 30 -5.71 -9.69 3.33
C GLU A 30 -6.85 -9.81 4.33
N ILE A 31 -7.80 -8.89 4.27
CA ILE A 31 -8.94 -8.91 5.18
C ILE A 31 -10.11 -9.70 4.58
N LYS A 32 -10.13 -11.00 4.87
CA LYS A 32 -11.19 -11.87 4.36
C LYS A 32 -11.35 -11.71 2.85
N GLY A 33 -10.23 -11.67 2.14
CA GLY A 33 -10.27 -11.52 0.70
C GLY A 33 -11.12 -10.35 0.26
N ARG A 34 -11.16 -9.31 1.10
CA ARG A 34 -11.95 -8.12 0.79
C ARG A 34 -11.09 -6.86 0.91
N GLY A 35 -10.43 -6.71 2.06
CA GLY A 35 -9.59 -5.55 2.28
C GLY A 35 -8.13 -5.83 1.99
N LYS A 36 -7.27 -4.87 2.30
CA LYS A 36 -5.83 -5.02 2.07
C LYS A 36 -5.03 -4.34 3.17
N ALA A 37 -3.93 -4.97 3.56
CA ALA A 37 -3.06 -4.42 4.60
C ALA A 37 -1.59 -4.46 4.18
N LYS A 38 -1.05 -3.30 3.84
CA LYS A 38 0.34 -3.20 3.42
C LYS A 38 1.01 -1.98 4.03
N LEU A 39 2.03 -2.21 4.86
CA LEU A 39 2.75 -1.12 5.50
C LEU A 39 4.20 -1.08 5.02
N GLY A 40 4.63 0.10 4.58
CA GLY A 40 6.00 0.26 4.11
C GLY A 40 6.76 1.30 4.89
N LYS A 41 8.09 1.25 4.81
CA LYS A 41 8.95 2.19 5.52
C LYS A 41 8.53 3.62 5.23
N ARG A 42 8.12 3.89 3.99
CA ARG A 42 7.69 5.21 3.59
C ARG A 42 6.36 5.15 2.84
N GLU A 43 5.54 4.18 3.20
CA GLU A 43 4.24 4.00 2.56
C GLU A 43 3.15 3.77 3.60
N PHE A 44 1.90 3.96 3.20
CA PHE A 44 0.76 3.76 4.10
C PHE A 44 -0.48 3.32 3.33
N ALA A 45 -0.74 2.02 3.33
CA ALA A 45 -1.90 1.48 2.63
C ALA A 45 -2.39 0.20 3.30
N TRP A 46 -3.28 0.35 4.27
CA TRP A 46 -3.84 -0.80 4.99
C TRP A 46 -5.18 -0.46 5.61
N ILE A 47 -6.25 -0.92 5.00
CA ILE A 47 -7.60 -0.66 5.49
C ILE A 47 -8.60 -1.67 4.92
N PRO A 48 -9.44 -2.23 5.81
CA PRO A 48 -10.46 -3.20 5.42
C PRO A 48 -11.58 -2.59 4.59
N GLU A 49 -11.39 -2.54 3.27
CA GLU A 49 -12.38 -1.97 2.37
C GLU A 49 -12.08 -2.35 0.92
N SER A 50 -12.93 -1.88 0.01
CA SER A 50 -12.75 -2.16 -1.41
C SER A 50 -11.55 -1.42 -1.97
N GLY A 51 -11.49 -0.12 -1.71
CA GLY A 51 -10.38 0.69 -2.20
C GLY A 51 -9.06 0.33 -1.54
N LYS A 52 -9.11 0.05 -0.24
CA LYS A 52 -7.91 -0.31 0.49
C LYS A 52 -7.02 0.91 0.74
N TYR A 53 -7.46 2.06 0.23
CA TYR A 53 -6.71 3.30 0.39
C TYR A 53 -7.55 4.36 1.11
N TRP A 54 -8.44 3.90 1.99
CA TRP A 54 -9.30 4.80 2.74
C TRP A 54 -10.14 5.66 1.80
N ALA A 55 -10.56 5.09 0.69
CA ALA A 55 -11.37 5.80 -0.29
C ALA A 55 -12.80 5.26 -0.31
N ASP A 56 -12.94 3.95 -0.11
CA ASP A 56 -14.25 3.32 -0.10
C ASP A 56 -15.14 3.93 0.97
N GLU A 57 -14.59 4.11 2.17
CA GLU A 57 -15.34 4.68 3.27
C GLU A 57 -16.64 3.91 3.52
N GLY A 1 10.87 -7.58 -12.90
CA GLY A 1 10.91 -6.28 -13.55
C GLY A 1 9.88 -5.32 -12.99
N SER A 2 10.01 -4.05 -13.32
CA SER A 2 9.09 -3.03 -12.83
C SER A 2 9.19 -1.75 -13.67
N MET A 3 8.27 -0.83 -13.45
CA MET A 3 8.27 0.44 -14.17
C MET A 3 8.40 1.62 -13.21
N THR A 4 9.44 2.42 -13.41
CA THR A 4 9.68 3.59 -12.57
C THR A 4 9.18 4.87 -13.23
N LEU A 5 8.66 5.79 -12.43
CA LEU A 5 8.15 7.05 -12.94
C LEU A 5 8.29 8.16 -11.89
N PRO A 6 8.27 9.42 -12.36
CA PRO A 6 8.40 10.59 -11.48
C PRO A 6 7.17 10.78 -10.60
N PRO A 7 7.34 10.59 -9.28
CA PRO A 7 6.27 10.75 -8.31
C PRO A 7 5.84 12.20 -8.13
N GLU A 8 4.90 12.64 -8.97
CA GLU A 8 4.42 14.01 -8.91
C GLU A 8 3.70 14.28 -7.58
N LEU A 9 2.94 13.30 -7.12
CA LEU A 9 2.20 13.42 -5.87
C LEU A 9 3.10 13.09 -4.68
N SER A 10 2.59 13.34 -3.48
CA SER A 10 3.35 13.06 -2.25
C SER A 10 3.50 11.56 -2.05
N ILE A 11 2.39 10.86 -1.91
CA ILE A 11 2.41 9.42 -1.72
C ILE A 11 1.60 8.70 -2.79
N ILE A 12 2.15 7.60 -3.29
CA ILE A 12 1.49 6.82 -4.33
C ILE A 12 0.68 5.68 -3.72
N GLU A 13 -0.63 5.70 -3.95
CA GLU A 13 -1.51 4.66 -3.43
C GLU A 13 -1.18 3.30 -4.04
N ILE A 14 -0.44 2.49 -3.31
CA ILE A 14 -0.05 1.17 -3.78
C ILE A 14 0.61 0.36 -2.68
N PRO A 15 0.11 -0.87 -2.46
CA PRO A 15 0.66 -1.77 -1.43
C PRO A 15 2.04 -2.29 -1.79
N PHE A 16 2.28 -2.47 -3.09
CA PHE A 16 3.57 -2.95 -3.56
C PHE A 16 4.70 -2.05 -3.11
N ASP A 17 4.42 -0.75 -3.03
CA ASP A 17 5.41 0.23 -2.61
C ASP A 17 5.80 0.02 -1.15
N ASP A 18 4.83 -0.38 -0.33
CA ASP A 18 5.06 -0.61 1.09
C ASP A 18 6.01 -1.79 1.29
N VAL A 19 5.58 -2.97 0.86
CA VAL A 19 6.39 -4.18 1.00
C VAL A 19 7.76 -3.99 0.37
N GLU A 20 7.85 -3.09 -0.60
CA GLU A 20 9.10 -2.81 -1.28
C GLU A 20 10.03 -1.96 -0.41
N THR A 21 9.66 -0.70 -0.23
CA THR A 21 10.45 0.22 0.59
C THR A 21 10.75 -0.39 1.95
N ARG A 22 9.76 -1.05 2.54
CA ARG A 22 9.92 -1.68 3.85
C ARG A 22 11.03 -2.73 3.82
N SER A 23 12.22 -2.35 4.25
CA SER A 23 13.36 -3.25 4.27
C SER A 23 13.09 -4.45 5.18
N TYR A 24 12.37 -4.21 6.26
CA TYR A 24 12.05 -5.26 7.22
C TYR A 24 10.73 -5.93 6.85
N GLU A 25 10.31 -6.88 7.68
CA GLU A 25 9.07 -7.61 7.44
C GLU A 25 7.88 -6.65 7.40
N PHE A 26 7.48 -6.27 6.20
CA PHE A 26 6.36 -5.36 6.02
C PHE A 26 5.11 -5.88 6.72
N ILE A 27 4.07 -5.06 6.76
CA ILE A 27 2.82 -5.45 7.40
C ILE A 27 1.77 -5.85 6.38
N GLU A 28 1.75 -7.14 6.03
CA GLU A 28 0.79 -7.65 5.06
C GLU A 28 -0.27 -8.51 5.74
N VAL A 29 -1.52 -8.05 5.68
CA VAL A 29 -2.62 -8.78 6.29
C VAL A 29 -3.92 -8.54 5.52
N GLU A 30 -4.74 -9.58 5.41
CA GLU A 30 -6.01 -9.48 4.70
C GLU A 30 -7.13 -9.07 5.65
N ILE A 31 -7.94 -8.11 5.24
CA ILE A 31 -9.04 -7.63 6.05
C ILE A 31 -10.34 -8.36 5.71
N LYS A 32 -10.58 -9.46 6.41
CA LYS A 32 -11.77 -10.26 6.19
C LYS A 32 -11.94 -10.60 4.72
N GLY A 33 -10.82 -10.83 4.03
CA GLY A 33 -10.85 -11.17 2.63
C GLY A 33 -11.62 -10.15 1.81
N ARG A 34 -11.60 -8.90 2.26
CA ARG A 34 -12.31 -7.83 1.56
C ARG A 34 -11.36 -6.69 1.22
N GLY A 35 -10.56 -6.28 2.20
CA GLY A 35 -9.62 -5.20 1.98
C GLY A 35 -8.18 -5.66 2.00
N LYS A 36 -7.24 -4.71 2.02
CA LYS A 36 -5.83 -5.03 2.04
C LYS A 36 -5.07 -4.10 2.98
N ALA A 37 -4.08 -4.66 3.69
CA ALA A 37 -3.29 -3.87 4.62
C ALA A 37 -1.80 -4.02 4.32
N LYS A 38 -1.19 -2.96 3.83
CA LYS A 38 0.24 -2.96 3.51
C LYS A 38 0.92 -1.68 3.98
N LEU A 39 1.66 -1.79 5.07
CA LEU A 39 2.36 -0.64 5.63
C LEU A 39 3.85 -0.72 5.35
N GLY A 40 4.43 0.38 4.87
CA GLY A 40 5.84 0.41 4.57
C GLY A 40 6.58 1.52 5.31
N LYS A 41 7.88 1.35 5.48
CA LYS A 41 8.70 2.34 6.17
C LYS A 41 8.49 3.73 5.57
N ARG A 42 8.30 3.79 4.26
CA ARG A 42 8.09 5.05 3.57
C ARG A 42 6.86 4.97 2.66
N GLU A 43 5.89 4.16 3.06
CA GLU A 43 4.66 4.01 2.28
C GLU A 43 3.44 3.94 3.19
N PHE A 44 2.27 4.09 2.60
CA PHE A 44 1.02 4.05 3.36
C PHE A 44 -0.13 3.54 2.49
N ALA A 45 -0.46 2.25 2.65
CA ALA A 45 -1.53 1.64 1.89
C ALA A 45 -2.17 0.49 2.65
N TRP A 46 -3.18 0.80 3.45
CA TRP A 46 -3.87 -0.21 4.24
C TRP A 46 -5.27 0.27 4.64
N ILE A 47 -6.28 -0.19 3.91
CA ILE A 47 -7.65 0.19 4.19
C ILE A 47 -8.61 -0.97 3.94
N PRO A 48 -9.51 -1.22 4.89
CA PRO A 48 -10.50 -2.29 4.79
C PRO A 48 -11.56 -2.02 3.72
N GLU A 49 -11.21 -2.29 2.47
CA GLU A 49 -12.12 -2.07 1.35
C GLU A 49 -11.48 -2.48 0.04
N SER A 50 -12.29 -2.52 -1.02
CA SER A 50 -11.80 -2.91 -2.34
C SER A 50 -10.76 -1.90 -2.84
N GLY A 51 -11.11 -0.62 -2.78
CA GLY A 51 -10.20 0.41 -3.23
C GLY A 51 -8.88 0.40 -2.47
N LYS A 52 -8.97 0.39 -1.15
CA LYS A 52 -7.78 0.38 -0.30
C LYS A 52 -6.98 1.66 -0.48
N TYR A 53 -7.60 2.66 -1.08
CA TYR A 53 -6.94 3.95 -1.31
C TYR A 53 -7.73 5.08 -0.68
N TRP A 54 -8.36 4.80 0.46
CA TRP A 54 -9.15 5.81 1.16
C TRP A 54 -10.23 6.39 0.26
N ALA A 55 -10.71 5.58 -0.68
CA ALA A 55 -11.75 6.02 -1.60
C ALA A 55 -13.11 5.44 -1.22
N ASP A 56 -13.10 4.19 -0.76
CA ASP A 56 -14.33 3.51 -0.36
C ASP A 56 -14.79 3.99 1.01
N GLU A 57 -13.83 4.27 1.89
CA GLU A 57 -14.14 4.73 3.23
C GLU A 57 -14.80 6.10 3.20
N GLY A 1 -4.91 7.13 -20.42
CA GLY A 1 -4.09 5.93 -20.30
C GLY A 1 -2.77 6.20 -19.60
N SER A 2 -1.69 6.20 -20.37
CA SER A 2 -0.36 6.44 -19.82
C SER A 2 -0.17 7.92 -19.49
N MET A 3 0.53 8.19 -18.39
CA MET A 3 0.79 9.56 -17.96
C MET A 3 2.04 9.64 -17.11
N THR A 4 2.86 10.66 -17.35
CA THR A 4 4.10 10.85 -16.61
C THR A 4 3.83 11.45 -15.23
N LEU A 5 4.51 10.94 -14.22
CA LEU A 5 4.34 11.44 -12.86
C LEU A 5 5.34 12.54 -12.55
N PRO A 6 5.03 13.36 -11.53
CA PRO A 6 5.90 14.47 -11.12
C PRO A 6 7.19 13.99 -10.46
N PRO A 7 8.14 14.91 -10.29
CA PRO A 7 9.44 14.60 -9.67
C PRO A 7 9.31 14.30 -8.18
N GLU A 8 8.54 15.12 -7.48
CA GLU A 8 8.33 14.93 -6.04
C GLU A 8 7.75 13.55 -5.75
N LEU A 9 6.73 13.18 -6.49
CA LEU A 9 6.07 11.89 -6.32
C LEU A 9 6.71 10.83 -7.21
N SER A 10 7.59 10.00 -6.64
CA SER A 10 8.26 8.96 -7.38
C SER A 10 7.96 7.59 -6.78
N ILE A 11 6.71 7.39 -6.38
CA ILE A 11 6.28 6.13 -5.79
C ILE A 11 4.82 5.83 -6.10
N ILE A 12 4.33 4.69 -5.64
CA ILE A 12 2.96 4.29 -5.87
C ILE A 12 2.41 3.51 -4.68
N GLU A 13 1.08 3.45 -4.57
CA GLU A 13 0.43 2.73 -3.49
C GLU A 13 0.60 1.22 -3.67
N ILE A 14 1.03 0.55 -2.61
CA ILE A 14 1.25 -0.89 -2.65
C ILE A 14 1.71 -1.42 -1.29
N PRO A 15 1.02 -2.45 -0.79
CA PRO A 15 1.34 -3.07 0.49
C PRO A 15 2.65 -3.84 0.45
N PHE A 16 2.96 -4.42 -0.70
CA PHE A 16 4.18 -5.19 -0.87
C PHE A 16 5.39 -4.40 -0.39
N ASP A 17 5.36 -3.08 -0.60
CA ASP A 17 6.44 -2.21 -0.19
C ASP A 17 6.31 -1.82 1.28
N ASP A 18 5.07 -1.67 1.74
CA ASP A 18 4.80 -1.29 3.12
C ASP A 18 5.57 -2.20 4.07
N VAL A 19 5.59 -3.49 3.78
CA VAL A 19 6.29 -4.46 4.62
C VAL A 19 7.74 -4.63 4.17
N GLU A 20 7.97 -4.53 2.86
CA GLU A 20 9.31 -4.68 2.31
C GLU A 20 10.21 -3.53 2.77
N THR A 21 9.93 -2.33 2.28
CA THR A 21 10.71 -1.16 2.64
C THR A 21 10.87 -1.04 4.14
N ARG A 22 9.75 -1.03 4.85
CA ARG A 22 9.76 -0.92 6.31
C ARG A 22 10.53 -2.07 6.93
N SER A 23 11.03 -1.86 8.15
CA SER A 23 11.80 -2.88 8.85
C SER A 23 10.95 -4.14 9.05
N TYR A 24 11.54 -5.14 9.70
CA TYR A 24 10.86 -6.40 9.96
C TYR A 24 9.58 -6.17 10.76
N GLU A 25 9.61 -5.16 11.62
CA GLU A 25 8.45 -4.83 12.45
C GLU A 25 7.45 -3.99 11.67
N PHE A 26 7.00 -4.52 10.54
CA PHE A 26 6.03 -3.82 9.71
C PHE A 26 4.60 -4.18 10.09
N ILE A 27 3.63 -3.54 9.46
CA ILE A 27 2.23 -3.80 9.73
C ILE A 27 1.57 -4.56 8.59
N GLU A 28 0.86 -5.64 8.92
CA GLU A 28 0.18 -6.45 7.92
C GLU A 28 -1.00 -7.18 8.54
N VAL A 29 -2.21 -6.79 8.12
CA VAL A 29 -3.43 -7.40 8.61
C VAL A 29 -4.53 -7.36 7.57
N GLU A 30 -5.37 -8.40 7.55
CA GLU A 30 -6.46 -8.49 6.59
C GLU A 30 -7.74 -7.93 7.20
N ILE A 31 -8.61 -7.38 6.34
CA ILE A 31 -9.88 -6.81 6.79
C ILE A 31 -11.04 -7.70 6.38
N LYS A 32 -11.41 -8.63 7.25
CA LYS A 32 -12.51 -9.54 6.99
C LYS A 32 -12.35 -10.20 5.62
N GLY A 33 -11.13 -10.59 5.28
CA GLY A 33 -10.87 -11.22 4.00
C GLY A 33 -11.42 -10.42 2.84
N ARG A 34 -11.47 -9.11 2.99
CA ARG A 34 -11.98 -8.23 1.95
C ARG A 34 -10.94 -7.18 1.57
N GLY A 35 -10.45 -6.46 2.57
CA GLY A 35 -9.46 -5.43 2.33
C GLY A 35 -8.08 -5.83 2.77
N LYS A 36 -7.19 -4.86 2.91
CA LYS A 36 -5.81 -5.12 3.33
C LYS A 36 -5.23 -3.91 4.07
N ALA A 37 -4.40 -4.18 5.06
CA ALA A 37 -3.76 -3.13 5.84
C ALA A 37 -2.25 -3.31 5.90
N LYS A 38 -1.52 -2.41 5.24
CA LYS A 38 -0.07 -2.47 5.21
C LYS A 38 0.53 -1.08 5.43
N LEU A 39 1.29 -0.94 6.50
CA LEU A 39 1.93 0.33 6.82
C LEU A 39 3.45 0.20 6.80
N GLY A 40 4.09 1.04 5.98
CA GLY A 40 5.54 1.00 5.88
C GLY A 40 6.16 2.38 5.95
N LYS A 41 7.48 2.43 5.85
CA LYS A 41 8.21 3.70 5.89
C LYS A 41 8.25 4.36 4.51
N ARG A 42 8.27 3.53 3.47
CA ARG A 42 8.30 4.03 2.10
C ARG A 42 6.91 4.02 1.48
N GLU A 43 6.08 3.10 1.94
CA GLU A 43 4.71 2.99 1.43
C GLU A 43 3.69 3.23 2.53
N PHE A 44 2.43 3.38 2.14
CA PHE A 44 1.36 3.63 3.10
C PHE A 44 0.00 3.32 2.48
N ALA A 45 -0.44 2.06 2.61
CA ALA A 45 -1.71 1.64 2.07
C ALA A 45 -2.43 0.68 3.02
N TRP A 46 -3.60 1.10 3.48
CA TRP A 46 -4.39 0.28 4.40
C TRP A 46 -5.85 0.74 4.44
N ILE A 47 -6.70 0.05 3.69
CA ILE A 47 -8.11 0.39 3.64
C ILE A 47 -8.95 -0.84 3.30
N PRO A 48 -10.12 -0.94 3.96
CA PRO A 48 -11.04 -2.07 3.74
C PRO A 48 -11.71 -2.01 2.37
N GLU A 49 -11.07 -2.65 1.39
CA GLU A 49 -11.61 -2.68 0.03
C GLU A 49 -10.70 -3.47 -0.90
N SER A 50 -11.29 -4.33 -1.72
CA SER A 50 -10.53 -5.16 -2.65
C SER A 50 -10.54 -4.54 -4.05
N GLY A 51 -11.00 -3.30 -4.13
CA GLY A 51 -11.05 -2.62 -5.42
C GLY A 51 -9.79 -1.82 -5.70
N LYS A 52 -8.70 -2.21 -5.06
CA LYS A 52 -7.43 -1.53 -5.24
C LYS A 52 -7.46 -0.13 -4.63
N TYR A 53 -7.93 -0.04 -3.40
CA TYR A 53 -8.01 1.24 -2.69
C TYR A 53 -7.23 1.19 -1.38
N TRP A 54 -5.92 1.37 -1.48
CA TRP A 54 -5.06 1.36 -0.30
C TRP A 54 -5.07 -0.01 0.37
N ALA A 55 -5.16 -1.06 -0.44
CA ALA A 55 -5.19 -2.42 0.07
C ALA A 55 -4.86 -3.43 -1.04
N ASP A 56 -5.63 -3.39 -2.11
CA ASP A 56 -5.43 -4.30 -3.23
C ASP A 56 -4.40 -3.74 -4.20
N GLU A 57 -4.31 -2.41 -4.26
CA GLU A 57 -3.35 -1.75 -5.16
C GLU A 57 -3.60 -2.15 -6.61
#